data_7B8T
#
_entry.id   7B8T
#
_cell.length_a   108.652
_cell.length_b   145.488
_cell.length_c   175.156
_cell.angle_alpha   90.000
_cell.angle_beta   90.000
_cell.angle_gamma   90.000
#
_symmetry.space_group_name_H-M   'P 21 21 21'
#
loop_
_entity.id
_entity.type
_entity.pdbx_description
1 polymer 'Multidrug efflux pump subunit AcrB,Multidrug efflux pump subunit AcrB'
2 polymer DARPin
3 non-polymer '(3S)-9-fluoro-3-methyl-10-(4-methylpiperazin-1-yl)-7-oxo-2,3-dihydro-7H-[1,4]oxazino[2,3,4-ij]quinoline-6-carboxylic acid'
4 water water
#
loop_
_entity_poly.entity_id
_entity_poly.type
_entity_poly.pdbx_seq_one_letter_code
_entity_poly.pdbx_strand_id
1 'polypeptide(L)'
;SAPPAVTISASYPGADAKTVQDTVTQVIEQNMNGIDNLMYMSSNSDSTGTVQITLTFESGTDADIAQVQVQNKLQLAMPL
LPQEVQQQGVSVEKSSSSFLMVVGVINTDGTMTQEDISDYVAANMKDAISRTSGVGDVQLFGSQYAMRIWMNPNELNKFQ
LTPVDVITAIKAQNAQVAAGQLGGTPPVKGQQLNASIIAQTRLTSTEEFGKILLKVNQDGSRVLLRDVAKIELGGENYDI
IAEFNGQPASGLGIKLATGANALDTAAAIRAELAKMEPFFPSGLKIVYPYDTGGSGGSGGSSSFLPDEDQGVFMTMVQLP
AGATQERTQKVLNEVTHYYLTKEKNNVESVFAVNGFGFAGRGQNTGIAFVSLKDWADRPGEENKVEAITMRATRAFSQIK
DAMVFAFNLPAIVELGTATGFDFELIDQAGLGHEKLTQARNQLLAEAAKHPDMLTSVRPNGLEDTPQFKIDIDQEKAQAL
GVSINDINTTLGAAWGGSYVNDFIDRGRVKKVYVMSEAKYRMLPDDIGDWYVRAADGQMVPFSAFSSSRWEYGSPRLERY
NGLPSMEILGQAAPGKSTGEAMELMEQLASKLPTGVGYDWTGMSYQERLSSAL
;
A,B,C
2 'polypeptide(L)'
;MRGSHHHHHHGSDLGKKLLEAARAGRDDEVRILMANGADVNAADVVGWTPLHLAAYWGHLEIVEVLLKNGADVNAYDTLG
STPLHLAAHFGHLEIVEVLLKNGADVNAKDDNGITPLHLAANRGHLEIVEVLLKYGADVNAQDKFGKTAFDISINNGNED
LAEILQKLN
;
D,E,F
#
loop_
_chem_comp.id
_chem_comp.type
_chem_comp.name
_chem_comp.formula
LFX non-polymer '(3S)-9-fluoro-3-methyl-10-(4-methylpiperazin-1-yl)-7-oxo-2,3-dihydro-7H-[1,4]oxazino[2,3,4-ij]quinoline-6-carboxylic acid' 'C18 H20 F N3 O4'
#
# COMPACT_ATOMS: atom_id res chain seq x y z
N ALA A 2 19.23 27.67 -15.16
CA ALA A 2 18.41 26.47 -15.13
C ALA A 2 17.93 26.17 -13.71
N PRO A 3 16.64 26.38 -13.47
CA PRO A 3 16.07 26.09 -12.15
C PRO A 3 15.84 24.60 -11.98
N PRO A 4 16.22 24.03 -10.84
CA PRO A 4 16.02 22.59 -10.64
C PRO A 4 14.54 22.25 -10.51
N ALA A 5 14.15 21.14 -11.14
CA ALA A 5 12.75 20.72 -11.20
C ALA A 5 12.63 19.25 -10.85
N VAL A 6 11.57 18.92 -10.10
CA VAL A 6 11.24 17.55 -9.73
C VAL A 6 9.90 17.21 -10.36
N THR A 7 9.82 16.04 -11.00
CA THR A 7 8.65 15.64 -11.75
C THR A 7 8.06 14.36 -11.17
N ILE A 8 6.75 14.37 -10.93
CA ILE A 8 6.00 13.17 -10.55
C ILE A 8 5.21 12.71 -11.76
N SER A 9 5.28 11.41 -12.05
CA SER A 9 4.62 10.85 -13.23
C SER A 9 3.90 9.57 -12.84
N ALA A 10 2.58 9.56 -12.99
CA ALA A 10 1.77 8.38 -12.79
C ALA A 10 1.05 8.03 -14.09
N SER A 11 0.39 6.88 -14.07
CA SER A 11 -0.32 6.39 -15.25
C SER A 11 -1.59 5.67 -14.81
N TYR A 12 -2.66 5.85 -15.58
CA TYR A 12 -3.95 5.25 -15.30
C TYR A 12 -4.53 4.76 -16.62
N PRO A 13 -4.32 3.49 -16.95
CA PRO A 13 -4.73 2.98 -18.27
C PRO A 13 -6.23 3.14 -18.51
N GLY A 14 -6.57 3.55 -19.73
CA GLY A 14 -7.96 3.73 -20.13
C GLY A 14 -8.68 4.89 -19.50
N ALA A 15 -7.97 5.75 -18.78
CA ALA A 15 -8.59 6.87 -18.06
C ALA A 15 -8.52 8.14 -18.89
N ASP A 16 -9.56 8.97 -18.75
CA ASP A 16 -9.64 10.25 -19.43
C ASP A 16 -8.92 11.32 -18.62
N ALA A 17 -8.86 12.53 -19.19
CA ALA A 17 -8.14 13.63 -18.55
C ALA A 17 -8.71 13.96 -17.18
N LYS A 18 -10.03 14.13 -17.10
CA LYS A 18 -10.64 14.55 -15.84
C LYS A 18 -10.63 13.41 -14.82
N THR A 19 -10.84 12.17 -15.27
CA THR A 19 -10.71 11.03 -14.35
C THR A 19 -9.31 10.99 -13.74
N VAL A 20 -8.28 11.21 -14.56
CA VAL A 20 -6.91 11.26 -14.05
C VAL A 20 -6.75 12.46 -13.12
N GLN A 21 -7.37 13.59 -13.45
CA GLN A 21 -7.17 14.79 -12.65
C GLN A 21 -7.75 14.64 -11.26
N ASP A 22 -8.95 14.06 -11.15
CA ASP A 22 -9.70 14.07 -9.91
C ASP A 22 -9.51 12.83 -9.06
N THR A 23 -8.77 11.83 -9.53
CA THR A 23 -8.42 10.68 -8.71
C THR A 23 -6.93 10.56 -8.41
N VAL A 24 -6.08 11.24 -9.18
CA VAL A 24 -4.64 11.13 -8.99
C VAL A 24 -4.00 12.49 -8.81
N THR A 25 -4.26 13.41 -9.76
CA THR A 25 -3.55 14.68 -9.78
C THR A 25 -3.87 15.52 -8.55
N GLN A 26 -5.16 15.79 -8.31
CA GLN A 26 -5.54 16.64 -7.19
C GLN A 26 -5.14 16.02 -5.85
N VAL A 27 -5.21 14.70 -5.74
CA VAL A 27 -4.83 14.03 -4.50
C VAL A 27 -3.35 14.25 -4.21
N ILE A 28 -2.50 14.13 -5.24
CA ILE A 28 -1.07 14.34 -5.05
C ILE A 28 -0.78 15.81 -4.75
N GLU A 29 -1.49 16.72 -5.41
CA GLU A 29 -1.21 18.15 -5.27
C GLU A 29 -1.54 18.65 -3.86
N GLN A 30 -2.66 18.21 -3.30
CA GLN A 30 -3.12 18.74 -2.02
C GLN A 30 -2.14 18.44 -0.89
N ASN A 31 -1.23 17.48 -1.07
CA ASN A 31 -0.23 17.16 -0.08
C ASN A 31 1.12 17.78 -0.39
N MET A 32 1.22 18.59 -1.45
CA MET A 32 2.50 19.19 -1.84
C MET A 32 2.67 20.57 -1.20
N ASN A 33 2.63 20.58 0.13
CA ASN A 33 2.89 21.76 0.92
C ASN A 33 3.89 21.42 2.01
N GLY A 34 4.56 22.44 2.53
CA GLY A 34 5.65 22.21 3.45
C GLY A 34 6.91 21.73 2.79
N ILE A 35 7.10 22.05 1.51
CA ILE A 35 8.28 21.69 0.75
C ILE A 35 9.14 22.93 0.58
N ASP A 36 10.40 22.83 0.96
CA ASP A 36 11.28 24.00 1.07
C ASP A 36 11.71 24.51 -0.30
N ASN A 37 11.85 25.84 -0.38
CA ASN A 37 12.39 26.51 -1.57
C ASN A 37 11.58 26.18 -2.82
N LEU A 38 10.26 26.15 -2.68
CA LEU A 38 9.36 25.83 -3.77
C LEU A 38 8.86 27.12 -4.40
N MET A 39 9.15 27.30 -5.70
CA MET A 39 8.71 28.50 -6.41
C MET A 39 7.27 28.36 -6.90
N TYR A 40 7.01 27.32 -7.69
CA TYR A 40 5.67 27.08 -8.23
C TYR A 40 5.56 25.61 -8.60
N MET A 41 4.35 25.22 -9.00
CA MET A 41 4.06 23.83 -9.33
C MET A 41 2.98 23.78 -10.41
N SER A 42 3.28 23.08 -11.50
CA SER A 42 2.36 22.91 -12.61
C SER A 42 2.11 21.42 -12.84
N SER A 43 1.03 21.12 -13.56
CA SER A 43 0.67 19.73 -13.79
C SER A 43 -0.22 19.62 -15.03
N ASN A 44 -0.12 18.47 -15.69
CA ASN A 44 -0.95 18.13 -16.84
C ASN A 44 -1.61 16.78 -16.60
N SER A 45 -2.90 16.68 -16.91
CA SER A 45 -3.65 15.43 -16.82
C SER A 45 -4.34 15.23 -18.16
N ASP A 46 -3.79 14.35 -19.00
CA ASP A 46 -4.33 14.15 -20.33
C ASP A 46 -5.01 12.79 -20.46
N SER A 47 -5.83 12.66 -21.51
CA SER A 47 -6.60 11.45 -21.77
C SER A 47 -5.74 10.27 -22.16
N THR A 48 -4.42 10.44 -22.21
CA THR A 48 -3.48 9.32 -22.29
C THR A 48 -3.55 8.42 -21.07
N GLY A 49 -4.21 8.85 -20.00
CA GLY A 49 -4.13 8.16 -18.73
C GLY A 49 -2.79 8.46 -18.08
N THR A 50 -2.42 9.74 -18.09
CA THR A 50 -1.09 10.18 -17.66
C THR A 50 -1.22 11.49 -16.91
N VAL A 51 -0.47 11.62 -15.82
CA VAL A 51 -0.33 12.87 -15.10
C VAL A 51 1.15 13.17 -14.94
N GLN A 52 1.54 14.42 -15.13
CA GLN A 52 2.91 14.87 -15.03
C GLN A 52 2.94 16.16 -14.20
N ILE A 53 3.20 16.02 -12.90
CA ILE A 53 3.30 17.16 -12.00
C ILE A 53 4.75 17.60 -11.94
N THR A 54 5.01 18.88 -12.22
CA THR A 54 6.35 19.44 -12.23
C THR A 54 6.49 20.45 -11.10
N LEU A 55 7.51 20.26 -10.27
CA LEU A 55 7.77 21.13 -9.13
C LEU A 55 9.12 21.82 -9.33
N THR A 56 9.08 23.15 -9.40
CA THR A 56 10.27 23.96 -9.67
C THR A 56 10.74 24.62 -8.37
N PHE A 57 12.05 24.67 -8.19
CA PHE A 57 12.66 25.16 -6.96
C PHE A 57 13.59 26.34 -7.25
N GLU A 58 13.95 27.05 -6.20
CA GLU A 58 14.88 28.16 -6.32
C GLU A 58 16.24 27.65 -6.79
N SER A 59 16.97 28.51 -7.50
CA SER A 59 18.33 28.18 -7.91
C SER A 59 19.20 27.99 -6.68
N GLY A 60 20.03 26.95 -6.72
CA GLY A 60 20.85 26.58 -5.58
C GLY A 60 20.22 25.54 -4.67
N THR A 61 18.97 25.14 -4.93
CA THR A 61 18.33 24.11 -4.12
C THR A 61 18.97 22.76 -4.39
N ASP A 62 19.33 22.04 -3.32
CA ASP A 62 19.95 20.72 -3.43
C ASP A 62 18.93 19.75 -4.02
N ALA A 63 19.07 19.46 -5.32
CA ALA A 63 18.09 18.65 -6.03
C ALA A 63 17.82 17.31 -5.34
N ASP A 64 18.88 16.70 -4.81
CA ASP A 64 18.71 15.47 -4.02
C ASP A 64 17.70 15.68 -2.90
N ILE A 65 17.88 16.75 -2.12
CA ILE A 65 16.99 17.03 -0.99
C ILE A 65 15.60 17.36 -1.50
N ALA A 66 15.50 18.14 -2.57
CA ALA A 66 14.20 18.48 -3.13
C ALA A 66 13.40 17.23 -3.50
N GLN A 67 14.07 16.26 -4.13
CA GLN A 67 13.40 15.03 -4.51
C GLN A 67 12.86 14.29 -3.28
N VAL A 68 13.68 14.18 -2.24
CA VAL A 68 13.25 13.48 -1.02
C VAL A 68 12.01 14.13 -0.45
N GLN A 69 12.00 15.46 -0.36
CA GLN A 69 10.87 16.17 0.21
C GLN A 69 9.59 15.92 -0.59
N VAL A 70 9.67 16.01 -1.91
CA VAL A 70 8.50 15.77 -2.76
C VAL A 70 8.05 14.33 -2.63
N GLN A 71 8.97 13.39 -2.85
CA GLN A 71 8.68 11.98 -2.67
C GLN A 71 8.05 11.71 -1.30
N ASN A 72 8.57 12.36 -0.26
CA ASN A 72 8.09 12.15 1.09
C ASN A 72 6.66 12.66 1.27
N LYS A 73 6.31 13.74 0.56
CA LYS A 73 4.93 14.23 0.60
C LYS A 73 4.02 13.40 -0.30
N LEU A 74 4.58 12.76 -1.33
CA LEU A 74 3.77 11.89 -2.19
C LEU A 74 3.31 10.66 -1.44
N GLN A 75 4.10 10.17 -0.48
CA GLN A 75 3.71 9.00 0.30
C GLN A 75 2.41 9.25 1.06
N LEU A 76 2.10 10.50 1.39
CA LEU A 76 0.83 10.82 2.04
C LEU A 76 -0.36 10.53 1.14
N ALA A 77 -0.16 10.53 -0.18
CA ALA A 77 -1.24 10.32 -1.13
C ALA A 77 -1.26 8.93 -1.74
N MET A 78 -0.16 8.19 -1.66
CA MET A 78 -0.07 6.87 -2.28
C MET A 78 -1.21 5.93 -1.88
N PRO A 79 -1.58 5.78 -0.60
CA PRO A 79 -2.72 4.90 -0.27
C PRO A 79 -4.05 5.42 -0.80
N LEU A 80 -4.16 6.72 -1.11
CA LEU A 80 -5.40 7.29 -1.61
C LEU A 80 -5.55 7.13 -3.11
N LEU A 81 -4.47 6.88 -3.85
CA LEU A 81 -4.56 6.73 -5.28
C LEU A 81 -5.26 5.41 -5.63
N PRO A 82 -5.88 5.33 -6.81
CA PRO A 82 -6.51 4.08 -7.22
C PRO A 82 -5.48 2.96 -7.35
N GLN A 83 -5.94 1.74 -7.09
CA GLN A 83 -5.06 0.57 -7.19
C GLN A 83 -4.43 0.48 -8.58
N GLU A 84 -5.22 0.70 -9.63
CA GLU A 84 -4.73 0.62 -11.00
C GLU A 84 -3.62 1.62 -11.27
N VAL A 85 -3.57 2.73 -10.53
CA VAL A 85 -2.51 3.71 -10.71
C VAL A 85 -1.24 3.26 -10.00
N GLN A 86 -1.37 2.79 -8.76
CA GLN A 86 -0.20 2.32 -8.01
C GLN A 86 0.47 1.14 -8.70
N GLN A 87 -0.32 0.28 -9.36
CA GLN A 87 0.26 -0.90 -9.99
C GLN A 87 1.17 -0.52 -11.16
N GLN A 88 0.94 0.64 -11.79
CA GLN A 88 1.81 1.09 -12.86
C GLN A 88 3.15 1.60 -12.35
N GLY A 89 3.23 1.96 -11.07
CA GLY A 89 4.47 2.46 -10.51
C GLY A 89 4.63 3.96 -10.65
N VAL A 90 4.19 4.71 -9.63
CA VAL A 90 4.41 6.14 -9.61
C VAL A 90 5.90 6.42 -9.49
N SER A 91 6.38 7.42 -10.22
CA SER A 91 7.79 7.74 -10.28
C SER A 91 8.02 9.20 -9.94
N VAL A 92 9.11 9.48 -9.22
CA VAL A 92 9.59 10.83 -8.98
C VAL A 92 11.05 10.89 -9.43
N GLU A 93 11.39 11.92 -10.20
CA GLU A 93 12.71 12.02 -10.80
C GLU A 93 13.12 13.49 -10.86
N LYS A 94 14.42 13.74 -10.79
CA LYS A 94 15.00 15.08 -10.81
C LYS A 94 15.94 15.17 -12.00
N SER A 95 15.46 15.77 -13.09
CA SER A 95 16.26 15.84 -14.31
C SER A 95 15.95 17.11 -15.06
N SER A 96 16.85 17.47 -15.97
CA SER A 96 16.54 18.49 -16.96
C SER A 96 15.44 17.97 -17.89
N SER A 97 14.74 18.90 -18.53
CA SER A 97 13.69 18.51 -19.46
C SER A 97 14.21 18.27 -20.87
N SER A 98 15.43 18.68 -21.17
CA SER A 98 16.04 18.41 -22.46
C SER A 98 16.71 17.03 -22.46
N PHE A 99 16.94 16.51 -23.65
CA PHE A 99 17.60 15.22 -23.81
C PHE A 99 19.10 15.43 -23.89
N LEU A 100 19.86 14.63 -23.13
CA LEU A 100 21.31 14.65 -23.24
C LEU A 100 21.76 13.98 -24.53
N MET A 101 21.12 12.86 -24.88
CA MET A 101 21.42 12.13 -26.10
C MET A 101 20.26 11.20 -26.39
N VAL A 102 20.33 10.51 -27.53
CA VAL A 102 19.34 9.51 -27.90
C VAL A 102 20.10 8.29 -28.44
N VAL A 103 19.81 7.12 -27.89
CA VAL A 103 20.45 5.88 -28.33
C VAL A 103 19.47 5.16 -29.24
N GLY A 104 19.81 5.08 -30.53
CA GLY A 104 18.97 4.43 -31.50
C GLY A 104 19.35 2.97 -31.69
N VAL A 105 18.35 2.15 -32.00
CA VAL A 105 18.54 0.72 -32.24
C VAL A 105 17.79 0.34 -33.49
N ILE A 106 18.50 -0.23 -34.47
CA ILE A 106 17.92 -0.70 -35.72
C ILE A 106 18.30 -2.16 -35.91
N ASN A 107 17.75 -2.75 -36.96
CA ASN A 107 18.10 -4.12 -37.36
C ASN A 107 18.43 -4.10 -38.85
N THR A 108 19.74 -4.13 -39.15
CA THR A 108 20.18 -4.05 -40.54
C THR A 108 19.67 -5.22 -41.38
N ASP A 109 19.47 -6.38 -40.76
CA ASP A 109 19.01 -7.56 -41.48
C ASP A 109 17.50 -7.58 -41.69
N GLY A 110 16.76 -6.63 -41.14
CA GLY A 110 15.32 -6.67 -41.26
C GLY A 110 14.70 -7.90 -40.62
N THR A 111 15.35 -8.44 -39.61
CA THR A 111 14.89 -9.64 -38.92
C THR A 111 13.86 -9.35 -37.83
N MET A 112 13.73 -8.10 -37.42
CA MET A 112 12.97 -7.74 -36.23
C MET A 112 12.05 -6.58 -36.56
N THR A 113 10.77 -6.72 -36.21
CA THR A 113 9.81 -5.65 -36.41
C THR A 113 10.07 -4.52 -35.41
N GLN A 114 9.51 -3.35 -35.72
CA GLN A 114 9.57 -2.21 -34.82
C GLN A 114 9.20 -2.62 -33.39
N GLU A 115 8.13 -3.40 -33.27
CA GLU A 115 7.72 -3.90 -31.96
C GLU A 115 8.79 -4.80 -31.35
N ASP A 116 9.41 -5.65 -32.18
CA ASP A 116 10.45 -6.54 -31.68
C ASP A 116 11.65 -5.76 -31.16
N ILE A 117 12.08 -4.74 -31.90
CA ILE A 117 13.21 -3.93 -31.46
C ILE A 117 12.87 -3.18 -30.19
N SER A 118 11.64 -2.67 -30.09
CA SER A 118 11.23 -1.96 -28.88
C SER A 118 11.30 -2.87 -27.66
N ASP A 119 10.82 -4.11 -27.79
CA ASP A 119 10.82 -5.01 -26.64
C ASP A 119 12.23 -5.40 -26.23
N TYR A 120 13.13 -5.60 -27.19
CA TYR A 120 14.49 -5.99 -26.83
C TYR A 120 15.20 -4.87 -26.08
N VAL A 121 14.98 -3.61 -26.50
CA VAL A 121 15.62 -2.50 -25.82
C VAL A 121 15.08 -2.37 -24.39
N ALA A 122 13.76 -2.51 -24.23
CA ALA A 122 13.18 -2.37 -22.90
C ALA A 122 13.54 -3.53 -21.98
N ALA A 123 13.67 -4.74 -22.53
CA ALA A 123 13.91 -5.93 -21.71
C ALA A 123 15.38 -6.18 -21.44
N ASN A 124 16.28 -5.81 -22.36
CA ASN A 124 17.68 -6.13 -22.24
C ASN A 124 18.59 -4.92 -22.14
N MET A 125 18.05 -3.70 -22.26
CA MET A 125 18.92 -2.53 -22.36
C MET A 125 18.49 -1.37 -21.47
N LYS A 126 17.18 -1.18 -21.29
CA LYS A 126 16.69 0.04 -20.66
C LYS A 126 17.07 0.13 -19.18
N ASP A 127 16.96 -0.98 -18.46
CA ASP A 127 17.16 -0.95 -17.01
C ASP A 127 18.59 -0.58 -16.66
N ALA A 128 19.56 -1.23 -17.30
CA ALA A 128 20.97 -0.95 -17.00
C ALA A 128 21.32 0.50 -17.31
N ILE A 129 20.68 1.10 -18.32
CA ILE A 129 20.89 2.51 -18.60
C ILE A 129 20.22 3.37 -17.54
N SER A 130 19.05 2.95 -17.07
CA SER A 130 18.33 3.72 -16.06
C SER A 130 19.09 3.77 -14.74
N ARG A 131 19.82 2.70 -14.39
CA ARG A 131 20.56 2.65 -13.15
C ARG A 131 21.92 3.35 -13.25
N THR A 132 22.36 3.71 -14.45
CA THR A 132 23.64 4.40 -14.62
C THR A 132 23.61 5.74 -13.89
N SER A 133 24.72 6.08 -13.24
CA SER A 133 24.80 7.33 -12.49
C SER A 133 24.75 8.53 -13.43
N GLY A 134 24.04 9.56 -13.02
CA GLY A 134 23.87 10.76 -13.81
C GLY A 134 22.68 10.72 -14.75
N VAL A 135 22.00 9.58 -14.86
CA VAL A 135 20.86 9.43 -15.76
C VAL A 135 19.59 9.77 -14.99
N GLY A 136 19.00 10.93 -15.30
CA GLY A 136 17.82 11.39 -14.59
C GLY A 136 16.54 10.70 -15.04
N ASP A 137 16.39 10.50 -16.34
CA ASP A 137 15.18 9.88 -16.87
C ASP A 137 15.48 9.24 -18.22
N VAL A 138 14.91 8.06 -18.44
CA VAL A 138 15.04 7.35 -19.71
C VAL A 138 13.64 7.20 -20.30
N GLN A 139 13.45 7.72 -21.51
CA GLN A 139 12.19 7.59 -22.22
C GLN A 139 12.35 6.56 -23.33
N LEU A 140 11.56 5.50 -23.27
CA LEU A 140 11.58 4.46 -24.29
C LEU A 140 10.73 4.89 -25.48
N PHE A 141 11.31 4.83 -26.68
CA PHE A 141 10.59 5.15 -27.91
C PHE A 141 9.93 3.87 -28.42
N GLY A 142 8.85 3.49 -27.74
CA GLY A 142 8.15 2.25 -27.91
C GLY A 142 7.64 1.77 -26.58
N SER A 143 7.32 0.48 -26.49
CA SER A 143 6.86 -0.07 -25.24
C SER A 143 7.24 -1.53 -25.15
N GLN A 144 7.64 -1.96 -23.96
CA GLN A 144 7.96 -3.36 -23.71
C GLN A 144 6.74 -4.24 -24.01
N TYR A 145 7.03 -5.45 -24.52
CA TYR A 145 5.96 -6.40 -24.80
C TYR A 145 5.17 -6.72 -23.54
N ALA A 146 3.91 -7.05 -23.72
CA ALA A 146 3.06 -7.61 -22.69
C ALA A 146 2.31 -8.78 -23.28
N MET A 147 1.78 -9.64 -22.42
CA MET A 147 0.91 -10.71 -22.89
C MET A 147 -0.46 -10.08 -23.15
N ARG A 148 -0.75 -9.83 -24.43
CA ARG A 148 -1.99 -9.19 -24.82
C ARG A 148 -3.06 -10.25 -25.07
N ILE A 149 -4.13 -10.20 -24.29
CA ILE A 149 -5.32 -10.99 -24.52
C ILE A 149 -6.30 -10.09 -25.28
N TRP A 150 -6.58 -10.42 -26.54
CA TRP A 150 -7.50 -9.65 -27.37
C TRP A 150 -8.84 -10.36 -27.39
N MET A 151 -9.77 -9.89 -26.57
CA MET A 151 -11.05 -10.58 -26.39
C MET A 151 -11.96 -10.38 -27.60
N ASN A 152 -12.74 -11.43 -27.92
CA ASN A 152 -13.80 -11.35 -28.90
C ASN A 152 -15.13 -11.34 -28.18
N PRO A 153 -15.93 -10.28 -28.30
CA PRO A 153 -17.21 -10.25 -27.55
C PRO A 153 -18.25 -11.21 -28.07
N ASN A 154 -18.19 -11.57 -29.36
CA ASN A 154 -19.14 -12.54 -29.89
C ASN A 154 -18.92 -13.91 -29.26
N GLU A 155 -17.66 -14.38 -29.23
CA GLU A 155 -17.36 -15.67 -28.65
C GLU A 155 -17.53 -15.66 -27.14
N LEU A 156 -17.25 -14.52 -26.49
CA LEU A 156 -17.47 -14.42 -25.05
C LEU A 156 -18.95 -14.59 -24.72
N ASN A 157 -19.82 -13.91 -25.48
CA ASN A 157 -21.25 -14.05 -25.25
C ASN A 157 -21.75 -15.45 -25.59
N LYS A 158 -21.03 -16.17 -26.47
CA LYS A 158 -21.46 -17.50 -26.86
C LYS A 158 -21.40 -18.48 -25.70
N PHE A 159 -20.47 -18.28 -24.76
CA PHE A 159 -20.27 -19.18 -23.64
C PHE A 159 -20.66 -18.54 -22.31
N GLN A 160 -21.51 -17.51 -22.34
CA GLN A 160 -22.00 -16.85 -21.13
C GLN A 160 -20.83 -16.33 -20.27
N LEU A 161 -19.84 -15.75 -20.93
CA LEU A 161 -18.63 -15.25 -20.28
C LEU A 161 -18.50 -13.74 -20.52
N THR A 162 -17.71 -13.10 -19.67
CA THR A 162 -17.49 -11.66 -19.70
C THR A 162 -16.03 -11.40 -19.35
N PRO A 163 -15.49 -10.24 -19.73
CA PRO A 163 -14.09 -9.92 -19.35
C PRO A 163 -13.78 -10.11 -17.87
N VAL A 164 -14.77 -10.00 -16.98
CA VAL A 164 -14.53 -10.29 -15.57
C VAL A 164 -14.09 -11.74 -15.40
N ASP A 165 -14.77 -12.66 -16.08
CA ASP A 165 -14.41 -14.07 -16.00
C ASP A 165 -13.01 -14.30 -16.57
N VAL A 166 -12.66 -13.61 -17.66
CA VAL A 166 -11.32 -13.74 -18.21
C VAL A 166 -10.29 -13.24 -17.21
N ILE A 167 -10.56 -12.11 -16.56
CA ILE A 167 -9.64 -11.55 -15.57
C ILE A 167 -9.49 -12.50 -14.39
N THR A 168 -10.61 -13.04 -13.90
CA THR A 168 -10.56 -13.95 -12.76
C THR A 168 -9.76 -15.21 -13.09
N ALA A 169 -9.90 -15.72 -14.31
CA ALA A 169 -9.18 -16.92 -14.70
C ALA A 169 -7.68 -16.68 -14.81
N ILE A 170 -7.29 -15.49 -15.28
CA ILE A 170 -5.87 -15.21 -15.45
C ILE A 170 -5.18 -15.08 -14.10
N LYS A 171 -5.85 -14.45 -13.12
CA LYS A 171 -5.28 -14.37 -11.79
C LYS A 171 -5.20 -15.74 -11.13
N ALA A 172 -6.14 -16.63 -11.44
CA ALA A 172 -6.14 -17.96 -10.82
C ALA A 172 -5.13 -18.89 -11.47
N GLN A 173 -5.02 -18.86 -12.80
CA GLN A 173 -4.20 -19.83 -13.52
C GLN A 173 -2.84 -19.31 -13.92
N ASN A 174 -2.66 -17.99 -14.00
CA ASN A 174 -1.31 -17.40 -14.12
C ASN A 174 -0.90 -16.85 -12.75
N ALA A 175 -0.65 -17.78 -11.84
CA ALA A 175 -0.36 -17.46 -10.45
C ALA A 175 1.01 -18.02 -10.06
N GLN A 176 1.63 -17.38 -9.08
CA GLN A 176 2.87 -17.83 -8.47
C GLN A 176 2.56 -18.14 -7.01
N VAL A 177 2.55 -19.43 -6.67
CA VAL A 177 2.01 -19.90 -5.39
C VAL A 177 3.14 -20.22 -4.44
N ALA A 178 3.04 -19.73 -3.21
CA ALA A 178 3.92 -20.12 -2.12
C ALA A 178 3.32 -21.37 -1.48
N ALA A 179 3.91 -22.53 -1.79
CA ALA A 179 3.30 -23.81 -1.45
C ALA A 179 3.94 -24.49 -0.24
N GLY A 180 5.04 -23.97 0.28
CA GLY A 180 5.64 -24.54 1.48
C GLY A 180 6.70 -25.59 1.23
N GLN A 181 6.82 -26.54 2.17
CA GLN A 181 7.85 -27.57 2.09
C GLN A 181 7.30 -28.87 2.64
N LEU A 182 8.04 -29.95 2.39
CA LEU A 182 7.90 -31.20 3.12
C LEU A 182 9.07 -31.31 4.10
N GLY A 183 8.76 -31.73 5.32
CA GLY A 183 9.79 -31.76 6.34
C GLY A 183 10.26 -30.39 6.76
N GLY A 184 9.39 -29.39 6.68
CA GLY A 184 9.77 -28.05 7.07
C GLY A 184 9.78 -27.87 8.59
N THR A 185 10.56 -26.90 9.04
CA THR A 185 10.63 -26.63 10.47
C THR A 185 9.34 -25.97 10.95
N PRO A 186 8.85 -26.32 12.14
CA PRO A 186 9.42 -27.36 13.01
C PRO A 186 8.97 -28.76 12.60
N PRO A 187 9.92 -29.66 12.39
CA PRO A 187 9.60 -31.00 11.91
C PRO A 187 9.40 -31.99 13.06
N VAL A 188 8.82 -33.13 12.71
CA VAL A 188 8.89 -34.29 13.59
C VAL A 188 10.34 -34.71 13.71
N LYS A 189 10.82 -34.83 14.95
CA LYS A 189 12.23 -35.12 15.19
C LYS A 189 12.66 -36.38 14.45
N GLY A 190 13.79 -36.29 13.76
CA GLY A 190 14.29 -37.39 12.97
C GLY A 190 13.92 -37.35 11.50
N GLN A 191 13.32 -36.27 11.02
CA GLN A 191 12.93 -36.18 9.62
C GLN A 191 14.17 -36.06 8.74
N GLN A 192 14.21 -36.86 7.67
CA GLN A 192 15.32 -36.85 6.73
C GLN A 192 15.00 -36.11 5.44
N LEU A 193 13.78 -36.27 4.90
CA LEU A 193 13.42 -35.64 3.65
C LEU A 193 13.00 -34.19 3.89
N ASN A 194 13.58 -33.28 3.10
CA ASN A 194 13.17 -31.88 3.10
C ASN A 194 13.21 -31.39 1.66
N ALA A 195 12.04 -31.01 1.13
CA ALA A 195 11.94 -30.56 -0.24
C ALA A 195 10.92 -29.43 -0.34
N SER A 196 11.24 -28.43 -1.16
CA SER A 196 10.31 -27.36 -1.42
C SER A 196 9.14 -27.89 -2.26
N ILE A 197 7.94 -27.37 -2.00
CA ILE A 197 6.76 -27.71 -2.76
C ILE A 197 6.55 -26.65 -3.83
N ILE A 198 6.52 -27.08 -5.09
CA ILE A 198 6.34 -26.19 -6.23
C ILE A 198 4.95 -26.42 -6.78
N ALA A 199 4.13 -25.38 -6.76
CA ALA A 199 2.75 -25.45 -7.22
C ALA A 199 2.62 -24.67 -8.51
N GLN A 200 1.59 -23.84 -8.73
CA GLN A 200 1.48 -23.10 -9.98
C GLN A 200 2.61 -22.09 -10.13
N THR A 201 3.16 -22.01 -11.33
CA THR A 201 4.16 -21.00 -11.67
C THR A 201 3.58 -20.08 -12.75
N ARG A 202 4.10 -18.87 -12.81
CA ARG A 202 3.60 -17.90 -13.79
C ARG A 202 3.86 -18.40 -15.21
N LEU A 203 2.84 -18.29 -16.06
CA LEU A 203 2.96 -18.75 -17.43
C LEU A 203 4.00 -17.94 -18.19
N THR A 204 4.57 -18.56 -19.23
CA THR A 204 5.70 -17.98 -19.94
C THR A 204 5.52 -17.89 -21.44
N SER A 205 4.36 -18.26 -21.99
CA SER A 205 4.20 -18.30 -23.43
C SER A 205 2.75 -18.07 -23.81
N THR A 206 2.54 -17.72 -25.08
CA THR A 206 1.18 -17.57 -25.60
C THR A 206 0.43 -18.90 -25.57
N GLU A 207 1.15 -20.00 -25.82
CA GLU A 207 0.52 -21.32 -25.79
C GLU A 207 -0.03 -21.63 -24.40
N GLU A 208 0.70 -21.23 -23.35
CA GLU A 208 0.24 -21.49 -21.99
C GLU A 208 -0.98 -20.66 -21.65
N PHE A 209 -1.01 -19.39 -22.07
CA PHE A 209 -2.15 -18.54 -21.78
C PHE A 209 -3.40 -18.99 -22.52
N GLY A 210 -3.25 -19.53 -23.73
CA GLY A 210 -4.38 -20.09 -24.43
C GLY A 210 -4.95 -21.33 -23.78
N LYS A 211 -4.10 -22.05 -23.03
CA LYS A 211 -4.55 -23.25 -22.34
C LYS A 211 -5.45 -22.97 -21.14
N ILE A 212 -5.47 -21.72 -20.68
CA ILE A 212 -6.22 -21.34 -19.48
C ILE A 212 -7.68 -21.75 -19.63
N LEU A 213 -8.15 -22.62 -18.73
CA LEU A 213 -9.51 -23.12 -18.80
C LEU A 213 -10.46 -22.09 -18.20
N LEU A 214 -11.39 -21.59 -19.01
CA LEU A 214 -12.37 -20.63 -18.52
C LEU A 214 -13.53 -21.33 -17.83
N LYS A 215 -14.08 -22.36 -18.45
CA LYS A 215 -15.21 -23.08 -17.87
C LYS A 215 -15.33 -24.44 -18.55
N VAL A 216 -16.07 -25.33 -17.90
CA VAL A 216 -16.45 -26.62 -18.47
C VAL A 216 -17.95 -26.59 -18.72
N ASN A 217 -18.34 -26.74 -19.98
CA ASN A 217 -19.76 -26.78 -20.30
C ASN A 217 -20.41 -27.99 -19.63
N GLN A 218 -21.74 -27.92 -19.48
CA GLN A 218 -22.45 -28.99 -18.79
C GLN A 218 -22.37 -30.30 -19.56
N ASP A 219 -22.18 -30.25 -20.87
CA ASP A 219 -22.06 -31.48 -21.65
C ASP A 219 -20.68 -32.10 -21.57
N GLY A 220 -19.68 -31.34 -21.11
CA GLY A 220 -18.34 -31.86 -20.89
C GLY A 220 -17.24 -31.21 -21.71
N SER A 221 -17.57 -30.34 -22.67
CA SER A 221 -16.53 -29.74 -23.49
C SER A 221 -15.87 -28.57 -22.75
N ARG A 222 -14.66 -28.24 -23.18
CA ARG A 222 -13.85 -27.20 -22.55
C ARG A 222 -13.86 -25.93 -23.40
N VAL A 223 -13.97 -24.79 -22.72
CA VAL A 223 -13.87 -23.48 -23.37
C VAL A 223 -12.62 -22.82 -22.83
N LEU A 224 -11.62 -22.69 -23.69
CA LEU A 224 -10.33 -22.13 -23.31
C LEU A 224 -10.29 -20.63 -23.56
N LEU A 225 -9.21 -20.00 -23.11
CA LEU A 225 -9.05 -18.56 -23.35
C LEU A 225 -8.86 -18.27 -24.83
N ARG A 226 -8.14 -19.14 -25.54
CA ARG A 226 -7.91 -18.95 -26.97
C ARG A 226 -9.19 -19.12 -27.78
N ASP A 227 -10.23 -19.71 -27.20
CA ASP A 227 -11.51 -19.87 -27.89
C ASP A 227 -12.34 -18.59 -27.86
N VAL A 228 -11.95 -17.60 -27.06
CA VAL A 228 -12.69 -16.34 -26.97
C VAL A 228 -11.74 -15.17 -27.14
N ALA A 229 -10.48 -15.45 -27.45
CA ALA A 229 -9.50 -14.37 -27.52
C ALA A 229 -8.32 -14.78 -28.39
N LYS A 230 -7.73 -13.79 -29.04
CA LYS A 230 -6.45 -13.95 -29.71
C LYS A 230 -5.34 -13.59 -28.72
N ILE A 231 -4.34 -14.46 -28.61
CA ILE A 231 -3.26 -14.30 -27.65
C ILE A 231 -1.97 -14.05 -28.40
N GLU A 232 -1.28 -12.97 -28.05
CA GLU A 232 -0.04 -12.59 -28.73
C GLU A 232 0.83 -11.78 -27.78
N LEU A 233 2.12 -11.77 -28.06
CA LEU A 233 3.00 -10.78 -27.46
C LEU A 233 2.75 -9.42 -28.11
N GLY A 234 2.56 -8.40 -27.29
CA GLY A 234 2.33 -7.07 -27.81
C GLY A 234 2.69 -6.03 -26.78
N GLY A 235 2.92 -4.82 -27.26
CA GLY A 235 3.35 -3.75 -26.38
C GLY A 235 2.33 -3.41 -25.31
N GLU A 236 2.82 -2.84 -24.21
CA GLU A 236 1.94 -2.34 -23.16
C GLU A 236 0.99 -1.29 -23.73
N ASN A 237 1.50 -0.42 -24.59
CA ASN A 237 0.69 0.54 -25.31
C ASN A 237 1.23 0.67 -26.73
N TYR A 238 0.39 1.16 -27.64
CA TYR A 238 0.77 1.29 -29.03
C TYR A 238 0.80 2.74 -29.45
N ASP A 239 1.44 3.60 -28.66
CA ASP A 239 1.36 5.04 -28.86
C ASP A 239 2.69 5.70 -29.20
N ILE A 240 3.79 4.95 -29.31
CA ILE A 240 5.09 5.53 -29.63
C ILE A 240 5.78 4.63 -30.65
N ILE A 241 5.97 5.15 -31.87
CA ILE A 241 6.67 4.44 -32.94
C ILE A 241 7.87 5.27 -33.37
N ALA A 242 8.96 4.61 -33.74
CA ALA A 242 10.19 5.29 -34.10
C ALA A 242 10.71 4.78 -35.44
N GLU A 243 11.42 5.66 -36.15
CA GLU A 243 12.04 5.34 -37.42
C GLU A 243 13.42 5.99 -37.49
N PHE A 244 14.37 5.29 -38.11
CA PHE A 244 15.71 5.80 -38.33
C PHE A 244 15.99 5.77 -39.83
N ASN A 245 16.03 6.95 -40.45
CA ASN A 245 16.21 7.09 -41.90
C ASN A 245 15.15 6.29 -42.65
N GLY A 246 13.93 6.29 -42.13
CA GLY A 246 12.81 5.61 -42.75
C GLY A 246 12.67 4.14 -42.39
N GLN A 247 13.73 3.51 -41.85
CA GLN A 247 13.62 2.10 -41.54
C GLN A 247 13.15 1.90 -40.09
N PRO A 248 12.50 0.77 -39.80
CA PRO A 248 11.96 0.57 -38.45
C PRO A 248 13.06 0.57 -37.39
N ALA A 249 12.79 1.25 -36.29
CA ALA A 249 13.79 1.43 -35.24
C ALA A 249 13.09 1.71 -33.91
N SER A 250 13.90 1.76 -32.86
CA SER A 250 13.47 2.15 -31.53
C SER A 250 14.69 2.74 -30.80
N GLY A 251 14.46 3.26 -29.61
CA GLY A 251 15.57 3.85 -28.88
C GLY A 251 15.17 4.31 -27.50
N LEU A 252 16.12 4.98 -26.84
CA LEU A 252 15.93 5.53 -25.51
C LEU A 252 16.33 7.00 -25.51
N GLY A 253 15.42 7.86 -25.06
CA GLY A 253 15.76 9.25 -24.81
C GLY A 253 16.26 9.43 -23.39
N ILE A 254 17.48 9.91 -23.24
CA ILE A 254 18.15 9.99 -21.94
C ILE A 254 18.35 11.45 -21.58
N LYS A 255 17.72 11.87 -20.48
CA LYS A 255 17.91 13.20 -19.93
C LYS A 255 18.91 13.16 -18.78
N LEU A 256 19.69 14.22 -18.65
CA LEU A 256 20.72 14.28 -17.63
C LEU A 256 20.11 14.60 -16.26
N ALA A 257 20.60 13.91 -15.23
CA ALA A 257 20.16 14.20 -13.88
C ALA A 257 20.68 15.56 -13.43
N THR A 258 19.87 16.28 -12.66
CA THR A 258 20.20 17.64 -12.24
C THR A 258 21.53 17.68 -11.48
N GLY A 259 22.53 18.33 -12.06
CA GLY A 259 23.82 18.49 -11.44
C GLY A 259 24.89 17.51 -11.89
N ALA A 260 24.56 16.54 -12.72
CA ALA A 260 25.54 15.56 -13.16
C ALA A 260 26.38 16.11 -14.31
N ASN A 261 27.50 15.43 -14.57
CA ASN A 261 28.40 15.82 -15.64
C ASN A 261 27.94 15.22 -16.96
N ALA A 262 27.81 16.07 -17.99
CA ALA A 262 27.30 15.60 -19.28
C ALA A 262 28.31 14.66 -19.96
N LEU A 263 29.59 15.03 -19.94
CA LEU A 263 30.60 14.21 -20.62
C LEU A 263 30.77 12.86 -19.93
N ASP A 264 30.88 12.87 -18.60
CA ASP A 264 31.13 11.63 -17.87
C ASP A 264 29.94 10.69 -17.95
N THR A 265 28.72 11.23 -17.85
CA THR A 265 27.54 10.38 -17.94
C THR A 265 27.36 9.82 -19.34
N ALA A 266 27.62 10.64 -20.36
CA ALA A 266 27.55 10.15 -21.74
C ALA A 266 28.58 9.07 -22.00
N ALA A 267 29.75 9.17 -21.37
CA ALA A 267 30.77 8.13 -21.52
C ALA A 267 30.36 6.85 -20.78
N ALA A 268 29.78 7.00 -19.59
CA ALA A 268 29.32 5.83 -18.85
C ALA A 268 28.22 5.09 -19.58
N ILE A 269 27.40 5.82 -20.36
CA ILE A 269 26.35 5.17 -21.14
C ILE A 269 26.95 4.35 -22.28
N ARG A 270 27.97 4.89 -22.94
CA ARG A 270 28.63 4.14 -24.01
C ARG A 270 29.36 2.92 -23.45
N ALA A 271 29.89 3.00 -22.23
CA ALA A 271 30.52 1.85 -21.61
C ALA A 271 29.48 0.77 -21.29
N GLU A 272 28.29 1.17 -20.85
CA GLU A 272 27.24 0.21 -20.56
C GLU A 272 26.69 -0.41 -21.83
N LEU A 273 26.60 0.37 -22.90
CA LEU A 273 26.14 -0.17 -24.18
C LEU A 273 27.13 -1.17 -24.75
N ALA A 274 28.42 -1.01 -24.45
CA ALA A 274 29.42 -1.96 -24.90
C ALA A 274 29.28 -3.31 -24.21
N LYS A 275 28.70 -3.32 -23.01
CA LYS A 275 28.53 -4.58 -22.28
C LYS A 275 27.43 -5.45 -22.86
N MET A 276 26.49 -4.87 -23.62
CA MET A 276 25.36 -5.61 -24.15
C MET A 276 25.44 -5.88 -25.65
N GLU A 277 26.32 -5.20 -26.37
CA GLU A 277 26.42 -5.43 -27.82
C GLU A 277 26.82 -6.86 -28.16
N PRO A 278 27.83 -7.47 -27.53
CA PRO A 278 28.21 -8.84 -27.94
C PRO A 278 27.09 -9.86 -27.85
N PHE A 279 26.01 -9.58 -27.11
CA PHE A 279 24.92 -10.53 -26.93
C PHE A 279 23.64 -10.09 -27.64
N PHE A 280 23.77 -9.21 -28.63
CA PHE A 280 22.62 -8.82 -29.43
C PHE A 280 22.21 -9.97 -30.35
N PRO A 281 20.92 -10.06 -30.70
CA PRO A 281 20.52 -10.97 -31.77
C PRO A 281 21.08 -10.50 -33.10
N SER A 282 21.10 -11.43 -34.06
CA SER A 282 21.67 -11.11 -35.37
C SER A 282 20.89 -10.00 -36.04
N GLY A 283 21.62 -9.02 -36.59
CA GLY A 283 21.05 -7.91 -37.29
C GLY A 283 20.92 -6.63 -36.48
N LEU A 284 20.80 -6.75 -35.16
CA LEU A 284 20.64 -5.57 -34.31
C LEU A 284 21.91 -4.73 -34.30
N LYS A 285 21.71 -3.42 -34.23
CA LYS A 285 22.83 -2.47 -34.25
C LYS A 285 22.45 -1.21 -33.49
N ILE A 286 23.46 -0.58 -32.88
CA ILE A 286 23.28 0.66 -32.14
C ILE A 286 23.69 1.83 -33.03
N VAL A 287 22.86 2.86 -33.08
CA VAL A 287 23.16 4.09 -33.80
C VAL A 287 22.88 5.26 -32.87
N TYR A 288 23.58 6.37 -33.10
CA TYR A 288 23.53 7.55 -32.24
C TYR A 288 23.04 8.75 -33.03
N PRO A 289 21.73 8.93 -33.17
CA PRO A 289 21.21 10.03 -33.98
C PRO A 289 21.24 11.39 -33.29
N TYR A 290 21.50 11.46 -31.99
CA TYR A 290 21.45 12.72 -31.27
C TYR A 290 22.48 12.71 -30.15
N ASP A 291 23.36 13.69 -30.14
CA ASP A 291 24.40 13.81 -29.11
C ASP A 291 24.68 15.28 -28.88
N THR A 292 24.53 15.72 -27.63
CA THR A 292 24.78 17.12 -27.29
C THR A 292 26.08 17.27 -26.52
N GLN A 310 27.79 22.79 -34.29
CA GLN A 310 27.11 22.24 -33.12
C GLN A 310 26.81 20.77 -33.36
N GLY A 311 26.34 20.46 -34.57
CA GLY A 311 26.15 19.08 -34.97
C GLY A 311 24.72 18.60 -35.12
N VAL A 312 23.81 18.98 -34.22
CA VAL A 312 22.47 18.41 -34.18
C VAL A 312 21.43 19.51 -34.02
N PHE A 313 20.17 19.12 -34.20
CA PHE A 313 19.00 19.95 -33.90
C PHE A 313 17.77 19.06 -33.96
N MET A 314 16.69 19.53 -33.36
CA MET A 314 15.43 18.82 -33.33
C MET A 314 14.38 19.54 -34.17
N THR A 315 13.35 18.80 -34.56
CA THR A 315 12.22 19.34 -35.29
C THR A 315 10.95 18.89 -34.57
N MET A 316 10.28 19.83 -33.92
CA MET A 316 9.08 19.51 -33.15
C MET A 316 7.86 19.57 -34.06
N VAL A 317 7.02 18.55 -33.97
CA VAL A 317 5.78 18.44 -34.74
C VAL A 317 4.63 18.34 -33.74
N GLN A 318 3.70 19.28 -33.82
CA GLN A 318 2.52 19.27 -32.95
C GLN A 318 1.29 19.60 -33.78
N LEU A 319 0.33 18.68 -33.77
CA LEU A 319 -0.91 18.80 -34.50
C LEU A 319 -2.05 19.18 -33.56
N PRO A 320 -3.21 19.57 -34.08
CA PRO A 320 -4.35 19.83 -33.21
C PRO A 320 -4.77 18.59 -32.44
N ALA A 321 -5.52 18.83 -31.36
CA ALA A 321 -6.08 17.71 -30.61
C ALA A 321 -7.09 16.95 -31.46
N GLY A 322 -7.16 15.64 -31.25
CA GLY A 322 -8.00 14.79 -32.05
C GLY A 322 -7.35 14.24 -33.29
N ALA A 323 -6.17 14.74 -33.68
CA ALA A 323 -5.46 14.20 -34.82
C ALA A 323 -4.85 12.86 -34.45
N THR A 324 -5.13 11.84 -35.26
CA THR A 324 -4.69 10.49 -34.96
C THR A 324 -3.21 10.31 -35.29
N GLN A 325 -2.69 9.15 -34.91
CA GLN A 325 -1.31 8.80 -35.24
C GLN A 325 -1.11 8.74 -36.75
N GLU A 326 -2.15 8.41 -37.50
CA GLU A 326 -2.08 8.41 -38.96
C GLU A 326 -1.72 9.80 -39.47
N ARG A 327 -2.50 10.82 -39.07
CA ARG A 327 -2.25 12.18 -39.56
C ARG A 327 -0.87 12.68 -39.12
N THR A 328 -0.43 12.29 -37.92
CA THR A 328 0.87 12.73 -37.45
C THR A 328 2.01 12.10 -38.23
N GLN A 329 1.85 10.85 -38.66
CA GLN A 329 2.91 10.18 -39.43
C GLN A 329 3.14 10.87 -40.76
N LYS A 330 2.09 11.43 -41.37
CA LYS A 330 2.25 12.07 -42.67
C LYS A 330 3.00 13.40 -42.54
N VAL A 331 2.75 14.13 -41.45
CA VAL A 331 3.52 15.35 -41.19
C VAL A 331 4.97 15.00 -40.89
N LEU A 332 5.21 13.95 -40.12
CA LEU A 332 6.57 13.49 -39.89
C LEU A 332 7.21 13.00 -41.18
N ASN A 333 6.42 12.36 -42.06
CA ASN A 333 6.95 11.88 -43.33
C ASN A 333 7.40 13.04 -44.21
N GLU A 334 6.64 14.14 -44.22
CA GLU A 334 7.04 15.31 -44.98
C GLU A 334 8.30 15.94 -44.38
N VAL A 335 8.42 15.92 -43.06
CA VAL A 335 9.61 16.47 -42.40
C VAL A 335 10.83 15.63 -42.74
N THR A 336 10.71 14.30 -42.62
CA THR A 336 11.82 13.43 -42.97
C THR A 336 12.14 13.49 -44.46
N HIS A 337 11.11 13.63 -45.29
CA HIS A 337 11.34 13.77 -46.73
C HIS A 337 12.15 15.01 -47.04
N TYR A 338 11.90 16.10 -46.32
CA TYR A 338 12.62 17.34 -46.56
C TYR A 338 14.11 17.17 -46.30
N TYR A 339 14.47 16.54 -45.18
CA TYR A 339 15.87 16.39 -44.84
C TYR A 339 16.56 15.37 -45.75
N LEU A 340 15.85 14.31 -46.13
CA LEU A 340 16.45 13.25 -46.94
C LEU A 340 16.57 13.64 -48.41
N THR A 341 15.78 14.59 -48.89
CA THR A 341 15.83 15.02 -50.28
C THR A 341 16.53 16.36 -50.45
N LYS A 342 16.00 17.42 -49.82
CA LYS A 342 16.48 18.76 -50.09
C LYS A 342 17.71 19.16 -49.28
N GLU A 343 17.96 18.52 -48.14
CA GLU A 343 19.12 18.84 -47.30
C GLU A 343 20.05 17.66 -47.15
N LYS A 344 20.09 16.77 -48.15
CA LYS A 344 20.85 15.54 -48.03
C LYS A 344 22.36 15.76 -48.03
N ASN A 345 22.83 16.91 -48.49
CA ASN A 345 24.26 17.19 -48.45
C ASN A 345 24.74 17.59 -47.06
N ASN A 346 23.83 17.92 -46.15
CA ASN A 346 24.17 18.32 -44.79
C ASN A 346 23.63 17.38 -43.72
N VAL A 347 22.54 16.67 -43.99
CA VAL A 347 21.90 15.81 -43.00
C VAL A 347 22.43 14.40 -43.13
N GLU A 348 22.85 13.81 -42.01
CA GLU A 348 23.31 12.43 -41.99
C GLU A 348 22.21 11.44 -41.63
N SER A 349 21.41 11.76 -40.62
CA SER A 349 20.37 10.86 -40.15
C SER A 349 19.20 11.65 -39.60
N VAL A 350 18.03 11.03 -39.62
CA VAL A 350 16.82 11.60 -39.02
C VAL A 350 16.15 10.51 -38.21
N PHE A 351 16.01 10.74 -36.91
CA PHE A 351 15.37 9.80 -35.99
C PHE A 351 13.99 10.37 -35.65
N ALA A 352 12.95 9.83 -36.29
CA ALA A 352 11.60 10.34 -36.17
C ALA A 352 10.81 9.51 -35.17
N VAL A 353 10.12 10.19 -34.25
CA VAL A 353 9.32 9.55 -33.22
C VAL A 353 7.89 10.06 -33.31
N ASN A 354 6.94 9.16 -33.54
CA ASN A 354 5.53 9.49 -33.57
C ASN A 354 4.91 9.12 -32.22
N GLY A 355 4.05 10.01 -31.71
CA GLY A 355 3.36 9.78 -30.47
C GLY A 355 4.03 10.36 -29.23
N PHE A 356 5.32 10.66 -29.31
CA PHE A 356 6.03 11.35 -28.25
C PHE A 356 6.50 12.69 -28.78
N GLY A 357 6.45 13.72 -27.94
CA GLY A 357 6.75 15.08 -28.39
C GLY A 357 7.52 15.87 -27.35
N PHE A 358 7.79 17.13 -27.72
CA PHE A 358 8.51 18.04 -26.83
C PHE A 358 7.72 18.27 -25.55
N ALA A 359 6.44 18.61 -25.67
CA ALA A 359 5.59 18.94 -24.53
C ALA A 359 5.06 17.71 -23.80
N GLY A 360 5.55 16.52 -24.12
CA GLY A 360 5.10 15.32 -23.44
C GLY A 360 4.85 14.15 -24.36
N ARG A 361 3.64 13.60 -24.30
CA ARG A 361 3.32 12.35 -24.98
C ARG A 361 1.85 12.36 -25.37
N GLY A 362 1.58 12.04 -26.63
CA GLY A 362 0.22 12.04 -27.13
C GLY A 362 0.19 11.67 -28.60
N GLN A 363 -1.00 11.22 -29.03
CA GLN A 363 -1.14 10.75 -30.41
C GLN A 363 -0.91 11.86 -31.42
N ASN A 364 -1.15 13.12 -31.04
CA ASN A 364 -1.12 14.24 -31.96
C ASN A 364 0.22 15.00 -31.91
N THR A 365 1.28 14.37 -31.44
CA THR A 365 2.57 15.03 -31.31
C THR A 365 3.67 14.13 -31.86
N GLY A 366 4.79 14.77 -32.21
CA GLY A 366 5.93 14.06 -32.77
C GLY A 366 7.19 14.86 -32.57
N ILE A 367 8.31 14.23 -32.92
CA ILE A 367 9.62 14.86 -32.75
C ILE A 367 10.60 14.16 -33.68
N ALA A 368 11.46 14.95 -34.31
CA ALA A 368 12.51 14.44 -35.18
C ALA A 368 13.87 14.89 -34.65
N PHE A 369 14.76 13.94 -34.43
CA PHE A 369 16.14 14.23 -34.06
C PHE A 369 16.99 14.17 -35.32
N VAL A 370 17.65 15.27 -35.64
CA VAL A 370 18.43 15.39 -36.87
C VAL A 370 19.90 15.58 -36.51
N SER A 371 20.75 14.74 -37.07
CA SER A 371 22.20 14.85 -36.92
C SER A 371 22.80 15.24 -38.26
N LEU A 372 23.53 16.34 -38.27
CA LEU A 372 24.21 16.77 -39.48
C LEU A 372 25.48 15.95 -39.68
N LYS A 373 26.01 15.99 -40.90
CA LYS A 373 27.31 15.40 -41.17
C LYS A 373 28.40 16.29 -40.58
N ASP A 374 29.65 15.87 -40.76
CA ASP A 374 30.77 16.51 -40.09
C ASP A 374 30.85 18.00 -40.43
N TRP A 375 31.40 18.76 -39.49
CA TRP A 375 31.63 20.19 -39.69
C TRP A 375 32.48 20.46 -40.91
N ALA A 376 33.41 19.56 -41.23
CA ALA A 376 34.34 19.79 -42.33
C ALA A 376 33.64 19.73 -43.68
N ASP A 377 32.70 18.80 -43.86
CA ASP A 377 32.00 18.63 -45.12
C ASP A 377 30.73 19.45 -45.22
N ARG A 378 30.65 20.57 -44.49
CA ARG A 378 29.57 21.55 -44.64
C ARG A 378 30.15 22.95 -44.69
N PRO A 379 31.03 23.24 -45.64
CA PRO A 379 31.66 24.57 -45.69
C PRO A 379 30.68 25.63 -46.15
N GLY A 380 30.84 26.82 -45.60
CA GLY A 380 29.94 27.91 -45.90
C GLY A 380 28.90 28.10 -44.79
N GLU A 381 28.43 29.34 -44.66
CA GLU A 381 27.54 29.68 -43.55
C GLU A 381 26.10 29.23 -43.79
N GLU A 382 25.66 29.13 -45.05
CA GLU A 382 24.32 28.64 -45.34
C GLU A 382 24.18 27.16 -45.02
N ASN A 383 25.28 26.45 -44.82
CA ASN A 383 25.26 25.06 -44.40
C ASN A 383 25.43 24.90 -42.89
N LYS A 384 25.33 25.99 -42.14
CA LYS A 384 25.47 25.93 -40.69
C LYS A 384 24.11 25.72 -40.03
N VAL A 385 24.15 25.44 -38.72
CA VAL A 385 22.97 24.91 -38.02
C VAL A 385 21.81 25.90 -38.08
N GLU A 386 22.07 27.17 -37.79
CA GLU A 386 20.99 28.15 -37.80
C GLU A 386 20.39 28.29 -39.19
N ALA A 387 21.24 28.32 -40.23
CA ALA A 387 20.73 28.46 -41.59
C ALA A 387 19.90 27.26 -42.01
N ILE A 388 20.31 26.06 -41.60
CA ILE A 388 19.56 24.85 -41.95
C ILE A 388 18.22 24.84 -41.24
N THR A 389 18.21 25.10 -39.94
CA THR A 389 16.96 25.23 -39.21
C THR A 389 16.13 26.39 -39.73
N MET A 390 16.80 27.47 -40.16
CA MET A 390 16.10 28.63 -40.71
C MET A 390 15.32 28.27 -41.96
N ARG A 391 15.95 27.52 -42.88
CA ARG A 391 15.25 27.08 -44.08
C ARG A 391 14.22 26.02 -43.78
N ALA A 392 14.51 25.15 -42.81
CA ALA A 392 13.59 24.06 -42.49
C ALA A 392 12.24 24.60 -42.03
N THR A 393 12.25 25.50 -41.05
CA THR A 393 11.01 26.11 -40.57
C THR A 393 10.31 26.86 -41.68
N ARG A 394 11.07 27.56 -42.52
CA ARG A 394 10.46 28.28 -43.63
C ARG A 394 9.82 27.32 -44.61
N ALA A 395 10.42 26.15 -44.82
CA ALA A 395 9.79 25.15 -45.66
C ALA A 395 8.56 24.55 -44.99
N PHE A 396 8.59 24.41 -43.66
CA PHE A 396 7.46 23.91 -42.91
C PHE A 396 6.44 25.00 -42.56
N SER A 397 6.59 26.20 -43.12
CA SER A 397 5.66 27.28 -42.81
C SER A 397 4.24 26.93 -43.24
N GLN A 398 4.10 26.37 -44.44
CA GLN A 398 2.79 26.24 -45.09
C GLN A 398 2.23 24.83 -44.98
N ILE A 399 2.58 24.11 -43.92
CA ILE A 399 1.97 22.81 -43.65
C ILE A 399 0.65 23.02 -42.94
N LYS A 400 -0.42 22.47 -43.48
CA LYS A 400 -1.76 22.72 -42.96
C LYS A 400 -2.00 21.95 -41.66
N ASP A 401 -2.61 22.63 -40.70
CA ASP A 401 -3.00 22.06 -39.41
C ASP A 401 -1.82 21.37 -38.72
N ALA A 402 -0.75 22.14 -38.52
CA ALA A 402 0.45 21.60 -37.90
C ALA A 402 1.36 22.74 -37.47
N MET A 403 1.93 22.61 -36.27
CA MET A 403 2.95 23.52 -35.78
C MET A 403 4.29 22.79 -35.91
N VAL A 404 5.01 23.10 -36.99
CA VAL A 404 6.25 22.39 -37.33
C VAL A 404 7.38 23.40 -37.39
N PHE A 405 8.24 23.38 -36.37
CA PHE A 405 9.43 24.22 -36.37
C PHE A 405 10.65 23.39 -35.94
N ALA A 406 11.83 23.89 -36.31
CA ALA A 406 13.11 23.27 -36.02
C ALA A 406 14.00 24.27 -35.31
N PHE A 407 14.73 23.80 -34.30
CA PHE A 407 15.52 24.68 -33.45
C PHE A 407 16.74 23.93 -32.95
N ASN A 408 17.82 24.69 -32.67
CA ASN A 408 19.06 24.07 -32.21
C ASN A 408 18.97 23.68 -30.74
N LEU A 409 18.60 24.62 -29.87
CA LEU A 409 18.58 24.41 -28.42
C LEU A 409 19.96 23.99 -27.91
N THR A 419 12.72 37.47 -24.94
CA THR A 419 11.64 38.08 -25.73
C THR A 419 10.27 37.64 -25.22
N GLY A 420 10.06 36.34 -25.16
CA GLY A 420 8.76 35.79 -24.85
C GLY A 420 8.33 36.03 -23.40
N PHE A 421 7.08 35.66 -23.13
CA PHE A 421 6.57 35.63 -21.78
C PHE A 421 5.79 34.34 -21.56
N ASP A 422 5.60 34.00 -20.28
CA ASP A 422 4.95 32.77 -19.86
C ASP A 422 3.81 33.13 -18.92
N PHE A 423 2.57 33.02 -19.41
CA PHE A 423 1.40 33.53 -18.73
C PHE A 423 0.48 32.38 -18.35
N GLU A 424 -0.04 32.42 -17.12
CA GLU A 424 -0.95 31.39 -16.61
C GLU A 424 -2.28 32.03 -16.25
N LEU A 425 -3.37 31.42 -16.72
CA LEU A 425 -4.73 31.89 -16.45
C LEU A 425 -5.37 30.90 -15.48
N ILE A 426 -5.69 31.36 -14.27
CA ILE A 426 -6.04 30.49 -13.16
C ILE A 426 -7.51 30.66 -12.81
N ASP A 427 -8.18 29.53 -12.57
CA ASP A 427 -9.57 29.51 -12.09
C ASP A 427 -9.51 29.57 -10.57
N GLN A 428 -9.68 30.78 -10.02
CA GLN A 428 -9.49 31.02 -8.60
C GLN A 428 -10.78 30.95 -7.79
N ALA A 429 -11.93 30.78 -8.44
CA ALA A 429 -13.20 30.71 -7.72
C ALA A 429 -14.01 29.48 -8.13
N GLY A 430 -13.31 28.43 -8.56
CA GLY A 430 -13.99 27.20 -8.96
C GLY A 430 -15.02 27.39 -10.05
N LEU A 431 -14.71 28.21 -11.05
CA LEU A 431 -15.67 28.50 -12.10
C LEU A 431 -15.91 27.29 -13.00
N GLY A 432 -14.92 26.43 -13.16
CA GLY A 432 -15.04 25.27 -14.02
C GLY A 432 -14.20 25.42 -15.28
N HIS A 433 -13.95 24.28 -15.92
CA HIS A 433 -13.09 24.27 -17.09
C HIS A 433 -13.70 25.03 -18.26
N GLU A 434 -15.02 24.91 -18.44
CA GLU A 434 -15.65 25.54 -19.60
C GLU A 434 -15.62 27.06 -19.50
N LYS A 435 -15.75 27.60 -18.29
CA LYS A 435 -15.70 29.04 -18.13
C LYS A 435 -14.27 29.57 -18.18
N LEU A 436 -13.29 28.75 -17.81
CA LEU A 436 -11.90 29.16 -18.00
C LEU A 436 -11.53 29.19 -19.47
N THR A 437 -12.18 28.35 -20.29
CA THR A 437 -11.95 28.40 -21.73
C THR A 437 -12.41 29.74 -22.31
N GLN A 438 -13.64 30.17 -21.97
CA GLN A 438 -14.16 31.43 -22.47
C GLN A 438 -13.31 32.60 -21.99
N ALA A 439 -12.94 32.60 -20.70
CA ALA A 439 -12.07 33.64 -20.18
C ALA A 439 -10.74 33.66 -20.90
N ARG A 440 -10.28 32.51 -21.39
CA ARG A 440 -9.07 32.47 -22.21
C ARG A 440 -9.32 33.02 -23.61
N ASN A 441 -10.49 32.72 -24.19
CA ASN A 441 -10.79 33.22 -25.52
C ASN A 441 -10.98 34.74 -25.51
N GLN A 442 -11.64 35.26 -24.46
CA GLN A 442 -11.80 36.71 -24.35
C GLN A 442 -10.47 37.41 -24.18
N LEU A 443 -9.51 36.77 -23.50
CA LEU A 443 -8.18 37.35 -23.35
C LEU A 443 -7.38 37.21 -24.64
N LEU A 444 -7.53 36.08 -25.34
CA LEU A 444 -6.83 35.91 -26.61
C LEU A 444 -7.35 36.87 -27.67
N ALA A 445 -8.66 37.17 -27.64
CA ALA A 445 -9.21 38.10 -28.61
C ALA A 445 -8.72 39.52 -28.38
N GLU A 446 -8.66 39.95 -27.11
CA GLU A 446 -8.17 41.28 -26.80
C GLU A 446 -6.67 41.41 -27.08
N ALA A 447 -5.92 40.31 -26.95
CA ALA A 447 -4.50 40.35 -27.27
C ALA A 447 -4.26 40.44 -28.77
N ALA A 448 -5.23 40.04 -29.59
CA ALA A 448 -5.06 40.13 -31.03
C ALA A 448 -5.19 41.56 -31.54
N LYS A 449 -5.94 42.39 -30.82
CA LYS A 449 -6.16 43.78 -31.22
C LYS A 449 -5.00 44.70 -30.84
N HIS A 450 -3.88 44.16 -30.37
CA HIS A 450 -2.73 44.96 -29.95
C HIS A 450 -1.45 44.43 -30.57
N PRO A 451 -1.36 44.40 -31.91
CA PRO A 451 -0.13 43.88 -32.54
C PRO A 451 1.07 44.77 -32.31
N ASP A 452 0.85 46.04 -31.98
CA ASP A 452 1.94 46.94 -31.64
C ASP A 452 2.72 46.47 -30.42
N MET A 453 2.14 45.59 -29.60
CA MET A 453 2.76 45.23 -28.32
C MET A 453 2.89 43.72 -28.18
N LEU A 454 1.82 42.98 -28.48
CA LEU A 454 1.79 41.54 -28.30
C LEU A 454 1.79 40.86 -29.67
N THR A 455 2.67 39.89 -29.84
CA THR A 455 2.83 39.17 -31.12
C THR A 455 2.57 37.69 -30.88
N SER A 456 1.61 37.14 -31.62
CA SER A 456 1.28 35.72 -31.61
C SER A 456 1.03 35.20 -30.20
N VAL A 457 0.00 35.77 -29.56
CA VAL A 457 -0.46 35.28 -28.26
C VAL A 457 -1.36 34.08 -28.51
N ARG A 458 -0.96 32.93 -27.98
CA ARG A 458 -1.66 31.68 -28.25
C ARG A 458 -1.57 30.78 -27.03
N PRO A 459 -2.49 29.84 -26.86
CA PRO A 459 -2.40 28.89 -25.75
C PRO A 459 -1.37 27.81 -26.03
N ASN A 460 -0.93 27.17 -24.95
CA ASN A 460 0.05 26.10 -25.03
C ASN A 460 -0.56 24.71 -24.97
N GLY A 461 -1.81 24.60 -24.53
CA GLY A 461 -2.45 23.31 -24.34
C GLY A 461 -3.25 22.85 -25.55
N LEU A 462 -4.24 22.02 -25.29
CA LEU A 462 -5.08 21.42 -26.31
C LEU A 462 -6.51 21.90 -26.20
N GLU A 463 -7.23 21.83 -27.32
CA GLU A 463 -8.62 22.24 -27.39
C GLU A 463 -9.53 21.05 -27.07
N ASP A 464 -10.71 21.37 -26.53
CA ASP A 464 -11.68 20.33 -26.21
C ASP A 464 -12.13 19.60 -27.48
N THR A 465 -12.23 18.28 -27.39
CA THR A 465 -12.60 17.42 -28.50
C THR A 465 -13.87 16.66 -28.17
N PRO A 466 -14.56 16.13 -29.19
CA PRO A 466 -15.74 15.30 -28.91
C PRO A 466 -15.37 14.09 -28.07
N GLN A 467 -16.29 13.68 -27.20
CA GLN A 467 -16.09 12.51 -26.37
C GLN A 467 -17.43 11.83 -26.11
N PHE A 468 -17.35 10.54 -25.82
CA PHE A 468 -18.50 9.66 -25.70
C PHE A 468 -18.93 9.59 -24.24
N LYS A 469 -20.11 10.14 -23.94
CA LYS A 469 -20.63 10.17 -22.57
C LYS A 469 -21.69 9.09 -22.44
N ILE A 470 -21.36 8.03 -21.71
CA ILE A 470 -22.26 6.90 -21.49
C ILE A 470 -22.83 6.97 -20.08
N ASP A 471 -24.12 6.70 -19.94
CA ASP A 471 -24.84 6.82 -18.68
C ASP A 471 -25.38 5.45 -18.29
N ILE A 472 -25.00 4.98 -17.11
CA ILE A 472 -25.47 3.69 -16.60
C ILE A 472 -26.74 3.93 -15.80
N ASP A 473 -27.84 3.32 -16.23
CA ASP A 473 -29.10 3.40 -15.49
C ASP A 473 -29.02 2.45 -14.30
N GLN A 474 -28.91 3.03 -13.10
CA GLN A 474 -28.78 2.21 -11.90
C GLN A 474 -30.03 1.38 -11.64
N GLU A 475 -31.21 1.93 -11.96
CA GLU A 475 -32.44 1.19 -11.72
C GLU A 475 -32.56 -0.01 -12.64
N LYS A 476 -32.22 0.16 -13.92
CA LYS A 476 -32.28 -0.96 -14.85
C LYS A 476 -31.23 -2.01 -14.52
N ALA A 477 -30.06 -1.59 -14.07
CA ALA A 477 -29.02 -2.54 -13.66
C ALA A 477 -29.47 -3.35 -12.45
N GLN A 478 -29.99 -2.66 -11.43
CA GLN A 478 -30.45 -3.36 -10.23
C GLN A 478 -31.68 -4.22 -10.51
N ALA A 479 -32.54 -3.79 -11.43
CA ALA A 479 -33.72 -4.58 -11.76
C ALA A 479 -33.36 -5.86 -12.48
N LEU A 480 -32.25 -5.86 -13.21
CA LEU A 480 -31.82 -7.03 -13.97
C LEU A 480 -30.86 -7.92 -13.21
N GLY A 481 -30.35 -7.47 -12.06
CA GLY A 481 -29.38 -8.24 -11.32
C GLY A 481 -27.96 -8.09 -11.81
N VAL A 482 -27.67 -7.07 -12.60
CA VAL A 482 -26.33 -6.83 -13.13
C VAL A 482 -25.61 -5.86 -12.19
N SER A 483 -24.47 -6.30 -11.67
CA SER A 483 -23.74 -5.50 -10.69
C SER A 483 -22.97 -4.38 -11.38
N ILE A 484 -22.76 -3.29 -10.63
CA ILE A 484 -22.07 -2.13 -11.19
C ILE A 484 -20.62 -2.45 -11.47
N ASN A 485 -19.98 -3.23 -10.59
CA ASN A 485 -18.58 -3.57 -10.80
C ASN A 485 -18.41 -4.45 -12.04
N ASP A 486 -19.37 -5.33 -12.31
CA ASP A 486 -19.33 -6.13 -13.53
C ASP A 486 -19.45 -5.23 -14.76
N ILE A 487 -20.26 -4.17 -14.67
CA ILE A 487 -20.45 -3.27 -15.79
C ILE A 487 -19.19 -2.46 -16.05
N ASN A 488 -18.70 -1.76 -15.03
CA ASN A 488 -17.55 -0.87 -15.20
C ASN A 488 -16.29 -1.64 -15.56
N THR A 489 -16.14 -2.87 -15.05
CA THR A 489 -14.99 -3.68 -15.42
C THR A 489 -15.09 -4.15 -16.87
N THR A 490 -16.28 -4.56 -17.30
CA THR A 490 -16.48 -5.00 -18.67
C THR A 490 -16.17 -3.87 -19.66
N LEU A 491 -16.80 -2.72 -19.46
CA LEU A 491 -16.61 -1.58 -20.37
C LEU A 491 -15.17 -1.10 -20.33
N GLY A 492 -14.60 -0.96 -19.13
CA GLY A 492 -13.27 -0.40 -19.01
C GLY A 492 -12.17 -1.30 -19.56
N ALA A 493 -12.30 -2.61 -19.33
CA ALA A 493 -11.27 -3.53 -19.79
C ALA A 493 -11.33 -3.76 -21.29
N ALA A 494 -12.54 -3.83 -21.85
CA ALA A 494 -12.68 -4.05 -23.29
C ALA A 494 -12.23 -2.82 -24.08
N TRP A 495 -12.61 -1.63 -23.64
CA TRP A 495 -12.39 -0.42 -24.41
C TRP A 495 -11.14 0.36 -23.99
N GLY A 496 -10.57 0.06 -22.83
CA GLY A 496 -9.39 0.77 -22.39
C GLY A 496 -8.22 -0.13 -22.05
N GLY A 497 -8.49 -1.40 -21.82
CA GLY A 497 -7.46 -2.33 -21.43
C GLY A 497 -7.26 -2.37 -19.93
N SER A 498 -7.00 -3.57 -19.39
CA SER A 498 -6.83 -3.75 -17.96
C SER A 498 -5.56 -4.52 -17.69
N TYR A 499 -4.72 -3.98 -16.82
CA TYR A 499 -3.53 -4.68 -16.33
C TYR A 499 -3.95 -5.68 -15.27
N VAL A 500 -3.67 -6.96 -15.51
CA VAL A 500 -4.15 -8.03 -14.64
C VAL A 500 -3.08 -8.43 -13.65
N ASN A 501 -2.04 -9.12 -14.12
CA ASN A 501 -0.93 -9.51 -13.25
C ASN A 501 0.32 -9.59 -14.11
N ASP A 502 1.34 -10.28 -13.62
CA ASP A 502 2.61 -10.40 -14.31
C ASP A 502 2.79 -11.80 -14.89
N PHE A 503 3.70 -11.90 -15.84
CA PHE A 503 4.14 -13.17 -16.39
C PHE A 503 5.63 -13.07 -16.66
N ILE A 504 6.24 -14.20 -17.05
CA ILE A 504 7.67 -14.29 -17.26
C ILE A 504 7.94 -14.52 -18.74
N ASP A 505 8.61 -13.57 -19.39
CA ASP A 505 8.95 -13.65 -20.80
C ASP A 505 10.46 -13.72 -20.93
N ARG A 506 10.98 -14.91 -21.26
CA ARG A 506 12.42 -15.15 -21.38
C ARG A 506 13.17 -14.69 -20.13
N GLY A 507 12.63 -15.07 -18.97
CA GLY A 507 13.27 -14.79 -17.70
C GLY A 507 13.09 -13.39 -17.16
N ARG A 508 12.16 -12.61 -17.69
CA ARG A 508 11.91 -11.25 -17.23
C ARG A 508 10.43 -11.09 -16.90
N VAL A 509 10.16 -10.35 -15.82
CA VAL A 509 8.78 -10.07 -15.41
C VAL A 509 8.21 -9.00 -16.32
N LYS A 510 7.04 -9.28 -16.91
CA LYS A 510 6.36 -8.33 -17.78
C LYS A 510 4.87 -8.37 -17.47
N LYS A 511 4.15 -7.39 -17.99
CA LYS A 511 2.74 -7.23 -17.66
C LYS A 511 1.86 -8.11 -18.54
N VAL A 512 0.65 -8.39 -18.03
CA VAL A 512 -0.37 -9.10 -18.77
C VAL A 512 -1.56 -8.16 -18.91
N TYR A 513 -1.90 -7.82 -20.15
CA TYR A 513 -2.99 -6.88 -20.42
C TYR A 513 -4.16 -7.61 -21.07
N VAL A 514 -5.37 -7.17 -20.72
CA VAL A 514 -6.60 -7.74 -21.26
C VAL A 514 -7.37 -6.61 -21.95
N MET A 515 -7.72 -6.83 -23.21
CA MET A 515 -8.37 -5.80 -24.00
C MET A 515 -9.15 -6.46 -25.13
N SER A 516 -10.09 -5.71 -25.68
CA SER A 516 -10.84 -6.18 -26.84
C SER A 516 -9.98 -6.16 -28.09
N GLU A 517 -10.24 -7.09 -28.99
CA GLU A 517 -9.63 -7.00 -30.32
C GLU A 517 -10.13 -5.73 -31.00
N ALA A 518 -9.20 -4.96 -31.56
CA ALA A 518 -9.46 -3.67 -32.18
C ALA A 518 -10.77 -3.66 -32.96
N LYS A 519 -11.03 -4.77 -33.66
CA LYS A 519 -12.21 -4.91 -34.51
C LYS A 519 -13.50 -4.50 -33.79
N TYR A 520 -13.60 -4.77 -32.50
CA TYR A 520 -14.86 -4.62 -31.77
C TYR A 520 -14.87 -3.43 -30.82
N ARG A 521 -13.94 -2.49 -30.97
CA ARG A 521 -13.91 -1.29 -30.13
C ARG A 521 -13.56 -0.08 -30.99
N MET A 522 -14.24 0.04 -32.13
CA MET A 522 -13.99 1.14 -33.06
C MET A 522 -15.18 2.06 -33.28
N LEU A 523 -16.41 1.54 -33.25
CA LEU A 523 -17.56 2.36 -33.55
C LEU A 523 -18.57 2.33 -32.42
N PRO A 524 -19.37 3.38 -32.24
CA PRO A 524 -20.31 3.43 -31.11
C PRO A 524 -21.30 2.28 -31.08
N ASP A 525 -21.59 1.66 -32.23
CA ASP A 525 -22.48 0.50 -32.23
C ASP A 525 -21.82 -0.73 -31.61
N ASP A 526 -20.49 -0.74 -31.50
CA ASP A 526 -19.80 -1.87 -30.89
C ASP A 526 -20.04 -1.94 -29.38
N ILE A 527 -20.53 -0.87 -28.77
CA ILE A 527 -20.87 -0.91 -27.35
C ILE A 527 -21.97 -1.93 -27.10
N GLY A 528 -22.99 -1.95 -27.97
CA GLY A 528 -24.12 -2.86 -27.81
C GLY A 528 -23.80 -4.32 -28.05
N ASP A 529 -22.60 -4.64 -28.51
CA ASP A 529 -22.18 -6.02 -28.72
C ASP A 529 -21.50 -6.62 -27.49
N TRP A 530 -21.41 -5.88 -26.39
CA TRP A 530 -20.73 -6.34 -25.18
C TRP A 530 -21.75 -6.72 -24.13
N TYR A 531 -21.62 -7.92 -23.59
CA TYR A 531 -22.59 -8.51 -22.69
C TYR A 531 -22.01 -8.66 -21.29
N VAL A 532 -22.89 -8.60 -20.30
CA VAL A 532 -22.53 -8.81 -18.90
C VAL A 532 -23.53 -9.81 -18.31
N ARG A 533 -23.01 -10.76 -17.53
CA ARG A 533 -23.86 -11.79 -16.95
C ARG A 533 -24.50 -11.30 -15.66
N ALA A 534 -25.81 -11.50 -15.53
CA ALA A 534 -26.54 -11.08 -14.35
C ALA A 534 -26.47 -12.14 -13.27
N ALA A 535 -27.02 -11.82 -12.10
CA ALA A 535 -27.00 -12.75 -10.98
C ALA A 535 -27.78 -14.02 -11.30
N ASP A 536 -28.90 -13.88 -12.03
CA ASP A 536 -29.69 -15.06 -12.39
C ASP A 536 -29.03 -15.89 -13.50
N GLY A 537 -27.96 -15.39 -14.11
CA GLY A 537 -27.23 -16.12 -15.11
C GLY A 537 -27.50 -15.73 -16.55
N GLN A 538 -28.39 -14.78 -16.80
CA GLN A 538 -28.73 -14.38 -18.15
C GLN A 538 -27.78 -13.28 -18.64
N MET A 539 -27.35 -13.42 -19.90
CA MET A 539 -26.49 -12.41 -20.50
C MET A 539 -27.31 -11.17 -20.86
N VAL A 540 -26.78 -10.00 -20.53
CA VAL A 540 -27.48 -8.73 -20.73
C VAL A 540 -26.62 -7.86 -21.63
N PRO A 541 -27.12 -7.40 -22.78
CA PRO A 541 -26.31 -6.53 -23.63
C PRO A 541 -26.16 -5.15 -23.03
N PHE A 542 -25.04 -4.50 -23.36
CA PHE A 542 -24.74 -3.19 -22.79
C PHE A 542 -25.81 -2.16 -23.15
N SER A 543 -26.52 -2.37 -24.27
CA SER A 543 -27.59 -1.45 -24.66
C SER A 543 -28.78 -1.51 -23.71
N ALA A 544 -28.94 -2.59 -22.96
CA ALA A 544 -30.15 -2.77 -22.16
C ALA A 544 -30.19 -1.86 -20.93
N PHE A 545 -29.05 -1.35 -20.48
CA PHE A 545 -29.01 -0.57 -19.24
C PHE A 545 -28.18 0.70 -19.36
N SER A 546 -27.98 1.22 -20.58
CA SER A 546 -27.14 2.39 -20.74
C SER A 546 -27.68 3.27 -21.86
N SER A 547 -27.20 4.50 -21.89
CA SER A 547 -27.52 5.47 -22.93
C SER A 547 -26.29 6.33 -23.16
N SER A 548 -26.24 6.97 -24.34
CA SER A 548 -25.04 7.70 -24.71
C SER A 548 -25.40 8.93 -25.53
N ARG A 549 -24.50 9.91 -25.48
CA ARG A 549 -24.63 11.15 -26.24
C ARG A 549 -23.24 11.72 -26.45
N TRP A 550 -23.11 12.56 -27.48
CA TRP A 550 -21.86 13.22 -27.76
C TRP A 550 -21.74 14.51 -26.96
N GLU A 551 -20.52 14.82 -26.55
CA GLU A 551 -20.23 16.05 -25.83
C GLU A 551 -18.75 16.35 -25.98
N TYR A 552 -18.35 17.54 -25.55
CA TYR A 552 -16.97 17.98 -25.63
C TYR A 552 -16.33 17.98 -24.25
N GLY A 553 -15.01 17.76 -24.22
CA GLY A 553 -14.26 17.70 -22.98
C GLY A 553 -12.78 17.80 -23.23
N SER A 554 -12.03 18.27 -22.24
CA SER A 554 -10.61 18.56 -22.44
C SER A 554 -9.81 17.27 -22.56
N PRO A 555 -8.95 17.15 -23.58
CA PRO A 555 -8.01 16.02 -23.62
C PRO A 555 -6.73 16.26 -22.84
N ARG A 556 -6.58 17.43 -22.23
CA ARG A 556 -5.43 17.72 -21.37
C ARG A 556 -5.82 18.87 -20.46
N LEU A 557 -5.92 18.59 -19.16
CA LEU A 557 -6.30 19.58 -18.17
C LEU A 557 -5.06 20.08 -17.44
N GLU A 558 -4.87 21.40 -17.43
CA GLU A 558 -3.71 22.02 -16.81
C GLU A 558 -4.07 22.56 -15.43
N ARG A 559 -3.08 22.55 -14.54
CA ARG A 559 -3.23 23.11 -13.20
C ARG A 559 -1.94 23.81 -12.82
N TYR A 560 -2.08 24.97 -12.18
CA TYR A 560 -0.94 25.76 -11.73
C TYR A 560 -1.10 26.08 -10.26
N ASN A 561 -0.16 25.63 -9.44
CA ASN A 561 -0.19 25.83 -7.99
C ASN A 561 -1.49 25.32 -7.38
N GLY A 562 -1.94 24.15 -7.87
CA GLY A 562 -3.10 23.48 -7.33
C GLY A 562 -4.41 23.80 -8.00
N LEU A 563 -4.53 24.95 -8.66
CA LEU A 563 -5.81 25.37 -9.22
C LEU A 563 -5.82 25.19 -10.74
N PRO A 564 -7.00 25.00 -11.34
CA PRO A 564 -7.06 24.82 -12.79
C PRO A 564 -6.49 26.03 -13.52
N SER A 565 -5.72 25.75 -14.57
CA SER A 565 -5.01 26.80 -15.28
C SER A 565 -5.03 26.53 -16.78
N MET A 566 -4.63 27.55 -17.53
CA MET A 566 -4.49 27.47 -18.99
C MET A 566 -3.29 28.32 -19.38
N GLU A 567 -2.23 27.66 -19.84
CA GLU A 567 -0.99 28.36 -20.14
C GLU A 567 -1.12 29.14 -21.44
N ILE A 568 -0.67 30.40 -21.41
CA ILE A 568 -0.71 31.29 -22.57
C ILE A 568 0.68 31.85 -22.78
N LEU A 569 1.15 31.84 -24.03
CA LEU A 569 2.50 32.28 -24.35
C LEU A 569 2.49 33.28 -25.50
N GLY A 570 3.40 34.25 -25.42
CA GLY A 570 3.61 35.22 -26.48
C GLY A 570 4.92 35.91 -26.21
N GLN A 571 5.30 36.80 -27.14
CA GLN A 571 6.53 37.55 -27.01
C GLN A 571 6.29 39.03 -27.29
N ALA A 572 7.23 39.85 -26.86
CA ALA A 572 7.09 41.29 -26.99
C ALA A 572 7.28 41.73 -28.44
N ALA A 573 6.68 42.87 -28.77
CA ALA A 573 6.77 43.42 -30.11
C ALA A 573 8.20 43.89 -30.40
N PRO A 574 8.56 44.04 -31.67
CA PRO A 574 9.92 44.48 -32.01
C PRO A 574 10.26 45.83 -31.39
N GLY A 575 11.22 45.83 -30.48
CA GLY A 575 11.74 47.03 -29.88
C GLY A 575 11.28 47.31 -28.47
N LYS A 576 10.12 46.80 -28.08
CA LYS A 576 9.58 47.01 -26.75
C LYS A 576 9.93 45.85 -25.84
N SER A 577 10.27 46.17 -24.60
CA SER A 577 10.77 45.17 -23.66
C SER A 577 9.64 44.27 -23.16
N THR A 578 10.02 43.23 -22.43
CA THR A 578 9.04 42.26 -21.93
C THR A 578 8.17 42.87 -20.84
N GLY A 579 8.74 43.73 -20.00
CA GLY A 579 7.96 44.35 -18.93
C GLY A 579 6.80 45.17 -19.44
N GLU A 580 6.92 45.74 -20.64
CA GLU A 580 5.79 46.45 -21.23
C GLU A 580 4.72 45.48 -21.72
N ALA A 581 5.14 44.39 -22.35
CA ALA A 581 4.17 43.39 -22.80
C ALA A 581 3.50 42.71 -21.60
N MET A 582 4.27 42.42 -20.56
CA MET A 582 3.67 41.85 -19.35
C MET A 582 2.70 42.83 -18.71
N GLU A 583 3.02 44.12 -18.73
CA GLU A 583 2.13 45.12 -18.15
C GLU A 583 0.83 45.21 -18.92
N LEU A 584 0.88 45.07 -20.25
CA LEU A 584 -0.34 45.06 -21.03
C LEU A 584 -1.14 43.79 -20.77
N MET A 585 -0.47 42.64 -20.70
CA MET A 585 -1.16 41.38 -20.41
C MET A 585 -1.84 41.44 -19.04
N GLU A 586 -1.18 42.06 -18.06
CA GLU A 586 -1.79 42.20 -16.74
C GLU A 586 -3.04 43.05 -16.79
N GLN A 587 -3.03 44.11 -17.61
CA GLN A 587 -4.19 44.97 -17.71
C GLN A 587 -5.34 44.30 -18.46
N LEU A 588 -5.02 43.60 -19.56
CA LEU A 588 -6.06 42.86 -20.28
C LEU A 588 -6.67 41.77 -19.40
N ALA A 589 -5.85 41.10 -18.60
CA ALA A 589 -6.34 39.98 -17.80
C ALA A 589 -7.24 40.44 -16.67
N SER A 590 -7.08 41.68 -16.21
CA SER A 590 -7.92 42.19 -15.14
C SER A 590 -9.33 42.55 -15.60
N LYS A 591 -9.57 42.57 -16.92
CA LYS A 591 -10.90 42.83 -17.45
C LYS A 591 -11.73 41.55 -17.64
N LEU A 592 -11.16 40.40 -17.31
CA LEU A 592 -11.84 39.11 -17.45
C LEU A 592 -12.88 38.95 -16.35
N PRO A 593 -13.80 37.98 -16.48
CA PRO A 593 -14.86 37.82 -15.48
C PRO A 593 -14.30 37.58 -14.08
N THR A 594 -15.19 37.75 -13.09
CA THR A 594 -14.80 37.57 -11.70
C THR A 594 -14.47 36.11 -11.42
N GLY A 595 -13.44 35.90 -10.60
CA GLY A 595 -12.96 34.57 -10.29
C GLY A 595 -11.76 34.14 -11.11
N VAL A 596 -11.43 34.84 -12.18
CA VAL A 596 -10.30 34.52 -13.04
C VAL A 596 -9.11 35.36 -12.61
N GLY A 597 -8.01 34.70 -12.26
CA GLY A 597 -6.79 35.38 -11.89
C GLY A 597 -5.66 35.06 -12.85
N TYR A 598 -4.43 35.41 -12.47
CA TYR A 598 -3.28 35.16 -13.33
C TYR A 598 -2.02 35.11 -12.48
N ASP A 599 -0.95 34.63 -13.10
CA ASP A 599 0.37 34.59 -12.49
C ASP A 599 1.40 34.35 -13.58
N TRP A 600 2.63 34.79 -13.34
CA TRP A 600 3.72 34.66 -14.30
C TRP A 600 4.64 33.52 -13.86
N THR A 601 5.01 32.68 -14.82
CA THR A 601 5.80 31.49 -14.55
C THR A 601 6.98 31.42 -15.51
N GLY A 602 7.83 30.41 -15.28
CA GLY A 602 8.90 30.10 -16.22
C GLY A 602 9.84 31.28 -16.43
N MET A 603 9.98 31.68 -17.70
CA MET A 603 10.89 32.76 -18.08
C MET A 603 10.42 34.12 -17.57
N SER A 604 9.17 34.24 -17.13
CA SER A 604 8.62 35.51 -16.67
C SER A 604 8.48 35.57 -15.15
N TYR A 605 9.19 34.71 -14.43
CA TYR A 605 9.08 34.67 -12.98
C TYR A 605 10.27 35.36 -12.31
N ALA B 2 36.57 1.21 1.86
CA ALA B 2 35.65 0.23 1.29
C ALA B 2 34.39 0.90 0.75
N PRO B 3 33.86 0.38 -0.35
CA PRO B 3 32.67 0.99 -0.96
C PRO B 3 31.45 0.76 -0.09
N PRO B 4 30.70 1.83 0.22
CA PRO B 4 29.48 1.66 1.03
C PRO B 4 28.45 0.80 0.31
N ALA B 5 27.76 -0.03 1.08
CA ALA B 5 26.78 -0.96 0.53
C ALA B 5 25.47 -0.83 1.29
N VAL B 6 24.36 -1.00 0.55
CA VAL B 6 23.02 -0.95 1.12
C VAL B 6 22.32 -2.24 0.75
N THR B 7 21.72 -2.90 1.73
CA THR B 7 21.02 -4.16 1.52
C THR B 7 19.53 -3.99 1.77
N ILE B 8 18.73 -4.54 0.86
CA ILE B 8 17.27 -4.61 1.03
C ILE B 8 16.91 -6.03 1.44
N SER B 9 16.04 -6.15 2.43
CA SER B 9 15.62 -7.45 2.93
C SER B 9 14.10 -7.55 2.91
N ALA B 10 13.59 -8.60 2.28
CA ALA B 10 12.17 -8.91 2.30
C ALA B 10 12.01 -10.41 2.48
N SER B 11 10.84 -10.82 2.95
CA SER B 11 10.58 -12.23 3.20
C SER B 11 9.18 -12.58 2.73
N TYR B 12 9.03 -13.84 2.30
CA TYR B 12 7.77 -14.38 1.80
C TYR B 12 7.55 -15.73 2.50
N PRO B 13 6.66 -15.79 3.47
CA PRO B 13 6.49 -17.03 4.25
C PRO B 13 6.00 -18.17 3.37
N GLY B 14 6.75 -19.27 3.37
CA GLY B 14 6.35 -20.47 2.66
C GLY B 14 6.61 -20.47 1.17
N ALA B 15 7.40 -19.52 0.67
CA ALA B 15 7.66 -19.40 -0.76
C ALA B 15 9.03 -19.97 -1.09
N ASP B 16 9.13 -20.56 -2.29
CA ASP B 16 10.38 -21.14 -2.77
C ASP B 16 11.24 -20.05 -3.41
N ALA B 17 12.41 -20.46 -3.90
CA ALA B 17 13.37 -19.49 -4.43
C ALA B 17 12.83 -18.78 -5.67
N LYS B 18 12.29 -19.54 -6.63
CA LYS B 18 11.82 -18.93 -7.87
C LYS B 18 10.59 -18.06 -7.64
N THR B 19 9.64 -18.54 -6.83
CA THR B 19 8.48 -17.72 -6.48
C THR B 19 8.92 -16.38 -5.93
N VAL B 20 9.92 -16.40 -5.07
CA VAL B 20 10.43 -15.19 -4.44
C VAL B 20 11.09 -14.29 -5.48
N GLN B 21 11.92 -14.88 -6.36
CA GLN B 21 12.60 -14.10 -7.37
C GLN B 21 11.64 -13.48 -8.38
N ASP B 22 10.65 -14.26 -8.82
CA ASP B 22 9.78 -13.82 -9.92
C ASP B 22 8.65 -12.93 -9.43
N THR B 23 8.52 -12.75 -8.13
CA THR B 23 7.47 -11.94 -7.57
C THR B 23 8.00 -10.76 -6.79
N VAL B 24 9.17 -10.86 -6.17
CA VAL B 24 9.73 -9.79 -5.34
C VAL B 24 11.01 -9.22 -5.94
N THR B 25 12.02 -10.09 -6.10
CA THR B 25 13.36 -9.62 -6.48
C THR B 25 13.34 -8.82 -7.77
N GLN B 26 12.79 -9.42 -8.84
CA GLN B 26 12.78 -8.76 -10.14
C GLN B 26 12.02 -7.44 -10.10
N VAL B 27 10.91 -7.42 -9.37
CA VAL B 27 10.10 -6.20 -9.30
C VAL B 27 10.86 -5.09 -8.57
N ILE B 28 11.57 -5.44 -7.49
CA ILE B 28 12.36 -4.45 -6.79
C ILE B 28 13.52 -3.99 -7.68
N GLU B 29 14.19 -4.92 -8.36
CA GLU B 29 15.35 -4.58 -9.16
C GLU B 29 14.98 -3.67 -10.32
N GLN B 30 13.83 -3.90 -10.95
CA GLN B 30 13.41 -3.10 -12.09
C GLN B 30 13.03 -1.68 -11.70
N ASN B 31 13.02 -1.35 -10.41
CA ASN B 31 12.69 -0.01 -9.94
C ASN B 31 13.85 0.64 -9.18
N MET B 32 15.06 0.08 -9.28
CA MET B 32 16.24 0.65 -8.63
C MET B 32 16.94 1.69 -9.50
N ASN B 33 16.19 2.45 -10.28
CA ASN B 33 16.74 3.47 -11.17
C ASN B 33 16.62 4.85 -10.51
N GLY B 34 17.38 5.79 -11.05
CA GLY B 34 17.49 7.10 -10.42
C GLY B 34 18.35 7.14 -9.20
N ILE B 35 19.12 6.08 -8.94
CA ILE B 35 20.02 6.02 -7.80
C ILE B 35 21.40 6.48 -8.23
N ASP B 36 21.95 7.45 -7.51
CA ASP B 36 23.24 8.03 -7.89
C ASP B 36 24.39 7.20 -7.37
N ASN B 37 25.48 7.16 -8.15
CA ASN B 37 26.76 6.58 -7.74
C ASN B 37 26.65 5.08 -7.46
N LEU B 38 25.79 4.38 -8.17
CA LEU B 38 25.62 2.94 -7.99
C LEU B 38 26.63 2.20 -8.86
N MET B 39 27.50 1.41 -8.21
CA MET B 39 28.50 0.64 -8.95
C MET B 39 27.91 -0.61 -9.55
N TYR B 40 27.33 -1.48 -8.71
CA TYR B 40 26.67 -2.68 -9.20
C TYR B 40 25.64 -3.12 -8.17
N MET B 41 24.86 -4.14 -8.55
CA MET B 41 23.75 -4.61 -7.74
C MET B 41 23.69 -6.13 -7.80
N SER B 42 23.56 -6.76 -6.63
CA SER B 42 23.48 -8.20 -6.52
C SER B 42 22.31 -8.56 -5.62
N SER B 43 21.79 -9.78 -5.79
CA SER B 43 20.61 -10.21 -5.04
C SER B 43 20.62 -11.72 -4.88
N ASN B 44 19.94 -12.18 -3.83
CA ASN B 44 19.75 -13.60 -3.54
C ASN B 44 18.28 -13.85 -3.26
N SER B 45 17.75 -14.95 -3.81
CA SER B 45 16.38 -15.38 -3.56
C SER B 45 16.42 -16.85 -3.17
N ASP B 46 16.14 -17.15 -1.90
CA ASP B 46 16.34 -18.47 -1.34
C ASP B 46 15.02 -19.17 -1.07
N SER B 47 15.11 -20.49 -0.87
CA SER B 47 13.95 -21.31 -0.57
C SER B 47 13.43 -21.12 0.84
N THR B 48 14.14 -20.36 1.68
CA THR B 48 13.59 -19.92 2.94
C THR B 48 12.47 -18.89 2.75
N GLY B 49 12.31 -18.36 1.54
CA GLY B 49 11.37 -17.29 1.30
C GLY B 49 11.93 -15.91 1.53
N THR B 50 13.23 -15.71 1.32
CA THR B 50 13.93 -14.48 1.69
C THR B 50 14.68 -13.90 0.49
N VAL B 51 14.61 -12.56 0.34
CA VAL B 51 15.43 -11.83 -0.62
C VAL B 51 16.39 -10.92 0.13
N GLN B 52 17.62 -10.83 -0.37
CA GLN B 52 18.56 -9.81 0.08
C GLN B 52 19.21 -9.23 -1.18
N ILE B 53 18.85 -7.99 -1.50
CA ILE B 53 19.43 -7.26 -2.62
C ILE B 53 20.49 -6.32 -2.07
N THR B 54 21.71 -6.45 -2.57
CA THR B 54 22.86 -5.70 -2.08
C THR B 54 23.33 -4.75 -3.18
N LEU B 55 23.21 -3.44 -2.91
CA LEU B 55 23.61 -2.40 -3.84
C LEU B 55 24.90 -1.75 -3.33
N THR B 56 25.96 -1.86 -4.12
CA THR B 56 27.27 -1.34 -3.76
C THR B 56 27.51 -0.03 -4.48
N PHE B 57 27.90 1.00 -3.74
CA PHE B 57 28.06 2.35 -4.27
C PHE B 57 29.54 2.71 -4.36
N GLU B 58 29.83 3.69 -5.21
CA GLU B 58 31.21 4.12 -5.42
C GLU B 58 31.81 4.65 -4.11
N SER B 59 33.14 4.64 -4.06
CA SER B 59 33.84 5.14 -2.88
C SER B 59 33.55 6.63 -2.67
N GLY B 60 33.50 7.03 -1.41
CA GLY B 60 33.20 8.40 -1.07
C GLY B 60 31.74 8.77 -1.09
N THR B 61 30.86 7.84 -1.47
CA THR B 61 29.43 8.12 -1.48
C THR B 61 28.91 8.23 -0.05
N ASP B 62 28.00 9.18 0.17
CA ASP B 62 27.37 9.35 1.47
C ASP B 62 26.37 8.22 1.69
N ALA B 63 26.68 7.31 2.63
CA ALA B 63 25.81 6.16 2.87
C ALA B 63 24.42 6.58 3.30
N ASP B 64 24.29 7.73 3.95
CA ASP B 64 22.97 8.24 4.32
C ASP B 64 22.15 8.57 3.07
N ILE B 65 22.77 9.27 2.10
CA ILE B 65 22.06 9.62 0.87
C ILE B 65 21.71 8.37 0.09
N ALA B 66 22.64 7.42 0.00
CA ALA B 66 22.39 6.18 -0.74
C ALA B 66 21.22 5.42 -0.14
N GLN B 67 21.19 5.27 1.18
CA GLN B 67 20.09 4.58 1.83
C GLN B 67 18.77 5.33 1.62
N VAL B 68 18.79 6.66 1.75
CA VAL B 68 17.58 7.45 1.55
C VAL B 68 17.04 7.26 0.14
N GLN B 69 17.93 7.30 -0.86
CA GLN B 69 17.50 7.15 -2.23
C GLN B 69 16.96 5.74 -2.50
N VAL B 70 17.61 4.73 -1.93
CA VAL B 70 17.13 3.36 -2.09
C VAL B 70 15.84 3.15 -1.30
N GLN B 71 15.77 3.74 -0.10
CA GLN B 71 14.55 3.63 0.69
C GLN B 71 13.35 4.22 -0.06
N ASN B 72 13.56 5.36 -0.71
CA ASN B 72 12.45 6.04 -1.38
C ASN B 72 12.03 5.30 -2.65
N LYS B 73 12.99 4.73 -3.39
CA LYS B 73 12.66 3.98 -4.58
C LYS B 73 11.84 2.74 -4.24
N LEU B 74 12.24 2.02 -3.19
CA LEU B 74 11.50 0.83 -2.78
C LEU B 74 10.11 1.18 -2.26
N GLN B 75 9.96 2.35 -1.62
CA GLN B 75 8.64 2.79 -1.19
C GLN B 75 7.67 2.86 -2.37
N LEU B 76 8.16 3.32 -3.53
CA LEU B 76 7.30 3.37 -4.72
C LEU B 76 7.02 1.99 -5.28
N ALA B 77 7.96 1.06 -5.13
CA ALA B 77 7.75 -0.30 -5.61
C ALA B 77 6.95 -1.16 -4.64
N MET B 78 6.65 -0.66 -3.45
CA MET B 78 5.91 -1.43 -2.47
C MET B 78 4.55 -1.92 -2.98
N PRO B 79 3.71 -1.11 -3.63
CA PRO B 79 2.43 -1.63 -4.11
C PRO B 79 2.54 -2.68 -5.21
N LEU B 80 3.73 -2.85 -5.79
CA LEU B 80 3.94 -3.85 -6.82
C LEU B 80 4.26 -5.23 -6.26
N LEU B 81 4.58 -5.32 -4.97
CA LEU B 81 4.91 -6.54 -4.28
C LEU B 81 3.63 -7.19 -3.74
N PRO B 82 3.67 -8.50 -3.42
CA PRO B 82 2.46 -9.14 -2.91
C PRO B 82 2.16 -8.69 -1.49
N GLN B 83 0.89 -8.85 -1.14
CA GLN B 83 0.44 -8.48 0.20
C GLN B 83 1.21 -9.23 1.28
N GLU B 84 1.54 -10.50 1.03
CA GLU B 84 2.22 -11.30 2.04
C GLU B 84 3.62 -10.74 2.34
N VAL B 85 4.31 -10.25 1.30
CA VAL B 85 5.63 -9.68 1.51
C VAL B 85 5.54 -8.36 2.25
N GLN B 86 4.52 -7.56 1.94
CA GLN B 86 4.34 -6.27 2.62
C GLN B 86 4.03 -6.47 4.09
N GLN B 87 3.15 -7.43 4.42
CA GLN B 87 2.80 -7.68 5.81
C GLN B 87 4.01 -8.08 6.63
N GLN B 88 5.03 -8.65 5.99
CA GLN B 88 6.24 -9.02 6.72
C GLN B 88 7.14 -7.83 7.01
N GLY B 89 6.95 -6.71 6.30
CA GLY B 89 7.80 -5.55 6.47
C GLY B 89 9.15 -5.74 5.82
N VAL B 90 9.56 -4.78 4.99
CA VAL B 90 10.85 -4.82 4.32
C VAL B 90 11.80 -3.90 5.06
N SER B 91 13.10 -4.19 4.95
CA SER B 91 14.13 -3.43 5.64
C SER B 91 15.18 -2.96 4.64
N VAL B 92 15.63 -1.72 4.83
CA VAL B 92 16.74 -1.14 4.08
C VAL B 92 17.77 -0.67 5.09
N GLU B 93 18.98 -1.22 5.02
CA GLU B 93 19.96 -1.01 6.07
C GLU B 93 21.34 -0.75 5.48
N LYS B 94 21.98 0.32 5.94
CA LYS B 94 23.40 0.53 5.71
C LYS B 94 24.16 -0.08 6.89
N SER B 95 25.17 -0.89 6.59
CA SER B 95 25.96 -1.54 7.63
C SER B 95 27.09 -2.32 6.97
N SER B 96 28.06 -2.70 7.80
CA SER B 96 29.13 -3.59 7.38
C SER B 96 28.66 -5.04 7.42
N SER B 97 29.48 -5.93 6.89
CA SER B 97 29.12 -7.34 6.86
C SER B 97 29.39 -8.03 8.20
N SER B 98 30.39 -7.57 8.94
CA SER B 98 30.79 -8.20 10.19
C SER B 98 30.06 -7.59 11.38
N PHE B 99 30.06 -8.32 12.48
CA PHE B 99 29.39 -7.90 13.70
C PHE B 99 30.30 -7.03 14.56
N LEU B 100 29.70 -6.06 15.24
CA LEU B 100 30.45 -5.25 16.19
C LEU B 100 30.58 -5.96 17.54
N MET B 101 29.52 -6.61 17.98
CA MET B 101 29.53 -7.39 19.21
C MET B 101 28.33 -8.33 19.20
N VAL B 102 28.36 -9.29 20.12
CA VAL B 102 27.25 -10.24 20.30
C VAL B 102 26.86 -10.22 21.76
N VAL B 103 25.57 -10.04 22.03
CA VAL B 103 25.03 -10.05 23.38
C VAL B 103 24.31 -11.38 23.58
N GLY B 104 24.92 -12.28 24.34
CA GLY B 104 24.30 -13.56 24.63
C GLY B 104 23.43 -13.51 25.87
N VAL B 105 22.39 -14.35 25.87
CA VAL B 105 21.45 -14.43 26.99
C VAL B 105 21.21 -15.90 27.29
N ILE B 106 21.54 -16.32 28.50
CA ILE B 106 21.33 -17.70 28.93
C ILE B 106 20.41 -17.73 30.13
N ASN B 107 20.09 -18.93 30.62
CA ASN B 107 19.20 -19.10 31.77
C ASN B 107 19.81 -20.17 32.67
N THR B 108 20.42 -19.73 33.78
CA THR B 108 21.07 -20.67 34.69
C THR B 108 20.04 -21.55 35.40
N ASP B 109 18.89 -20.97 35.75
CA ASP B 109 17.85 -21.75 36.45
C ASP B 109 17.35 -22.90 35.61
N GLY B 110 17.31 -22.73 34.29
CA GLY B 110 16.68 -23.73 33.45
C GLY B 110 15.17 -23.67 33.46
N THR B 111 14.59 -22.56 33.89
CA THR B 111 13.14 -22.40 33.80
C THR B 111 12.70 -21.96 32.41
N MET B 112 13.60 -21.40 31.62
CA MET B 112 13.30 -20.94 30.27
C MET B 112 14.11 -21.75 29.26
N THR B 113 13.42 -22.31 28.27
CA THR B 113 14.08 -23.06 27.22
C THR B 113 14.65 -22.11 26.17
N GLN B 114 15.31 -22.67 25.16
CA GLN B 114 15.86 -21.87 24.08
C GLN B 114 14.78 -21.01 23.44
N GLU B 115 13.57 -21.55 23.29
CA GLU B 115 12.50 -20.82 22.62
C GLU B 115 12.03 -19.64 23.46
N ASP B 116 11.92 -19.83 24.77
CA ASP B 116 11.45 -18.74 25.63
C ASP B 116 12.50 -17.64 25.76
N ILE B 117 13.77 -18.02 25.89
CA ILE B 117 14.84 -17.02 25.99
C ILE B 117 14.83 -16.13 24.75
N SER B 118 14.67 -16.72 23.57
CA SER B 118 14.62 -15.94 22.34
C SER B 118 13.44 -14.98 22.33
N ASP B 119 12.27 -15.44 22.79
CA ASP B 119 11.10 -14.57 22.82
C ASP B 119 11.28 -13.42 23.79
N TYR B 120 11.92 -13.67 24.94
CA TYR B 120 12.13 -12.58 25.89
C TYR B 120 13.06 -11.53 25.32
N VAL B 121 14.14 -11.95 24.67
CA VAL B 121 15.10 -10.98 24.14
C VAL B 121 14.47 -10.14 23.04
N ALA B 122 13.63 -10.76 22.22
CA ALA B 122 12.94 -10.02 21.17
C ALA B 122 11.88 -9.10 21.76
N ALA B 123 11.10 -9.58 22.72
CA ALA B 123 9.99 -8.81 23.27
C ALA B 123 10.41 -7.76 24.28
N ASN B 124 11.64 -7.82 24.80
CA ASN B 124 12.04 -6.91 25.87
C ASN B 124 13.41 -6.30 25.70
N MET B 125 14.19 -6.69 24.71
CA MET B 125 15.55 -6.16 24.57
C MET B 125 15.85 -5.66 23.16
N LYS B 126 15.31 -6.30 22.13
CA LYS B 126 15.74 -6.04 20.77
C LYS B 126 15.42 -4.61 20.35
N ASP B 127 14.19 -4.16 20.57
CA ASP B 127 13.76 -2.87 20.06
C ASP B 127 14.54 -1.72 20.70
N ALA B 128 14.82 -1.81 22.00
CA ALA B 128 15.56 -0.74 22.66
C ALA B 128 17.01 -0.72 22.21
N ILE B 129 17.61 -1.90 22.02
CA ILE B 129 18.95 -1.95 21.44
C ILE B 129 18.92 -1.47 19.99
N SER B 130 17.79 -1.67 19.30
CA SER B 130 17.68 -1.25 17.92
C SER B 130 17.77 0.26 17.78
N ARG B 131 17.20 1.00 18.73
CA ARG B 131 17.18 2.45 18.69
C ARG B 131 18.43 3.10 19.26
N THR B 132 19.39 2.30 19.70
CA THR B 132 20.60 2.83 20.33
C THR B 132 21.51 3.48 19.29
N SER B 133 22.30 4.45 19.75
CA SER B 133 23.16 5.35 18.97
C SER B 133 23.52 4.87 17.56
N GLY B 134 24.53 4.02 17.44
CA GLY B 134 25.05 3.67 16.13
C GLY B 134 24.92 2.20 15.73
N VAL B 135 23.83 1.56 16.12
CA VAL B 135 23.60 0.16 15.81
C VAL B 135 22.76 0.06 14.54
N GLY B 136 23.36 -0.41 13.46
CA GLY B 136 22.71 -0.48 12.18
C GLY B 136 21.84 -1.69 11.97
N ASP B 137 22.36 -2.88 12.24
CA ASP B 137 21.64 -4.13 12.03
C ASP B 137 21.65 -4.96 13.30
N VAL B 138 20.47 -5.35 13.75
CA VAL B 138 20.31 -6.23 14.91
C VAL B 138 19.76 -7.56 14.42
N GLN B 139 20.50 -8.63 14.69
CA GLN B 139 20.14 -9.98 14.26
C GLN B 139 19.77 -10.81 15.48
N LEU B 140 18.52 -11.26 15.55
CA LEU B 140 18.05 -12.08 16.66
C LEU B 140 18.37 -13.54 16.37
N PHE B 141 19.13 -14.16 17.27
CA PHE B 141 19.50 -15.58 17.15
C PHE B 141 18.38 -16.40 17.78
N GLY B 142 17.28 -16.49 17.05
CA GLY B 142 16.06 -17.08 17.54
C GLY B 142 14.88 -16.40 16.88
N SER B 143 13.70 -16.53 17.50
CA SER B 143 12.51 -15.92 16.94
C SER B 143 11.58 -15.48 18.06
N GLN B 144 10.99 -14.30 17.88
CA GLN B 144 9.94 -13.84 18.79
C GLN B 144 8.76 -14.79 18.71
N TYR B 145 8.10 -14.99 19.85
CA TYR B 145 6.93 -15.85 19.89
C TYR B 145 5.84 -15.35 18.95
N ALA B 146 5.02 -16.28 18.48
CA ALA B 146 3.81 -15.97 17.74
C ALA B 146 2.73 -16.92 18.20
N MET B 147 1.48 -16.49 18.09
CA MET B 147 0.36 -17.38 18.40
C MET B 147 0.29 -18.43 17.30
N ARG B 148 0.79 -19.63 17.59
CA ARG B 148 0.88 -20.70 16.61
C ARG B 148 -0.39 -21.54 16.66
N ILE B 149 -1.07 -21.65 15.52
CA ILE B 149 -2.21 -22.53 15.35
C ILE B 149 -1.73 -23.74 14.56
N TRP B 150 -1.66 -24.90 15.20
CA TRP B 150 -1.16 -26.12 14.57
C TRP B 150 -2.35 -26.96 14.14
N MET B 151 -2.76 -26.79 12.89
CA MET B 151 -3.97 -27.44 12.39
C MET B 151 -3.77 -28.94 12.23
N ASN B 152 -4.86 -29.67 12.45
CA ASN B 152 -4.92 -31.12 12.22
C ASN B 152 -5.87 -31.39 11.07
N PRO B 153 -5.41 -31.97 9.96
CA PRO B 153 -6.31 -32.14 8.80
C PRO B 153 -7.39 -33.17 9.01
N ASN B 154 -7.16 -34.16 9.87
CA ASN B 154 -8.18 -35.18 10.11
C ASN B 154 -9.39 -34.60 10.85
N GLU B 155 -9.14 -33.70 11.79
CA GLU B 155 -10.24 -33.07 12.52
C GLU B 155 -10.96 -32.05 11.65
N LEU B 156 -10.22 -31.31 10.82
CA LEU B 156 -10.84 -30.35 9.92
C LEU B 156 -11.78 -31.05 8.94
N ASN B 157 -11.37 -32.20 8.42
CA ASN B 157 -12.22 -32.96 7.51
C ASN B 157 -13.44 -33.53 8.24
N LYS B 158 -13.33 -33.79 9.54
CA LYS B 158 -14.45 -34.33 10.29
C LYS B 158 -15.56 -33.30 10.47
N PHE B 159 -15.21 -32.02 10.50
CA PHE B 159 -16.18 -30.94 10.66
C PHE B 159 -16.38 -30.15 9.37
N GLN B 160 -15.94 -30.71 8.24
CA GLN B 160 -16.13 -30.08 6.92
C GLN B 160 -15.53 -28.68 6.88
N LEU B 161 -14.30 -28.56 7.34
CA LEU B 161 -13.62 -27.27 7.43
C LEU B 161 -12.25 -27.36 6.77
N THR B 162 -11.77 -26.20 6.31
CA THR B 162 -10.49 -26.04 5.63
C THR B 162 -9.71 -24.93 6.30
N PRO B 163 -8.40 -24.84 6.06
CA PRO B 163 -7.64 -23.70 6.59
C PRO B 163 -8.20 -22.35 6.21
N VAL B 164 -8.95 -22.25 5.11
CA VAL B 164 -9.61 -21.00 4.75
C VAL B 164 -10.59 -20.60 5.84
N ASP B 165 -11.35 -21.56 6.36
CA ASP B 165 -12.29 -21.28 7.45
C ASP B 165 -11.55 -20.86 8.71
N VAL B 166 -10.40 -21.49 8.98
CA VAL B 166 -9.61 -21.13 10.15
C VAL B 166 -9.11 -19.70 10.03
N ILE B 167 -8.52 -19.37 8.88
CA ILE B 167 -7.99 -18.01 8.68
C ILE B 167 -9.11 -16.98 8.71
N THR B 168 -10.26 -17.32 8.11
CA THR B 168 -11.39 -16.40 8.13
C THR B 168 -11.89 -16.15 9.55
N ALA B 169 -12.00 -17.22 10.36
CA ALA B 169 -12.52 -17.07 11.70
C ALA B 169 -11.55 -16.36 12.62
N ILE B 170 -10.24 -16.55 12.42
CA ILE B 170 -9.25 -15.87 13.25
C ILE B 170 -9.27 -14.37 12.97
N LYS B 171 -9.44 -13.98 11.70
CA LYS B 171 -9.51 -12.56 11.37
C LYS B 171 -10.79 -11.93 11.91
N ALA B 172 -11.86 -12.71 12.06
CA ALA B 172 -13.12 -12.17 12.53
C ALA B 172 -13.15 -12.06 14.06
N GLN B 173 -12.58 -13.03 14.75
CA GLN B 173 -12.69 -13.11 16.21
C GLN B 173 -11.42 -12.71 16.94
N ASN B 174 -10.36 -12.34 16.22
CA ASN B 174 -9.18 -11.72 16.80
C ASN B 174 -9.02 -10.34 16.16
N ALA B 175 -9.98 -9.45 16.42
CA ALA B 175 -10.04 -8.15 15.79
C ALA B 175 -9.97 -7.05 16.84
N GLN B 176 -9.45 -5.90 16.42
CA GLN B 176 -9.43 -4.68 17.23
C GLN B 176 -10.39 -3.70 16.56
N VAL B 177 -11.59 -3.59 17.11
CA VAL B 177 -12.72 -2.92 16.45
C VAL B 177 -12.81 -1.49 16.94
N ALA B 178 -12.83 -0.55 16.00
CA ALA B 178 -13.13 0.85 16.28
C ALA B 178 -14.65 1.02 16.24
N ALA B 179 -15.24 1.29 17.40
CA ALA B 179 -16.70 1.31 17.52
C ALA B 179 -17.28 2.68 17.85
N GLY B 180 -16.45 3.72 17.95
CA GLY B 180 -16.98 5.05 18.16
C GLY B 180 -17.25 5.36 19.63
N GLN B 181 -18.16 6.30 19.86
CA GLN B 181 -18.50 6.76 21.20
C GLN B 181 -20.00 6.96 21.32
N LEU B 182 -20.48 6.93 22.56
CA LEU B 182 -21.82 7.40 22.89
C LEU B 182 -21.74 8.87 23.27
N GLY B 183 -22.67 9.66 22.75
CA GLY B 183 -22.61 11.10 22.96
C GLY B 183 -21.41 11.75 22.31
N GLY B 184 -20.93 11.19 21.20
CA GLY B 184 -19.81 11.76 20.49
C GLY B 184 -20.20 12.93 19.61
N THR B 185 -19.19 13.63 19.12
CA THR B 185 -19.40 14.81 18.31
C THR B 185 -19.75 14.42 16.86
N PRO B 186 -20.71 15.12 16.24
CA PRO B 186 -21.54 16.18 16.83
C PRO B 186 -22.67 15.63 17.70
N PRO B 187 -22.85 16.21 18.90
CA PRO B 187 -23.84 15.67 19.84
C PRO B 187 -25.13 16.45 19.88
N VAL B 188 -26.24 15.77 20.21
CA VAL B 188 -27.48 16.47 20.46
C VAL B 188 -27.35 17.31 21.72
N LYS B 189 -27.96 18.49 21.73
CA LYS B 189 -27.84 19.37 22.88
C LYS B 189 -28.63 18.82 24.06
N GLY B 190 -28.11 19.04 25.26
CA GLY B 190 -28.63 18.40 26.44
C GLY B 190 -28.01 17.06 26.76
N GLN B 191 -26.99 16.66 26.02
CA GLN B 191 -26.32 15.38 26.23
C GLN B 191 -25.34 15.51 27.39
N GLN B 192 -25.50 14.64 28.40
CA GLN B 192 -24.66 14.67 29.58
C GLN B 192 -23.67 13.51 29.66
N LEU B 193 -23.80 12.51 28.79
CA LEU B 193 -22.98 11.31 28.85
C LEU B 193 -22.06 11.24 27.63
N ASN B 194 -20.78 10.99 27.88
CA ASN B 194 -19.80 10.74 26.83
C ASN B 194 -18.93 9.58 27.26
N ALA B 195 -18.96 8.50 26.50
CA ALA B 195 -18.22 7.30 26.84
C ALA B 195 -17.80 6.57 25.58
N SER B 196 -16.58 6.04 25.58
CA SER B 196 -16.09 5.28 24.44
C SER B 196 -16.74 3.90 24.41
N ILE B 197 -17.10 3.45 23.21
CA ILE B 197 -17.62 2.10 23.01
C ILE B 197 -16.44 1.18 22.73
N ILE B 198 -16.40 0.05 23.42
CA ILE B 198 -15.36 -0.95 23.23
C ILE B 198 -16.03 -2.22 22.76
N ALA B 199 -15.76 -2.60 21.51
CA ALA B 199 -16.23 -3.88 20.99
C ALA B 199 -15.17 -4.95 21.24
N GLN B 200 -14.82 -5.71 20.21
CA GLN B 200 -13.86 -6.79 20.37
C GLN B 200 -12.44 -6.26 20.47
N THR B 201 -11.68 -6.82 21.39
CA THR B 201 -10.26 -6.54 21.56
C THR B 201 -9.47 -7.76 21.09
N ARG B 202 -8.26 -7.52 20.60
CA ARG B 202 -7.39 -8.62 20.18
C ARG B 202 -7.16 -9.58 21.35
N LEU B 203 -7.04 -10.86 21.01
CA LEU B 203 -6.86 -11.89 22.02
C LEU B 203 -5.46 -11.84 22.61
N THR B 204 -5.33 -12.37 23.83
CA THR B 204 -4.09 -12.28 24.58
C THR B 204 -3.54 -13.61 25.05
N SER B 205 -4.24 -14.72 24.80
CA SER B 205 -3.84 -15.99 25.38
C SER B 205 -4.28 -17.13 24.47
N THR B 206 -3.58 -18.27 24.60
CA THR B 206 -3.99 -19.46 23.88
C THR B 206 -5.38 -19.91 24.27
N GLU B 207 -5.77 -19.67 25.53
CA GLU B 207 -7.12 -19.98 25.96
C GLU B 207 -8.17 -19.24 25.13
N GLU B 208 -7.93 -17.96 24.88
CA GLU B 208 -8.87 -17.17 24.10
C GLU B 208 -8.94 -17.66 22.65
N PHE B 209 -7.78 -17.93 22.05
CA PHE B 209 -7.76 -18.46 20.69
C PHE B 209 -8.43 -19.82 20.61
N GLY B 210 -8.31 -20.63 21.66
CA GLY B 210 -8.89 -21.96 21.64
C GLY B 210 -10.39 -21.98 21.53
N LYS B 211 -11.07 -21.00 22.14
CA LYS B 211 -12.52 -20.94 22.11
C LYS B 211 -13.05 -20.07 20.97
N ILE B 212 -12.22 -19.80 19.96
CA ILE B 212 -12.72 -19.18 18.74
C ILE B 212 -13.71 -20.13 18.09
N LEU B 213 -14.96 -19.69 17.93
CA LEU B 213 -16.01 -20.54 17.40
C LEU B 213 -15.90 -20.60 15.88
N LEU B 214 -15.57 -21.77 15.35
CA LEU B 214 -15.45 -21.93 13.90
C LEU B 214 -16.81 -22.11 13.25
N LYS B 215 -17.67 -22.94 13.82
CA LYS B 215 -19.02 -23.17 13.32
C LYS B 215 -19.81 -23.95 14.36
N VAL B 216 -21.13 -23.89 14.24
CA VAL B 216 -22.03 -24.67 15.07
C VAL B 216 -22.72 -25.69 14.18
N ASN B 217 -22.78 -26.93 14.66
CA ASN B 217 -23.33 -28.02 13.87
C ASN B 217 -24.86 -27.94 13.85
N GLN B 218 -25.48 -28.84 13.09
CA GLN B 218 -26.93 -28.83 12.95
C GLN B 218 -27.66 -29.37 14.19
N ASP B 219 -26.95 -30.04 15.10
CA ASP B 219 -27.53 -30.55 16.32
C ASP B 219 -27.26 -29.65 17.52
N GLY B 220 -26.59 -28.51 17.32
CA GLY B 220 -26.35 -27.55 18.36
C GLY B 220 -24.93 -27.53 18.89
N SER B 221 -24.21 -28.65 18.77
CA SER B 221 -22.83 -28.70 19.26
C SER B 221 -21.97 -27.73 18.46
N ARG B 222 -20.93 -27.20 19.12
CA ARG B 222 -20.10 -26.15 18.57
C ARG B 222 -18.67 -26.64 18.35
N VAL B 223 -18.06 -26.18 17.27
CA VAL B 223 -16.70 -26.55 16.89
C VAL B 223 -15.79 -25.37 17.20
N LEU B 224 -14.93 -25.52 18.20
CA LEU B 224 -13.97 -24.49 18.56
C LEU B 224 -12.66 -24.69 17.82
N LEU B 225 -11.82 -23.66 17.83
CA LEU B 225 -10.54 -23.74 17.14
C LEU B 225 -9.62 -24.78 17.77
N ARG B 226 -9.76 -25.02 19.08
CA ARG B 226 -8.97 -26.05 19.72
C ARG B 226 -9.44 -27.45 19.39
N ASP B 227 -10.64 -27.59 18.82
CA ASP B 227 -11.12 -28.90 18.39
C ASP B 227 -10.50 -29.34 17.07
N VAL B 228 -9.89 -28.43 16.33
CA VAL B 228 -9.25 -28.74 15.05
C VAL B 228 -7.76 -28.42 15.04
N ALA B 229 -7.22 -27.89 16.13
CA ALA B 229 -5.83 -27.49 16.15
C ALA B 229 -5.32 -27.44 17.58
N LYS B 230 -4.00 -27.46 17.71
CA LYS B 230 -3.32 -27.25 18.98
C LYS B 230 -2.85 -25.80 19.06
N ILE B 231 -3.24 -25.10 20.12
CA ILE B 231 -2.97 -23.68 20.28
C ILE B 231 -1.83 -23.52 21.27
N GLU B 232 -0.66 -23.12 20.77
CA GLU B 232 0.51 -22.93 21.61
C GLU B 232 1.22 -21.65 21.18
N LEU B 233 2.07 -21.14 22.08
CA LEU B 233 3.01 -20.09 21.72
C LEU B 233 4.24 -20.70 21.07
N GLY B 234 4.73 -20.06 20.02
CA GLY B 234 5.91 -20.54 19.33
C GLY B 234 6.47 -19.46 18.44
N GLY B 235 7.68 -19.72 17.94
CA GLY B 235 8.39 -18.72 17.17
C GLY B 235 7.76 -18.46 15.82
N GLU B 236 7.96 -17.24 15.33
CA GLU B 236 7.57 -16.92 13.96
C GLU B 236 8.22 -17.86 12.97
N ASN B 237 9.51 -18.15 13.18
CA ASN B 237 10.23 -19.16 12.42
C ASN B 237 10.99 -20.04 13.39
N TYR B 238 11.33 -21.25 12.94
CA TYR B 238 12.15 -22.18 13.71
C TYR B 238 13.50 -22.40 13.04
N ASP B 239 13.98 -21.39 12.31
CA ASP B 239 15.16 -21.57 11.46
C ASP B 239 16.46 -21.52 12.25
N ILE B 240 16.54 -20.64 13.25
CA ILE B 240 17.79 -20.34 13.93
C ILE B 240 17.66 -20.66 15.41
N ILE B 241 18.60 -21.45 15.92
CA ILE B 241 18.73 -21.74 17.34
C ILE B 241 20.19 -21.62 17.71
N ALA B 242 20.46 -21.27 18.97
CA ALA B 242 21.79 -20.94 19.43
C ALA B 242 22.12 -21.70 20.71
N GLU B 243 23.41 -21.68 21.07
CA GLU B 243 23.90 -22.34 22.27
C GLU B 243 25.16 -21.62 22.76
N PHE B 244 25.26 -21.44 24.06
CA PHE B 244 26.42 -20.79 24.71
C PHE B 244 27.11 -21.82 25.57
N ASN B 245 28.34 -22.20 25.19
CA ASN B 245 29.09 -23.25 25.88
C ASN B 245 28.25 -24.51 26.01
N GLY B 246 27.57 -24.88 24.92
CA GLY B 246 26.81 -26.10 24.86
C GLY B 246 25.49 -26.11 25.59
N GLN B 247 25.06 -24.98 26.13
CA GLN B 247 23.80 -24.90 26.86
C GLN B 247 22.85 -23.92 26.16
N PRO B 248 21.54 -24.06 26.39
CA PRO B 248 20.57 -23.24 25.65
C PRO B 248 20.85 -21.75 25.79
N ALA B 249 20.65 -21.02 24.70
CA ALA B 249 20.98 -19.60 24.67
C ALA B 249 20.24 -18.93 23.52
N SER B 250 20.09 -17.61 23.65
CA SER B 250 19.68 -16.72 22.57
C SER B 250 20.65 -15.55 22.56
N GLY B 251 20.40 -14.58 21.69
CA GLY B 251 21.29 -13.43 21.64
C GLY B 251 20.90 -12.46 20.55
N LEU B 252 21.77 -11.45 20.40
CA LEU B 252 21.58 -10.40 19.40
C LEU B 252 22.90 -10.15 18.71
N GLY B 253 22.90 -10.23 17.38
CA GLY B 253 24.04 -9.84 16.58
C GLY B 253 24.03 -8.36 16.29
N ILE B 254 25.08 -7.65 16.71
CA ILE B 254 25.11 -6.20 16.69
C ILE B 254 26.08 -5.76 15.60
N LYS B 255 25.56 -5.12 14.56
CA LYS B 255 26.37 -4.57 13.49
C LYS B 255 26.46 -3.06 13.61
N LEU B 256 27.64 -2.52 13.32
CA LEU B 256 27.87 -1.09 13.42
C LEU B 256 27.33 -0.39 12.18
N ALA B 257 26.54 0.67 12.39
CA ALA B 257 26.07 1.48 11.28
C ALA B 257 27.25 2.21 10.64
N THR B 258 27.26 2.22 9.32
CA THR B 258 28.39 2.78 8.58
C THR B 258 28.62 4.24 8.95
N GLY B 259 29.83 4.55 9.40
CA GLY B 259 30.20 5.90 9.82
C GLY B 259 30.13 6.13 11.31
N ALA B 260 29.54 5.22 12.08
CA ALA B 260 29.43 5.39 13.51
C ALA B 260 30.72 5.01 14.21
N ASN B 261 30.94 5.59 15.39
CA ASN B 261 32.11 5.25 16.19
C ASN B 261 31.94 3.85 16.77
N ALA B 262 33.03 3.10 16.79
CA ALA B 262 32.96 1.70 17.19
C ALA B 262 32.78 1.55 18.70
N LEU B 263 33.65 2.18 19.49
CA LEU B 263 33.61 1.93 20.94
C LEU B 263 32.42 2.62 21.58
N ASP B 264 32.26 3.93 21.35
CA ASP B 264 31.19 4.66 22.02
C ASP B 264 29.83 4.06 21.73
N THR B 265 29.62 3.54 20.52
CA THR B 265 28.46 2.69 20.32
C THR B 265 28.44 1.58 21.37
N ALA B 266 29.44 0.70 21.35
CA ALA B 266 29.48 -0.45 22.26
C ALA B 266 29.09 -0.10 23.70
N ALA B 267 29.68 0.97 24.24
CA ALA B 267 29.33 1.38 25.60
C ALA B 267 27.86 1.76 25.72
N ALA B 268 27.28 2.32 24.66
CA ALA B 268 25.86 2.64 24.70
C ALA B 268 25.00 1.38 24.74
N ILE B 269 25.35 0.34 23.97
CA ILE B 269 24.67 -0.94 24.11
C ILE B 269 24.81 -1.45 25.54
N ARG B 270 26.03 -1.38 26.08
CA ARG B 270 26.25 -1.82 27.46
C ARG B 270 25.45 -0.97 28.44
N ALA B 271 25.23 0.30 28.13
CA ALA B 271 24.44 1.15 29.01
C ALA B 271 22.98 0.73 29.00
N GLU B 272 22.39 0.56 27.81
CA GLU B 272 21.00 0.14 27.72
C GLU B 272 20.79 -1.25 28.32
N LEU B 273 21.80 -2.14 28.18
CA LEU B 273 21.69 -3.46 28.78
C LEU B 273 21.57 -3.39 30.29
N ALA B 274 22.25 -2.41 30.91
CA ALA B 274 22.15 -2.25 32.35
C ALA B 274 20.75 -1.82 32.78
N LYS B 275 20.05 -1.06 31.94
CA LYS B 275 18.68 -0.68 32.25
C LYS B 275 17.73 -1.87 32.24
N MET B 276 18.07 -2.95 31.52
CA MET B 276 17.20 -4.11 31.39
C MET B 276 17.41 -5.15 32.48
N GLU B 277 18.66 -5.33 32.92
CA GLU B 277 18.99 -6.41 33.84
C GLU B 277 18.14 -6.46 35.12
N PRO B 278 17.81 -5.34 35.78
CA PRO B 278 17.01 -5.46 37.02
C PRO B 278 15.66 -6.12 36.84
N PHE B 279 15.08 -6.08 35.64
CA PHE B 279 13.75 -6.62 35.41
C PHE B 279 13.77 -7.95 34.65
N PHE B 280 14.93 -8.59 34.59
CA PHE B 280 14.99 -9.94 34.05
C PHE B 280 14.26 -10.91 34.98
N PRO B 281 13.64 -11.94 34.43
CA PRO B 281 13.15 -13.04 35.28
C PRO B 281 14.31 -13.75 35.95
N SER B 282 13.97 -14.60 36.91
CA SER B 282 15.00 -15.33 37.64
C SER B 282 15.74 -16.28 36.72
N GLY B 283 17.06 -16.29 36.83
CA GLY B 283 17.92 -17.15 36.06
C GLY B 283 18.51 -16.51 34.82
N LEU B 284 17.84 -15.51 34.25
CA LEU B 284 18.34 -14.86 33.05
C LEU B 284 19.61 -14.09 33.35
N LYS B 285 20.57 -14.16 32.43
CA LYS B 285 21.89 -13.58 32.64
C LYS B 285 22.47 -13.18 31.29
N ILE B 286 23.17 -12.06 31.27
CA ILE B 286 23.78 -11.54 30.04
C ILE B 286 25.25 -11.92 30.02
N VAL B 287 25.66 -12.58 28.94
CA VAL B 287 27.07 -12.91 28.69
C VAL B 287 27.50 -12.22 27.42
N TYR B 288 28.80 -11.95 27.31
CA TYR B 288 29.38 -11.17 26.21
C TYR B 288 30.38 -12.05 25.46
N PRO B 289 29.89 -12.91 24.55
CA PRO B 289 30.78 -13.88 23.89
C PRO B 289 31.62 -13.32 22.76
N TYR B 290 31.29 -12.15 22.22
CA TYR B 290 32.01 -11.60 21.07
C TYR B 290 32.13 -10.09 21.25
N ASP B 291 33.34 -9.60 21.52
CA ASP B 291 33.61 -8.18 21.72
C ASP B 291 34.78 -7.78 20.83
N THR B 292 34.51 -6.94 19.84
CA THR B 292 35.56 -6.45 18.95
C THR B 292 36.13 -5.13 19.46
N GLN B 310 42.35 -9.36 18.09
CA GLN B 310 42.80 -10.13 19.25
C GLN B 310 41.68 -10.34 20.24
N GLY B 311 41.68 -11.50 20.90
CA GLY B 311 40.70 -11.79 21.93
C GLY B 311 39.57 -12.68 21.46
N VAL B 312 39.12 -12.51 20.22
CA VAL B 312 38.00 -13.27 19.67
C VAL B 312 38.30 -13.67 18.24
N PHE B 313 37.58 -14.69 17.78
CA PHE B 313 37.55 -15.05 16.37
C PHE B 313 36.27 -15.83 16.11
N MET B 314 36.03 -16.10 14.83
CA MET B 314 34.82 -16.78 14.40
C MET B 314 35.17 -18.09 13.69
N THR B 315 34.18 -18.96 13.56
CA THR B 315 34.34 -20.22 12.85
C THR B 315 33.12 -20.42 11.95
N MET B 316 33.33 -20.41 10.65
CA MET B 316 32.23 -20.59 9.70
C MET B 316 32.00 -22.07 9.43
N VAL B 317 30.73 -22.44 9.31
CA VAL B 317 30.31 -23.81 9.01
C VAL B 317 29.27 -23.74 7.91
N GLN B 318 29.59 -24.30 6.74
CA GLN B 318 28.69 -24.30 5.60
C GLN B 318 28.57 -25.72 5.07
N LEU B 319 27.34 -26.22 5.00
CA LEU B 319 27.02 -27.52 4.43
C LEU B 319 26.34 -27.32 3.08
N PRO B 320 26.36 -28.33 2.21
CA PRO B 320 25.72 -28.18 0.89
C PRO B 320 24.21 -28.10 1.02
N ALA B 321 23.60 -27.54 -0.02
CA ALA B 321 22.14 -27.44 -0.07
C ALA B 321 21.51 -28.82 0.04
N GLY B 322 20.35 -28.88 0.68
CA GLY B 322 19.73 -30.14 1.02
C GLY B 322 20.20 -30.74 2.31
N ALA B 323 20.86 -29.96 3.16
CA ALA B 323 21.31 -30.41 4.47
C ALA B 323 20.37 -29.84 5.53
N THR B 324 20.00 -30.69 6.49
CA THR B 324 19.05 -30.32 7.51
C THR B 324 19.77 -29.71 8.72
N GLN B 325 18.96 -29.18 9.65
CA GLN B 325 19.50 -28.62 10.87
C GLN B 325 20.18 -29.68 11.71
N GLU B 326 19.69 -30.92 11.62
CA GLU B 326 20.28 -32.03 12.37
C GLU B 326 21.74 -32.24 11.99
N ARG B 327 22.02 -32.30 10.68
CA ARG B 327 23.39 -32.52 10.24
C ARG B 327 24.25 -31.30 10.52
N THR B 328 23.70 -30.11 10.33
CA THR B 328 24.43 -28.89 10.64
C THR B 328 24.74 -28.82 12.14
N GLN B 329 23.80 -29.24 12.98
CA GLN B 329 24.05 -29.28 14.41
C GLN B 329 25.17 -30.24 14.77
N LYS B 330 25.32 -31.33 13.99
CA LYS B 330 26.40 -32.28 14.24
C LYS B 330 27.76 -31.65 13.99
N VAL B 331 27.88 -30.86 12.93
CA VAL B 331 29.14 -30.18 12.65
C VAL B 331 29.43 -29.13 13.71
N LEU B 332 28.37 -28.46 14.21
CA LEU B 332 28.57 -27.44 15.22
C LEU B 332 29.02 -28.04 16.55
N ASN B 333 28.44 -29.16 16.94
CA ASN B 333 28.86 -29.83 18.16
C ASN B 333 30.33 -30.23 18.09
N GLU B 334 30.75 -30.76 16.93
CA GLU B 334 32.15 -31.14 16.75
C GLU B 334 33.07 -29.93 16.86
N VAL B 335 32.63 -28.78 16.34
CA VAL B 335 33.44 -27.57 16.44
C VAL B 335 33.45 -27.06 17.89
N THR B 336 32.28 -27.02 18.52
CA THR B 336 32.21 -26.59 19.92
C THR B 336 33.01 -27.53 20.82
N HIS B 337 32.91 -28.84 20.58
CA HIS B 337 33.63 -29.81 21.39
C HIS B 337 35.14 -29.64 21.27
N TYR B 338 35.63 -29.13 20.13
CA TYR B 338 37.06 -28.96 19.95
C TYR B 338 37.60 -27.84 20.83
N TYR B 339 36.94 -26.68 20.82
CA TYR B 339 37.40 -25.56 21.64
C TYR B 339 37.25 -25.85 23.13
N LEU B 340 36.17 -26.54 23.50
CA LEU B 340 35.91 -26.82 24.91
C LEU B 340 36.76 -27.95 25.47
N THR B 341 37.43 -28.73 24.63
CA THR B 341 38.24 -29.86 25.11
C THR B 341 39.71 -29.70 24.79
N LYS B 342 40.08 -29.53 23.52
CA LYS B 342 41.48 -29.51 23.14
C LYS B 342 42.11 -28.13 23.19
N GLU B 343 41.33 -27.07 23.37
CA GLU B 343 41.84 -25.72 23.57
C GLU B 343 41.12 -25.05 24.73
N LYS B 344 40.83 -25.82 25.78
CA LYS B 344 40.14 -25.25 26.94
C LYS B 344 41.04 -24.29 27.71
N ASN B 345 42.36 -24.47 27.62
CA ASN B 345 43.28 -23.54 28.27
C ASN B 345 43.28 -22.17 27.60
N ASN B 346 42.78 -22.07 26.38
CA ASN B 346 42.80 -20.82 25.62
C ASN B 346 41.42 -20.24 25.37
N VAL B 347 40.38 -21.07 25.31
CA VAL B 347 39.05 -20.63 24.91
C VAL B 347 38.19 -20.43 26.15
N GLU B 348 37.73 -19.19 26.36
CA GLU B 348 36.83 -18.91 27.46
C GLU B 348 35.43 -19.44 27.18
N SER B 349 34.84 -19.04 26.04
CA SER B 349 33.48 -19.44 25.73
C SER B 349 33.31 -19.56 24.22
N VAL B 350 32.25 -20.26 23.83
CA VAL B 350 31.89 -20.47 22.43
C VAL B 350 30.39 -20.25 22.28
N PHE B 351 30.02 -19.24 21.50
CA PHE B 351 28.61 -18.98 21.16
C PHE B 351 28.39 -19.50 19.74
N ALA B 352 27.61 -20.57 19.61
CA ALA B 352 27.36 -21.22 18.34
C ALA B 352 25.92 -21.03 17.92
N VAL B 353 25.72 -20.69 16.64
CA VAL B 353 24.40 -20.46 16.07
C VAL B 353 24.24 -21.39 14.89
N ASN B 354 23.10 -22.05 14.79
CA ASN B 354 22.78 -22.91 13.65
C ASN B 354 21.54 -22.37 12.94
N GLY B 355 21.62 -22.25 11.62
CA GLY B 355 20.62 -21.59 10.83
C GLY B 355 21.04 -20.22 10.34
N PHE B 356 22.17 -19.72 10.82
CA PHE B 356 22.70 -18.42 10.44
C PHE B 356 24.21 -18.54 10.25
N GLY B 357 24.69 -18.22 9.06
CA GLY B 357 26.11 -18.15 8.78
C GLY B 357 26.55 -16.71 8.57
N PHE B 358 27.86 -16.56 8.33
CA PHE B 358 28.40 -15.23 8.05
C PHE B 358 27.70 -14.62 6.83
N ALA B 359 27.62 -15.37 5.72
CA ALA B 359 26.96 -14.84 4.53
C ALA B 359 25.54 -14.39 4.84
N GLY B 360 24.67 -15.34 5.15
CA GLY B 360 23.29 -15.02 5.51
C GLY B 360 22.61 -16.12 6.29
N ARG B 361 21.34 -16.36 5.98
CA ARG B 361 20.57 -17.43 6.60
C ARG B 361 20.68 -18.70 5.77
N GLY B 362 20.42 -19.84 6.42
CA GLY B 362 20.30 -21.10 5.72
C GLY B 362 20.20 -22.30 6.64
N GLN B 363 19.35 -23.26 6.29
CA GLN B 363 19.27 -24.50 7.04
C GLN B 363 20.56 -25.31 6.96
N ASN B 364 21.47 -24.93 6.08
CA ASN B 364 22.72 -25.66 5.87
C ASN B 364 23.93 -24.91 6.42
N THR B 365 23.73 -23.80 7.11
CA THR B 365 24.83 -22.95 7.53
C THR B 365 24.82 -22.74 9.04
N GLY B 366 25.96 -22.31 9.56
CA GLY B 366 26.12 -22.03 10.97
C GLY B 366 27.38 -21.21 11.20
N ILE B 367 27.51 -20.73 12.43
CA ILE B 367 28.66 -19.91 12.82
C ILE B 367 28.86 -20.06 14.32
N ALA B 368 30.11 -19.94 14.76
CA ALA B 368 30.48 -20.07 16.15
C ALA B 368 31.41 -18.93 16.54
N PHE B 369 30.98 -18.11 17.50
CA PHE B 369 31.78 -17.00 18.01
C PHE B 369 32.62 -17.53 19.18
N VAL B 370 33.94 -17.56 18.99
CA VAL B 370 34.86 -18.08 20.00
C VAL B 370 35.49 -16.91 20.74
N SER B 371 35.41 -16.95 22.07
CA SER B 371 36.03 -15.95 22.93
C SER B 371 37.19 -16.59 23.68
N LEU B 372 38.35 -15.93 23.65
CA LEU B 372 39.53 -16.45 24.32
C LEU B 372 39.62 -15.92 25.75
N LYS B 373 40.43 -16.60 26.56
CA LYS B 373 40.77 -16.07 27.87
C LYS B 373 41.64 -14.83 27.71
N ASP B 374 41.91 -14.16 28.84
CA ASP B 374 42.64 -12.90 28.80
C ASP B 374 44.02 -13.10 28.18
N TRP B 375 44.45 -12.09 27.43
CA TRP B 375 45.69 -12.17 26.67
C TRP B 375 46.88 -12.55 27.55
N ALA B 376 46.91 -12.04 28.79
CA ALA B 376 48.04 -12.31 29.67
C ALA B 376 48.11 -13.77 30.11
N ASP B 377 46.95 -14.44 30.18
CA ASP B 377 46.90 -15.82 30.63
C ASP B 377 47.30 -16.82 29.55
N ARG B 378 47.36 -16.40 28.30
CA ARG B 378 47.86 -17.22 27.21
C ARG B 378 49.25 -16.72 26.85
N PRO B 379 50.33 -17.39 27.26
CA PRO B 379 51.67 -16.90 26.91
C PRO B 379 52.29 -17.62 25.74
N GLY B 380 52.98 -16.88 24.87
CA GLY B 380 53.73 -17.46 23.77
C GLY B 380 53.00 -17.35 22.44
N GLU B 381 53.77 -17.58 21.37
CA GLU B 381 53.24 -17.52 20.01
C GLU B 381 52.20 -18.62 19.77
N GLU B 382 52.33 -19.75 20.46
CA GLU B 382 51.51 -20.92 20.24
C GLU B 382 50.06 -20.73 20.67
N ASN B 383 49.76 -19.67 21.43
CA ASN B 383 48.43 -19.53 22.05
C ASN B 383 47.74 -18.23 21.64
N LYS B 384 48.19 -17.58 20.59
CA LYS B 384 47.56 -16.34 20.14
C LYS B 384 46.67 -16.62 18.93
N VAL B 385 45.77 -15.69 18.64
CA VAL B 385 44.66 -15.95 17.72
C VAL B 385 45.15 -16.48 16.37
N GLU B 386 46.32 -16.04 15.91
CA GLU B 386 46.84 -16.52 14.64
C GLU B 386 47.09 -18.02 14.67
N ALA B 387 47.81 -18.50 15.69
CA ALA B 387 48.13 -19.93 15.75
C ALA B 387 46.91 -20.76 16.09
N ILE B 388 46.02 -20.25 16.93
CA ILE B 388 44.84 -21.01 17.32
C ILE B 388 43.92 -21.22 16.13
N THR B 389 43.77 -20.20 15.28
CA THR B 389 42.93 -20.35 14.10
C THR B 389 43.57 -21.28 13.08
N MET B 390 44.89 -21.29 12.98
CA MET B 390 45.57 -22.20 12.07
C MET B 390 45.36 -23.65 12.50
N ARG B 391 45.52 -23.92 13.80
CA ARG B 391 45.33 -25.27 14.31
C ARG B 391 43.88 -25.71 14.19
N ALA B 392 42.93 -24.80 14.48
CA ALA B 392 41.53 -25.15 14.40
C ALA B 392 41.12 -25.49 12.97
N THR B 393 41.51 -24.64 12.01
CA THR B 393 41.21 -24.91 10.61
C THR B 393 41.80 -26.25 10.17
N ARG B 394 43.00 -26.56 10.64
CA ARG B 394 43.62 -27.84 10.29
C ARG B 394 42.83 -29.01 10.86
N ALA B 395 42.28 -28.86 12.08
CA ALA B 395 41.53 -29.93 12.70
C ALA B 395 40.14 -30.11 12.09
N PHE B 396 39.53 -29.02 11.59
CA PHE B 396 38.22 -29.10 10.96
C PHE B 396 38.29 -29.45 9.49
N SER B 397 39.48 -29.52 8.91
CA SER B 397 39.60 -29.68 7.46
C SER B 397 39.15 -31.05 6.98
N GLN B 398 39.12 -32.06 7.84
CA GLN B 398 38.75 -33.41 7.45
C GLN B 398 37.32 -33.76 7.83
N ILE B 399 36.49 -32.76 8.17
CA ILE B 399 35.07 -33.00 8.34
C ILE B 399 34.45 -33.14 6.94
N LYS B 400 33.80 -34.28 6.70
CA LYS B 400 33.35 -34.61 5.36
C LYS B 400 32.04 -33.90 5.02
N ASP B 401 31.99 -33.36 3.80
CA ASP B 401 30.81 -32.67 3.27
C ASP B 401 30.46 -31.44 4.11
N ALA B 402 31.46 -30.58 4.32
CA ALA B 402 31.27 -29.35 5.08
C ALA B 402 32.49 -28.45 4.88
N MET B 403 32.24 -27.14 4.81
CA MET B 403 33.29 -26.13 4.79
C MET B 403 33.38 -25.53 6.20
N VAL B 404 34.49 -25.75 6.89
CA VAL B 404 34.68 -25.27 8.25
C VAL B 404 35.99 -24.50 8.31
N PHE B 405 35.90 -23.20 8.54
CA PHE B 405 37.07 -22.33 8.59
C PHE B 405 37.04 -21.54 9.88
N ALA B 406 38.22 -21.15 10.35
CA ALA B 406 38.37 -20.31 11.53
C ALA B 406 39.24 -19.11 11.17
N PHE B 407 38.80 -17.92 11.56
CA PHE B 407 39.41 -16.70 11.06
C PHE B 407 39.10 -15.54 12.00
N ASN B 408 40.01 -14.58 12.04
CA ASN B 408 39.81 -13.31 12.72
C ASN B 408 39.20 -12.29 11.75
N LEU B 409 38.70 -11.20 12.31
CA LEU B 409 38.09 -10.11 11.55
C LEU B 409 37.00 -10.62 10.60
N THR B 419 42.19 -13.63 -1.21
CA THR B 419 42.91 -12.70 -2.06
C THR B 419 42.86 -13.13 -3.53
N GLY B 420 41.88 -13.97 -3.85
CA GLY B 420 41.73 -14.45 -5.21
C GLY B 420 40.93 -13.52 -6.09
N PHE B 421 39.98 -14.06 -6.85
CA PHE B 421 39.11 -13.25 -7.70
C PHE B 421 37.65 -13.54 -7.39
N ASP B 422 36.79 -12.65 -7.89
CA ASP B 422 35.33 -12.75 -7.71
C ASP B 422 34.69 -12.58 -9.08
N PHE B 423 34.06 -13.66 -9.57
CA PHE B 423 33.61 -13.75 -10.95
C PHE B 423 32.11 -13.99 -11.00
N GLU B 424 31.43 -13.29 -11.91
CA GLU B 424 29.98 -13.41 -12.08
C GLU B 424 29.68 -13.87 -13.50
N LEU B 425 29.01 -15.01 -13.63
CA LEU B 425 28.57 -15.52 -14.91
C LEU B 425 27.14 -15.05 -15.15
N ILE B 426 26.92 -14.30 -16.24
CA ILE B 426 25.68 -13.56 -16.46
C ILE B 426 24.89 -14.21 -17.59
N ASP B 427 23.58 -14.39 -17.36
CA ASP B 427 22.65 -14.82 -18.40
C ASP B 427 22.22 -13.60 -19.18
N GLN B 428 22.81 -13.40 -20.36
CA GLN B 428 22.64 -12.17 -21.11
C GLN B 428 21.51 -12.22 -22.13
N ALA B 429 20.97 -13.40 -22.45
CA ALA B 429 20.00 -13.52 -23.52
C ALA B 429 18.83 -14.40 -23.12
N GLY B 430 18.40 -14.30 -21.87
CA GLY B 430 17.23 -15.02 -21.41
C GLY B 430 17.32 -16.53 -21.56
N LEU B 431 18.50 -17.10 -21.34
CA LEU B 431 18.69 -18.54 -21.54
C LEU B 431 17.88 -19.35 -20.55
N GLY B 432 18.03 -19.05 -19.26
CA GLY B 432 17.37 -19.79 -18.20
C GLY B 432 18.36 -20.30 -17.18
N HIS B 433 17.80 -20.83 -16.09
CA HIS B 433 18.63 -21.32 -14.98
C HIS B 433 19.38 -22.58 -15.38
N GLU B 434 18.69 -23.53 -16.01
CA GLU B 434 19.32 -24.79 -16.36
C GLU B 434 20.45 -24.59 -17.37
N LYS B 435 20.22 -23.77 -18.39
CA LYS B 435 21.26 -23.50 -19.38
C LYS B 435 22.43 -22.73 -18.78
N LEU B 436 22.15 -21.83 -17.83
CA LEU B 436 23.24 -21.13 -17.14
C LEU B 436 24.02 -22.09 -16.24
N THR B 437 23.36 -23.08 -15.65
CA THR B 437 24.06 -24.07 -14.85
C THR B 437 25.05 -24.86 -15.70
N GLN B 438 24.62 -25.32 -16.87
CA GLN B 438 25.50 -26.07 -17.75
C GLN B 438 26.69 -25.22 -18.19
N ALA B 439 26.45 -23.95 -18.49
CA ALA B 439 27.55 -23.05 -18.88
C ALA B 439 28.51 -22.84 -17.73
N ARG B 440 27.99 -22.75 -16.50
CA ARG B 440 28.86 -22.61 -15.33
C ARG B 440 29.73 -23.84 -15.16
N ASN B 441 29.13 -25.03 -15.27
CA ASN B 441 29.90 -26.27 -15.17
C ASN B 441 30.94 -26.37 -16.29
N GLN B 442 30.61 -25.85 -17.47
CA GLN B 442 31.57 -25.86 -18.58
C GLN B 442 32.78 -24.99 -18.26
N LEU B 443 32.55 -23.82 -17.67
CA LEU B 443 33.66 -22.96 -17.28
C LEU B 443 34.49 -23.57 -16.16
N LEU B 444 33.84 -24.27 -15.22
CA LEU B 444 34.57 -24.89 -14.13
C LEU B 444 35.41 -26.07 -14.61
N ALA B 445 34.89 -26.86 -15.55
CA ALA B 445 35.64 -28.00 -16.06
C ALA B 445 36.88 -27.55 -16.82
N GLU B 446 36.77 -26.47 -17.58
CA GLU B 446 37.92 -25.96 -18.32
C GLU B 446 38.92 -25.29 -17.38
N ALA B 447 38.45 -24.67 -16.29
CA ALA B 447 39.37 -24.07 -15.34
C ALA B 447 40.10 -25.13 -14.52
N ALA B 448 39.51 -26.32 -14.37
CA ALA B 448 40.18 -27.41 -13.67
C ALA B 448 41.34 -27.97 -14.46
N LYS B 449 41.33 -27.81 -15.79
CA LYS B 449 42.42 -28.26 -16.64
C LYS B 449 43.59 -27.28 -16.69
N HIS B 450 43.56 -26.23 -15.86
CA HIS B 450 44.68 -25.30 -15.73
C HIS B 450 45.09 -25.17 -14.26
N PRO B 451 45.57 -26.24 -13.63
CA PRO B 451 46.07 -26.12 -12.25
C PRO B 451 47.34 -25.30 -12.16
N ASP B 452 48.02 -25.07 -13.28
CA ASP B 452 49.19 -24.19 -13.33
C ASP B 452 48.81 -22.72 -13.20
N MET B 453 47.52 -22.41 -13.13
CA MET B 453 47.04 -21.02 -13.20
C MET B 453 46.04 -20.71 -12.08
N LEU B 454 44.83 -21.28 -12.17
CA LEU B 454 43.74 -21.06 -11.22
C LEU B 454 43.49 -22.31 -10.40
N THR B 455 43.40 -22.15 -9.09
CA THR B 455 43.08 -23.24 -8.18
C THR B 455 41.82 -22.89 -7.40
N SER B 456 41.15 -23.93 -6.89
CA SER B 456 39.94 -23.78 -6.07
C SER B 456 38.85 -23.00 -6.81
N VAL B 457 38.76 -23.16 -8.13
CA VAL B 457 37.67 -22.55 -8.88
C VAL B 457 36.36 -23.21 -8.47
N ARG B 458 35.48 -22.43 -7.87
CA ARG B 458 34.28 -22.98 -7.24
C ARG B 458 33.13 -22.01 -7.38
N PRO B 459 31.90 -22.49 -7.43
CA PRO B 459 30.75 -21.59 -7.32
C PRO B 459 30.49 -21.24 -5.87
N ASN B 460 30.07 -19.99 -5.64
CA ASN B 460 29.78 -19.54 -4.29
C ASN B 460 28.36 -19.90 -3.86
N GLY B 461 27.45 -20.12 -4.80
CA GLY B 461 26.07 -20.42 -4.49
C GLY B 461 25.83 -21.87 -4.13
N LEU B 462 24.61 -22.33 -4.37
CA LEU B 462 24.18 -23.67 -4.01
C LEU B 462 23.78 -24.45 -5.26
N GLU B 463 23.84 -25.77 -5.13
CA GLU B 463 23.43 -26.66 -6.21
C GLU B 463 21.94 -26.96 -6.11
N ASP B 464 21.38 -27.42 -7.22
CA ASP B 464 19.97 -27.78 -7.24
C ASP B 464 19.70 -28.98 -6.35
N THR B 465 18.49 -29.03 -5.81
CA THR B 465 18.06 -30.08 -4.89
C THR B 465 16.71 -30.61 -5.33
N PRO B 466 16.37 -31.84 -4.97
CA PRO B 466 15.04 -32.36 -5.28
C PRO B 466 13.94 -31.50 -4.67
N GLN B 467 12.93 -31.19 -5.47
CA GLN B 467 11.77 -30.46 -5.00
C GLN B 467 10.51 -31.16 -5.49
N PHE B 468 9.40 -30.86 -4.82
CA PHE B 468 8.13 -31.57 -4.99
C PHE B 468 7.21 -30.72 -5.86
N LYS B 469 7.19 -31.02 -7.16
CA LYS B 469 6.30 -30.31 -8.07
C LYS B 469 4.92 -30.93 -8.02
N ILE B 470 3.91 -30.11 -7.76
CA ILE B 470 2.52 -30.54 -7.70
C ILE B 470 1.72 -29.70 -8.68
N ASP B 471 0.87 -30.35 -9.47
CA ASP B 471 0.05 -29.68 -10.48
C ASP B 471 -1.42 -29.80 -10.08
N ILE B 472 -2.10 -28.66 -10.04
CA ILE B 472 -3.54 -28.63 -9.79
C ILE B 472 -4.24 -28.80 -11.13
N ASP B 473 -5.04 -29.86 -11.26
CA ASP B 473 -5.82 -30.07 -12.47
C ASP B 473 -7.02 -29.13 -12.44
N GLN B 474 -7.01 -28.13 -13.32
CA GLN B 474 -8.07 -27.13 -13.31
C GLN B 474 -9.40 -27.73 -13.73
N GLU B 475 -9.40 -28.63 -14.70
CA GLU B 475 -10.63 -29.23 -15.18
C GLU B 475 -11.31 -30.03 -14.07
N LYS B 476 -10.56 -30.88 -13.37
CA LYS B 476 -11.14 -31.67 -12.29
C LYS B 476 -11.55 -30.79 -11.12
N ALA B 477 -10.82 -29.70 -10.88
CA ALA B 477 -11.18 -28.79 -9.80
C ALA B 477 -12.50 -28.09 -10.09
N GLN B 478 -12.74 -27.73 -11.35
CA GLN B 478 -13.99 -27.06 -11.72
C GLN B 478 -15.15 -28.04 -11.81
N ALA B 479 -14.89 -29.29 -12.20
CA ALA B 479 -15.95 -30.29 -12.28
C ALA B 479 -16.52 -30.60 -10.91
N LEU B 480 -15.66 -30.65 -9.89
CA LEU B 480 -16.11 -30.88 -8.53
C LEU B 480 -16.57 -29.61 -7.83
N GLY B 481 -16.32 -28.45 -8.43
CA GLY B 481 -16.73 -27.18 -7.84
C GLY B 481 -15.83 -26.76 -6.69
N VAL B 482 -14.52 -26.86 -6.88
CA VAL B 482 -13.54 -26.53 -5.86
C VAL B 482 -12.75 -25.32 -6.33
N SER B 483 -12.81 -24.24 -5.54
CA SER B 483 -12.11 -23.02 -5.90
C SER B 483 -10.59 -23.23 -5.88
N ILE B 484 -9.90 -22.57 -6.81
CA ILE B 484 -8.45 -22.69 -6.87
C ILE B 484 -7.81 -21.99 -5.69
N ASN B 485 -8.35 -20.83 -5.29
CA ASN B 485 -7.80 -20.11 -4.15
C ASN B 485 -8.01 -20.89 -2.86
N ASP B 486 -9.14 -21.59 -2.73
CA ASP B 486 -9.32 -22.50 -1.61
C ASP B 486 -8.26 -23.60 -1.64
N ILE B 487 -7.92 -24.09 -2.83
CA ILE B 487 -6.90 -25.13 -2.96
C ILE B 487 -5.52 -24.56 -2.62
N ASN B 488 -5.19 -23.41 -3.20
CA ASN B 488 -3.86 -22.84 -2.99
C ASN B 488 -3.68 -22.31 -1.57
N THR B 489 -4.77 -21.85 -0.93
CA THR B 489 -4.67 -21.45 0.46
C THR B 489 -4.52 -22.67 1.37
N THR B 490 -5.30 -23.72 1.10
CA THR B 490 -5.19 -24.94 1.90
C THR B 490 -3.78 -25.53 1.80
N LEU B 491 -3.21 -25.55 0.59
CA LEU B 491 -1.86 -26.07 0.43
C LEU B 491 -0.83 -25.13 1.04
N GLY B 492 -0.96 -23.83 0.79
CA GLY B 492 0.05 -22.90 1.26
C GLY B 492 0.04 -22.73 2.77
N ALA B 493 -1.14 -22.53 3.35
CA ALA B 493 -1.23 -22.29 4.79
C ALA B 493 -0.79 -23.52 5.58
N ALA B 494 -1.11 -24.72 5.08
CA ALA B 494 -0.80 -25.93 5.84
C ALA B 494 0.68 -26.28 5.77
N TRP B 495 1.25 -26.31 4.56
CA TRP B 495 2.60 -26.81 4.38
C TRP B 495 3.67 -25.72 4.47
N GLY B 496 3.29 -24.45 4.49
CA GLY B 496 4.27 -23.38 4.55
C GLY B 496 4.04 -22.41 5.70
N GLY B 497 2.81 -22.29 6.14
CA GLY B 497 2.47 -21.32 7.16
C GLY B 497 1.84 -20.07 6.56
N SER B 498 1.00 -19.43 7.37
CA SER B 498 0.26 -18.25 6.91
C SER B 498 0.18 -17.24 8.05
N TYR B 499 0.69 -16.03 7.79
CA TYR B 499 0.60 -14.92 8.73
C TYR B 499 -0.80 -14.31 8.62
N VAL B 500 -1.64 -14.54 9.63
CA VAL B 500 -3.03 -14.11 9.59
C VAL B 500 -3.14 -12.65 10.00
N ASN B 501 -2.96 -12.38 11.29
CA ASN B 501 -3.01 -11.01 11.80
C ASN B 501 -2.21 -10.96 13.09
N ASP B 502 -2.36 -9.87 13.84
CA ASP B 502 -1.58 -9.63 15.03
C ASP B 502 -2.43 -9.80 16.28
N PHE B 503 -1.77 -10.17 17.39
CA PHE B 503 -2.40 -10.24 18.70
C PHE B 503 -1.46 -9.64 19.72
N ILE B 504 -1.94 -9.52 20.95
CA ILE B 504 -1.20 -8.86 22.03
C ILE B 504 -0.78 -9.93 23.04
N ASP B 505 0.53 -10.10 23.21
CA ASP B 505 1.09 -11.06 24.16
C ASP B 505 1.81 -10.27 25.25
N ARG B 506 1.17 -10.17 26.42
CA ARG B 506 1.70 -9.43 27.56
C ARG B 506 1.99 -7.98 27.18
N GLY B 507 1.02 -7.35 26.52
CA GLY B 507 1.11 -5.94 26.19
C GLY B 507 1.93 -5.60 24.97
N ARG B 508 2.35 -6.59 24.18
CA ARG B 508 3.18 -6.36 23.00
C ARG B 508 2.52 -6.98 21.78
N VAL B 509 2.56 -6.25 20.66
CA VAL B 509 1.99 -6.74 19.41
C VAL B 509 2.87 -7.84 18.85
N LYS B 510 2.29 -9.01 18.60
CA LYS B 510 2.98 -10.13 18.00
C LYS B 510 2.09 -10.75 16.94
N LYS B 511 2.65 -11.68 16.17
CA LYS B 511 1.97 -12.24 15.02
C LYS B 511 1.19 -13.49 15.37
N VAL B 512 0.18 -13.79 14.55
CA VAL B 512 -0.58 -15.04 14.62
C VAL B 512 -0.28 -15.83 13.36
N TYR B 513 0.10 -17.09 13.51
CA TYR B 513 0.49 -17.92 12.38
C TYR B 513 -0.38 -19.17 12.33
N VAL B 514 -0.88 -19.48 11.13
CA VAL B 514 -1.67 -20.67 10.87
C VAL B 514 -0.81 -21.65 10.08
N MET B 515 -0.68 -22.88 10.59
CA MET B 515 0.13 -23.88 9.93
C MET B 515 -0.33 -25.26 10.37
N SER B 516 0.02 -26.26 9.57
CA SER B 516 -0.27 -27.65 9.92
C SER B 516 0.66 -28.10 11.04
N GLU B 517 0.13 -28.94 11.93
CA GLU B 517 0.98 -29.64 12.88
C GLU B 517 2.04 -30.42 12.12
N ALA B 518 3.20 -30.57 12.76
CA ALA B 518 4.33 -31.24 12.11
C ALA B 518 3.89 -32.57 11.50
N LYS B 519 3.29 -33.44 12.32
CA LYS B 519 2.75 -34.75 11.94
C LYS B 519 2.26 -34.86 10.50
N TYR B 520 1.52 -33.85 10.02
CA TYR B 520 0.74 -33.98 8.80
C TYR B 520 1.30 -33.16 7.64
N ARG B 521 2.59 -32.85 7.67
CA ARG B 521 3.22 -32.11 6.57
C ARG B 521 4.69 -32.50 6.47
N MET B 522 4.97 -33.80 6.52
CA MET B 522 6.36 -34.26 6.50
C MET B 522 6.71 -35.13 5.30
N LEU B 523 5.77 -35.87 4.72
CA LEU B 523 6.08 -36.80 3.64
C LEU B 523 4.96 -36.79 2.62
N PRO B 524 5.27 -37.15 1.35
CA PRO B 524 4.33 -36.88 0.25
C PRO B 524 2.94 -37.46 0.43
N ASP B 525 2.82 -38.66 1.01
CA ASP B 525 1.51 -39.28 1.16
C ASP B 525 0.54 -38.42 1.98
N ASP B 526 1.07 -37.50 2.80
CA ASP B 526 0.21 -36.64 3.60
C ASP B 526 -0.53 -35.61 2.77
N ILE B 527 -0.10 -35.37 1.52
CA ILE B 527 -0.81 -34.43 0.66
C ILE B 527 -2.27 -34.85 0.51
N GLY B 528 -2.52 -36.15 0.33
CA GLY B 528 -3.87 -36.66 0.20
C GLY B 528 -4.70 -36.60 1.46
N ASP B 529 -4.08 -36.33 2.62
CA ASP B 529 -4.81 -36.21 3.87
C ASP B 529 -5.55 -34.90 4.00
N TRP B 530 -5.30 -33.94 3.11
CA TRP B 530 -5.87 -32.60 3.21
C TRP B 530 -7.09 -32.48 2.32
N TYR B 531 -8.17 -31.97 2.88
CA TYR B 531 -9.45 -31.88 2.20
C TYR B 531 -9.85 -30.42 2.03
N VAL B 532 -10.48 -30.13 0.90
CA VAL B 532 -11.04 -28.80 0.62
C VAL B 532 -12.52 -28.96 0.35
N ARG B 533 -13.31 -28.00 0.82
CA ARG B 533 -14.76 -28.05 0.67
C ARG B 533 -15.17 -27.47 -0.68
N ALA B 534 -16.08 -28.17 -1.35
CA ALA B 534 -16.60 -27.72 -2.64
C ALA B 534 -17.82 -26.82 -2.43
N ALA B 535 -18.30 -26.26 -3.53
CA ALA B 535 -19.43 -25.33 -3.46
C ALA B 535 -20.69 -26.03 -2.94
N ASP B 536 -20.80 -27.33 -3.13
CA ASP B 536 -21.94 -28.10 -2.64
C ASP B 536 -21.70 -28.72 -1.27
N GLY B 537 -20.69 -28.25 -0.54
CA GLY B 537 -20.43 -28.71 0.80
C GLY B 537 -19.69 -30.02 0.92
N GLN B 538 -19.36 -30.67 -0.21
CA GLN B 538 -18.64 -31.93 -0.16
C GLN B 538 -17.16 -31.70 0.11
N MET B 539 -16.59 -32.55 0.97
CA MET B 539 -15.16 -32.49 1.25
C MET B 539 -14.41 -33.28 0.20
N VAL B 540 -13.46 -32.64 -0.45
CA VAL B 540 -12.73 -33.22 -1.57
C VAL B 540 -11.25 -33.36 -1.18
N PRO B 541 -10.69 -34.55 -1.21
CA PRO B 541 -9.27 -34.70 -0.88
C PRO B 541 -8.37 -34.13 -1.97
N PHE B 542 -7.15 -33.75 -1.57
CA PHE B 542 -6.18 -33.21 -2.50
C PHE B 542 -5.81 -34.20 -3.60
N SER B 543 -5.98 -35.51 -3.34
CA SER B 543 -5.64 -36.52 -4.34
C SER B 543 -6.59 -36.49 -5.54
N ALA B 544 -7.78 -35.92 -5.38
CA ALA B 544 -8.76 -35.96 -6.47
C ALA B 544 -8.40 -35.02 -7.61
N PHE B 545 -7.72 -33.91 -7.31
CA PHE B 545 -7.50 -32.88 -8.32
C PHE B 545 -6.02 -32.48 -8.42
N SER B 546 -5.10 -33.32 -7.98
CA SER B 546 -3.69 -32.98 -8.02
C SER B 546 -2.88 -34.16 -8.54
N SER B 547 -1.63 -33.88 -8.89
CA SER B 547 -0.68 -34.89 -9.33
C SER B 547 0.71 -34.35 -9.07
N SER B 548 1.63 -35.23 -8.68
CA SER B 548 2.93 -34.79 -8.21
C SER B 548 4.05 -35.63 -8.82
N ARG B 549 5.23 -35.03 -8.86
CA ARG B 549 6.43 -35.69 -9.37
C ARG B 549 7.65 -34.99 -8.77
N TRP B 550 8.75 -35.74 -8.67
CA TRP B 550 10.00 -35.17 -8.21
C TRP B 550 10.73 -34.51 -9.37
N GLU B 551 11.37 -33.38 -9.11
CA GLU B 551 12.21 -32.71 -10.08
C GLU B 551 13.27 -31.91 -9.34
N TYR B 552 14.14 -31.25 -10.09
CA TYR B 552 15.28 -30.53 -9.52
C TYR B 552 15.13 -29.04 -9.79
N GLY B 553 15.16 -28.25 -8.72
CA GLY B 553 15.13 -26.81 -8.83
C GLY B 553 16.16 -26.18 -7.92
N SER B 554 16.27 -24.86 -8.03
CA SER B 554 17.35 -24.24 -7.25
C SER B 554 16.85 -23.77 -5.90
N PRO B 555 17.67 -23.94 -4.85
CA PRO B 555 17.32 -23.40 -3.53
C PRO B 555 17.77 -21.97 -3.30
N ARG B 556 18.58 -21.40 -4.19
CA ARG B 556 19.00 -20.02 -4.08
C ARG B 556 19.38 -19.53 -5.47
N LEU B 557 18.74 -18.45 -5.92
CA LEU B 557 18.91 -17.92 -7.27
C LEU B 557 19.61 -16.57 -7.18
N GLU B 558 20.76 -16.46 -7.84
CA GLU B 558 21.57 -15.26 -7.80
C GLU B 558 21.30 -14.38 -9.02
N ARG B 559 21.43 -13.07 -8.82
CA ARG B 559 21.33 -12.10 -9.88
C ARG B 559 22.42 -11.06 -9.71
N TYR B 560 22.98 -10.58 -10.81
CA TYR B 560 23.98 -9.53 -10.81
C TYR B 560 23.59 -8.48 -11.83
N ASN B 561 23.38 -7.26 -11.36
CA ASN B 561 22.96 -6.14 -12.21
C ASN B 561 21.69 -6.48 -12.99
N GLY B 562 20.69 -6.99 -12.27
CA GLY B 562 19.38 -7.26 -12.82
C GLY B 562 19.26 -8.54 -13.62
N LEU B 563 20.36 -9.23 -13.90
CA LEU B 563 20.32 -10.41 -14.73
C LEU B 563 20.66 -11.67 -13.93
N PRO B 564 20.08 -12.82 -14.30
CA PRO B 564 20.44 -14.07 -13.60
C PRO B 564 21.93 -14.33 -13.71
N SER B 565 22.55 -14.65 -12.56
CA SER B 565 23.99 -14.79 -12.50
C SER B 565 24.36 -15.92 -11.56
N MET B 566 25.63 -16.29 -11.59
CA MET B 566 26.19 -17.34 -10.72
C MET B 566 27.59 -16.93 -10.33
N GLU B 567 27.78 -16.63 -9.05
CA GLU B 567 29.08 -16.18 -8.54
C GLU B 567 30.07 -17.33 -8.51
N ILE B 568 31.26 -17.10 -9.04
CA ILE B 568 32.33 -18.09 -9.07
C ILE B 568 33.55 -17.49 -8.38
N LEU B 569 34.09 -18.21 -7.40
CA LEU B 569 35.27 -17.78 -6.67
C LEU B 569 36.48 -18.62 -7.07
N GLY B 570 37.66 -18.06 -6.84
CA GLY B 570 38.89 -18.75 -7.16
C GLY B 570 40.08 -17.88 -6.80
N GLN B 571 41.26 -18.39 -7.14
CA GLN B 571 42.50 -17.69 -6.85
C GLN B 571 43.58 -18.24 -7.77
N ALA B 572 44.77 -17.64 -7.69
CA ALA B 572 45.87 -18.00 -8.56
C ALA B 572 46.69 -19.14 -7.97
N ALA B 573 47.46 -19.78 -8.85
CA ALA B 573 48.32 -20.89 -8.47
C ALA B 573 49.53 -20.36 -7.71
N PRO B 574 50.32 -21.25 -7.05
CA PRO B 574 51.50 -20.78 -6.31
C PRO B 574 52.46 -19.95 -7.15
N GLY B 575 52.61 -18.67 -6.77
CA GLY B 575 53.61 -17.83 -7.40
C GLY B 575 53.21 -17.21 -8.71
N LYS B 576 51.94 -16.85 -8.87
CA LYS B 576 51.52 -16.09 -10.04
C LYS B 576 50.46 -15.07 -9.65
N SER B 577 50.59 -13.87 -10.19
CA SER B 577 49.72 -12.77 -9.84
C SER B 577 48.34 -12.94 -10.45
N THR B 578 47.32 -12.48 -9.72
CA THR B 578 45.94 -12.68 -10.15
C THR B 578 45.66 -12.06 -11.52
N GLY B 579 46.45 -11.07 -11.93
CA GLY B 579 46.25 -10.49 -13.25
C GLY B 579 46.29 -11.53 -14.36
N GLU B 580 47.34 -12.35 -14.36
CA GLU B 580 47.38 -13.47 -15.30
C GLU B 580 46.22 -14.42 -15.03
N ALA B 581 46.01 -14.75 -13.76
CA ALA B 581 44.86 -15.52 -13.32
C ALA B 581 43.56 -14.97 -13.89
N MET B 582 43.29 -13.69 -13.60
CA MET B 582 42.08 -13.03 -14.12
C MET B 582 42.03 -13.10 -15.64
N GLU B 583 43.14 -12.75 -16.29
CA GLU B 583 43.18 -12.72 -17.75
C GLU B 583 42.79 -14.07 -18.34
N LEU B 584 43.26 -15.16 -17.73
CA LEU B 584 42.89 -16.49 -18.20
C LEU B 584 41.39 -16.71 -18.09
N MET B 585 40.83 -16.48 -16.89
CA MET B 585 39.40 -16.64 -16.67
C MET B 585 38.57 -15.92 -17.73
N GLU B 586 39.01 -14.72 -18.14
CA GLU B 586 38.32 -14.01 -19.21
C GLU B 586 38.30 -14.82 -20.49
N GLN B 587 39.38 -15.58 -20.75
CA GLN B 587 39.54 -16.21 -22.05
C GLN B 587 38.62 -17.42 -22.20
N LEU B 588 38.55 -18.28 -21.18
CA LEU B 588 37.65 -19.43 -21.28
C LEU B 588 36.19 -19.02 -21.16
N ALA B 589 35.90 -17.83 -20.64
CA ALA B 589 34.54 -17.31 -20.68
C ALA B 589 34.12 -16.96 -22.11
N SER B 590 35.08 -16.69 -22.99
CA SER B 590 34.75 -16.35 -24.37
C SER B 590 34.26 -17.58 -25.16
N LYS B 591 34.75 -18.77 -24.81
CA LYS B 591 34.36 -19.99 -25.49
C LYS B 591 33.05 -20.57 -24.96
N LEU B 592 32.38 -19.88 -24.05
CA LEU B 592 31.13 -20.33 -23.48
C LEU B 592 29.98 -20.15 -24.48
N PRO B 593 28.87 -20.86 -24.28
CA PRO B 593 27.78 -20.82 -25.27
C PRO B 593 27.25 -19.41 -25.52
N THR B 594 26.50 -19.28 -26.61
CA THR B 594 25.96 -17.99 -27.01
C THR B 594 24.92 -17.50 -26.01
N GLY B 595 25.08 -16.26 -25.56
CA GLY B 595 24.19 -15.68 -24.59
C GLY B 595 24.70 -15.69 -23.16
N VAL B 596 25.86 -16.28 -22.91
CA VAL B 596 26.45 -16.33 -21.58
C VAL B 596 27.52 -15.25 -21.51
N GLY B 597 27.30 -14.25 -20.67
CA GLY B 597 28.27 -13.20 -20.43
C GLY B 597 28.99 -13.38 -19.12
N TYR B 598 29.74 -12.34 -18.74
CA TYR B 598 30.49 -12.38 -17.49
C TYR B 598 30.79 -10.97 -17.04
N ASP B 599 31.19 -10.85 -15.78
CA ASP B 599 31.52 -9.56 -15.17
C ASP B 599 32.28 -9.81 -13.88
N TRP B 600 33.17 -8.87 -13.55
CA TRP B 600 33.92 -8.93 -12.31
C TRP B 600 33.25 -8.08 -11.24
N THR B 601 33.40 -8.50 -10.00
CA THR B 601 32.78 -7.82 -8.86
C THR B 601 33.66 -7.99 -7.63
N GLY B 602 33.20 -7.45 -6.51
CA GLY B 602 33.95 -7.57 -5.28
C GLY B 602 35.29 -6.88 -5.37
N MET B 603 36.33 -7.55 -4.88
CA MET B 603 37.68 -7.02 -4.94
C MET B 603 38.35 -7.23 -6.29
N SER B 604 37.68 -7.90 -7.23
CA SER B 604 38.17 -7.97 -8.60
C SER B 604 37.80 -6.73 -9.41
N TYR B 605 36.75 -6.02 -8.99
CA TYR B 605 36.31 -4.81 -9.67
C TYR B 605 37.30 -3.67 -9.46
N ALA C 2 17.79 23.84 23.05
CA ALA C 2 16.52 23.20 22.72
C ALA C 2 16.75 21.98 21.83
N PRO C 3 16.52 20.79 22.38
CA PRO C 3 16.79 19.57 21.62
C PRO C 3 15.77 19.37 20.51
N PRO C 4 16.21 19.02 19.31
CA PRO C 4 15.27 18.87 18.19
C PRO C 4 14.38 17.64 18.38
N ALA C 5 13.20 17.69 17.75
CA ALA C 5 12.20 16.66 17.94
C ALA C 5 11.43 16.44 16.64
N VAL C 6 10.90 15.23 16.51
CA VAL C 6 10.09 14.81 15.36
C VAL C 6 8.80 14.22 15.90
N THR C 7 7.67 14.59 15.28
CA THR C 7 6.35 14.14 15.73
C THR C 7 5.66 13.38 14.60
N ILE C 8 5.32 12.12 14.87
CA ILE C 8 4.51 11.31 13.97
C ILE C 8 3.06 11.39 14.45
N SER C 9 2.17 11.90 13.60
CA SER C 9 0.77 12.05 13.94
C SER C 9 -0.06 11.16 13.03
N ALA C 10 -0.96 10.38 13.62
CA ALA C 10 -1.86 9.52 12.87
C ALA C 10 -3.27 9.65 13.43
N SER C 11 -4.24 9.13 12.70
CA SER C 11 -5.63 9.24 13.11
C SER C 11 -6.39 7.98 12.70
N TYR C 12 -7.12 7.41 13.66
CA TYR C 12 -8.01 6.27 13.42
C TYR C 12 -9.42 6.71 13.81
N PRO C 13 -10.25 7.10 12.85
CA PRO C 13 -11.56 7.67 13.19
C PRO C 13 -12.47 6.66 13.87
N GLY C 14 -13.02 7.06 15.01
CA GLY C 14 -13.92 6.22 15.77
C GLY C 14 -13.26 5.18 16.65
N ALA C 15 -11.97 5.31 16.92
CA ALA C 15 -11.22 4.29 17.65
C ALA C 15 -10.99 4.72 19.09
N ASP C 16 -11.03 3.74 19.99
CA ASP C 16 -10.72 3.98 21.40
C ASP C 16 -9.22 3.92 21.63
N ALA C 17 -8.80 4.38 22.81
CA ALA C 17 -7.37 4.56 23.09
C ALA C 17 -6.59 3.26 22.90
N LYS C 18 -7.12 2.15 23.43
CA LYS C 18 -6.41 0.88 23.28
C LYS C 18 -6.38 0.42 21.82
N THR C 19 -7.43 0.72 21.06
CA THR C 19 -7.48 0.30 19.66
C THR C 19 -6.37 0.97 18.86
N VAL C 20 -6.14 2.26 19.10
CA VAL C 20 -5.10 2.98 18.36
C VAL C 20 -3.70 2.56 18.80
N GLN C 21 -3.52 2.24 20.08
CA GLN C 21 -2.18 1.87 20.55
C GLN C 21 -1.74 0.53 19.98
N ASP C 22 -2.63 -0.46 19.97
CA ASP C 22 -2.28 -1.82 19.62
C ASP C 22 -2.33 -2.10 18.12
N THR C 23 -2.93 -1.22 17.32
CA THR C 23 -2.91 -1.36 15.88
C THR C 23 -2.05 -0.34 15.17
N VAL C 24 -1.71 0.77 15.82
CA VAL C 24 -0.94 1.84 15.17
C VAL C 24 0.32 2.15 15.97
N THR C 25 0.15 2.63 17.21
CA THR C 25 1.28 3.17 17.97
C THR C 25 2.39 2.15 18.14
N GLN C 26 2.04 0.92 18.53
CA GLN C 26 3.06 -0.10 18.76
C GLN C 26 3.77 -0.47 17.47
N VAL C 27 3.02 -0.64 16.37
CA VAL C 27 3.63 -1.05 15.11
C VAL C 27 4.63 -0.01 14.62
N ILE C 28 4.32 1.27 14.83
CA ILE C 28 5.24 2.33 14.44
C ILE C 28 6.45 2.35 15.38
N GLU C 29 6.22 2.16 16.68
CA GLU C 29 7.32 2.17 17.63
C GLU C 29 8.28 1.00 17.37
N GLN C 30 7.73 -0.15 16.96
CA GLN C 30 8.56 -1.31 16.67
C GLN C 30 9.40 -1.13 15.40
N ASN C 31 9.12 -0.11 14.60
CA ASN C 31 9.85 0.14 13.37
C ASN C 31 10.74 1.37 13.44
N MET C 32 10.88 1.98 14.62
CA MET C 32 11.72 3.16 14.80
C MET C 32 13.19 2.79 14.99
N ASN C 33 13.63 1.66 14.47
CA ASN C 33 15.00 1.21 14.58
C ASN C 33 15.87 1.86 13.52
N GLY C 34 17.18 1.88 13.79
CA GLY C 34 18.13 2.41 12.83
C GLY C 34 18.00 3.89 12.57
N ILE C 35 17.65 4.68 13.58
CA ILE C 35 17.55 6.13 13.47
C ILE C 35 18.64 6.74 14.34
N ASP C 36 19.47 7.59 13.73
CA ASP C 36 20.66 8.09 14.40
C ASP C 36 20.35 9.19 15.39
N ASN C 37 21.09 9.21 16.50
CA ASN C 37 21.10 10.31 17.46
C ASN C 37 19.76 10.47 18.19
N LEU C 38 19.15 9.34 18.55
CA LEU C 38 17.86 9.35 19.24
C LEU C 38 18.09 9.30 20.74
N MET C 39 17.65 10.33 21.46
CA MET C 39 17.75 10.35 22.91
C MET C 39 16.69 9.46 23.55
N TYR C 40 15.42 9.74 23.27
CA TYR C 40 14.32 8.93 23.79
C TYR C 40 13.10 9.13 22.90
N MET C 41 12.07 8.35 23.18
CA MET C 41 10.84 8.33 22.40
C MET C 41 9.66 8.18 23.33
N SER C 42 8.60 8.95 23.06
CA SER C 42 7.36 8.88 23.85
C SER C 42 6.18 9.04 22.91
N SER C 43 5.02 8.54 23.33
CA SER C 43 3.85 8.54 22.48
C SER C 43 2.58 8.58 23.30
N ASN C 44 1.52 9.11 22.69
CA ASN C 44 0.18 9.17 23.26
C ASN C 44 -0.79 8.40 22.37
N SER C 45 -1.84 7.86 22.97
CA SER C 45 -2.90 7.19 22.24
C SER C 45 -4.20 7.42 23.00
N ASP C 46 -5.15 8.15 22.39
CA ASP C 46 -6.20 8.76 23.18
C ASP C 46 -7.60 8.41 22.69
N SER C 47 -8.57 8.89 23.49
CA SER C 47 -10.02 8.80 23.30
C SER C 47 -10.46 8.99 21.85
N THR C 48 -9.87 9.98 21.18
CA THR C 48 -10.36 10.45 19.88
C THR C 48 -9.75 9.70 18.70
N GLY C 49 -9.03 8.61 18.94
CA GLY C 49 -8.37 7.91 17.87
C GLY C 49 -7.19 8.67 17.30
N THR C 50 -6.36 9.25 18.18
CA THR C 50 -5.23 10.05 17.78
C THR C 50 -3.98 9.57 18.52
N VAL C 51 -2.86 9.49 17.79
CA VAL C 51 -1.57 9.12 18.35
C VAL C 51 -0.54 10.15 17.89
N GLN C 52 0.33 10.56 18.81
CA GLN C 52 1.42 11.47 18.49
C GLN C 52 2.71 10.93 19.13
N ILE C 53 3.51 10.25 18.32
CA ILE C 53 4.79 9.71 18.74
C ILE C 53 5.85 10.80 18.57
N THR C 54 6.49 11.18 19.67
CA THR C 54 7.46 12.27 19.68
C THR C 54 8.85 11.71 19.96
N LEU C 55 9.72 11.77 18.96
CA LEU C 55 11.10 11.33 19.08
C LEU C 55 11.99 12.57 19.20
N THR C 56 12.63 12.73 20.36
CA THR C 56 13.54 13.83 20.60
C THR C 56 14.98 13.37 20.40
N PHE C 57 15.80 14.23 19.82
CA PHE C 57 17.14 13.88 19.38
C PHE C 57 18.18 14.66 20.15
N GLU C 58 19.43 14.22 20.03
CA GLU C 58 20.54 14.91 20.68
C GLU C 58 20.67 16.33 20.15
N SER C 59 21.09 17.24 21.03
CA SER C 59 21.32 18.61 20.63
C SER C 59 22.43 18.69 19.59
N GLY C 60 22.18 19.42 18.51
CA GLY C 60 23.09 19.50 17.39
C GLY C 60 22.75 18.59 16.24
N THR C 61 21.73 17.75 16.39
CA THR C 61 21.30 16.87 15.31
C THR C 61 20.50 17.66 14.27
N ASP C 62 20.80 17.42 13.00
CA ASP C 62 20.05 18.04 11.91
C ASP C 62 18.60 17.59 11.97
N ALA C 63 17.70 18.54 12.23
CA ALA C 63 16.27 18.21 12.31
C ALA C 63 15.73 17.73 10.98
N ASP C 64 16.32 18.19 9.86
CA ASP C 64 15.89 17.72 8.55
C ASP C 64 16.26 16.26 8.33
N ILE C 65 17.51 15.90 8.66
CA ILE C 65 17.96 14.52 8.50
C ILE C 65 17.14 13.58 9.39
N ALA C 66 16.83 14.02 10.60
CA ALA C 66 16.01 13.21 11.50
C ALA C 66 14.61 13.03 10.93
N GLN C 67 13.99 14.11 10.45
CA GLN C 67 12.65 14.01 9.88
C GLN C 67 12.62 13.04 8.70
N VAL C 68 13.65 13.07 7.86
CA VAL C 68 13.70 12.16 6.73
C VAL C 68 13.94 10.73 7.19
N GLN C 69 14.89 10.55 8.11
CA GLN C 69 15.19 9.20 8.61
C GLN C 69 13.98 8.58 9.31
N VAL C 70 13.19 9.40 10.02
CA VAL C 70 12.04 8.89 10.74
C VAL C 70 10.93 8.52 9.78
N GLN C 71 10.62 9.41 8.84
CA GLN C 71 9.51 9.18 7.92
C GLN C 71 9.79 8.01 6.97
N ASN C 72 11.05 7.82 6.58
CA ASN C 72 11.39 6.69 5.72
C ASN C 72 11.06 5.36 6.39
N LYS C 73 11.41 5.23 7.67
CA LYS C 73 11.10 4.00 8.39
C LYS C 73 9.60 3.86 8.64
N LEU C 74 8.90 4.97 8.86
CA LEU C 74 7.45 4.90 9.04
C LEU C 74 6.74 4.48 7.76
N GLN C 75 7.11 5.11 6.63
CA GLN C 75 6.45 4.79 5.37
C GLN C 75 6.62 3.33 5.00
N LEU C 76 7.79 2.75 5.27
CA LEU C 76 8.00 1.35 5.00
C LEU C 76 7.12 0.46 5.88
N ALA C 77 6.59 1.00 6.98
CA ALA C 77 5.67 0.28 7.84
C ALA C 77 4.21 0.64 7.57
N MET C 78 3.95 1.46 6.55
CA MET C 78 2.57 1.81 6.22
C MET C 78 1.69 0.61 5.88
N PRO C 79 2.16 -0.42 5.16
CA PRO C 79 1.29 -1.59 4.92
C PRO C 79 0.87 -2.33 6.17
N LEU C 80 1.50 -2.05 7.31
CA LEU C 80 1.20 -2.75 8.55
C LEU C 80 0.12 -2.06 9.39
N LEU C 81 -0.23 -0.82 9.05
CA LEU C 81 -1.28 -0.08 9.73
C LEU C 81 -2.63 -0.37 9.08
N PRO C 82 -3.74 -0.19 9.81
CA PRO C 82 -5.06 -0.41 9.21
C PRO C 82 -5.30 0.52 8.04
N GLN C 83 -6.25 0.11 7.18
CA GLN C 83 -6.55 0.90 5.99
C GLN C 83 -7.13 2.26 6.36
N GLU C 84 -7.92 2.31 7.44
CA GLU C 84 -8.55 3.56 7.84
C GLU C 84 -7.51 4.57 8.32
N VAL C 85 -6.36 4.10 8.82
CA VAL C 85 -5.33 5.01 9.28
C VAL C 85 -4.50 5.54 8.11
N GLN C 86 -4.20 4.68 7.13
CA GLN C 86 -3.46 5.13 5.94
C GLN C 86 -4.26 6.18 5.18
N GLN C 87 -5.59 6.04 5.15
CA GLN C 87 -6.42 6.97 4.40
C GLN C 87 -6.36 8.37 5.00
N GLN C 88 -6.34 8.47 6.33
CA GLN C 88 -6.33 9.77 6.99
C GLN C 88 -4.99 10.48 6.88
N GLY C 89 -3.95 9.79 6.44
CA GLY C 89 -2.63 10.40 6.33
C GLY C 89 -1.87 10.37 7.64
N VAL C 90 -0.65 9.87 7.61
CA VAL C 90 0.22 9.83 8.78
C VAL C 90 1.35 10.82 8.53
N SER C 91 1.27 11.97 9.20
CA SER C 91 2.24 13.03 9.00
C SER C 91 3.45 12.86 9.92
N VAL C 92 4.60 13.28 9.42
CA VAL C 92 5.83 13.34 10.21
C VAL C 92 6.42 14.73 9.98
N GLU C 93 6.22 15.63 10.93
CA GLU C 93 6.71 17.00 10.83
C GLU C 93 7.58 17.30 12.04
N LYS C 94 8.65 18.05 11.81
CA LYS C 94 9.48 18.51 12.91
C LYS C 94 8.63 19.32 13.88
N SER C 95 8.56 18.87 15.13
CA SER C 95 7.84 19.62 16.15
C SER C 95 8.66 20.83 16.58
N SER C 96 9.22 21.54 15.60
CA SER C 96 9.94 22.79 15.85
C SER C 96 8.91 23.90 16.11
N SER C 97 8.29 23.80 17.28
CA SER C 97 7.17 24.67 17.61
C SER C 97 7.64 26.10 17.85
N SER C 98 6.72 27.04 17.63
CA SER C 98 6.94 28.46 17.80
C SER C 98 5.66 29.20 17.41
N PHE C 99 5.13 28.84 16.24
CA PHE C 99 4.03 29.54 15.59
C PHE C 99 4.39 31.01 15.38
N LEU C 100 4.83 31.33 14.17
CA LEU C 100 5.17 32.71 13.83
C LEU C 100 4.03 33.66 14.15
N MET C 101 2.80 33.24 13.84
CA MET C 101 1.61 34.03 14.14
C MET C 101 0.39 33.13 13.95
N VAL C 102 -0.71 33.51 14.59
CA VAL C 102 -1.98 32.83 14.46
C VAL C 102 -2.96 33.78 13.79
N VAL C 103 -3.50 33.36 12.65
CA VAL C 103 -4.43 34.16 11.87
C VAL C 103 -5.82 33.56 12.04
N GLY C 104 -6.77 34.38 12.49
CA GLY C 104 -8.14 33.95 12.65
C GLY C 104 -9.03 34.48 11.55
N VAL C 105 -10.12 33.76 11.28
CA VAL C 105 -11.07 34.14 10.24
C VAL C 105 -12.47 34.02 10.83
N ILE C 106 -13.21 35.13 10.84
CA ILE C 106 -14.59 35.18 11.31
C ILE C 106 -15.44 35.88 10.25
N ASN C 107 -16.71 36.08 10.56
CA ASN C 107 -17.63 36.80 9.69
C ASN C 107 -18.54 37.66 10.55
N THR C 108 -18.52 38.97 10.31
CA THR C 108 -19.24 39.90 11.17
C THR C 108 -20.75 39.73 11.07
N ASP C 109 -21.26 39.26 9.93
CA ASP C 109 -22.69 39.12 9.76
C ASP C 109 -23.29 37.95 10.53
N GLY C 110 -22.46 37.06 11.08
CA GLY C 110 -22.98 35.90 11.76
C GLY C 110 -23.72 34.95 10.85
N THR C 111 -23.39 34.95 9.56
CA THR C 111 -24.07 34.14 8.57
C THR C 111 -23.28 32.90 8.17
N MET C 112 -22.31 32.51 8.98
CA MET C 112 -21.42 31.40 8.63
C MET C 112 -21.09 30.60 9.88
N THR C 113 -21.20 29.28 9.79
CA THR C 113 -20.71 28.41 10.83
C THR C 113 -19.19 28.32 10.75
N GLN C 114 -18.58 27.77 11.81
CA GLN C 114 -17.15 27.52 11.76
C GLN C 114 -16.79 26.51 10.68
N GLU C 115 -17.73 25.60 10.36
CA GLU C 115 -17.54 24.70 9.23
C GLU C 115 -17.48 25.48 7.93
N ASP C 116 -18.43 26.39 7.71
CA ASP C 116 -18.46 27.19 6.49
C ASP C 116 -17.18 28.00 6.35
N ILE C 117 -16.76 28.66 7.43
CA ILE C 117 -15.56 29.48 7.38
C ILE C 117 -14.33 28.61 7.09
N SER C 118 -14.20 27.49 7.80
CA SER C 118 -13.02 26.65 7.65
C SER C 118 -12.84 26.18 6.21
N ASP C 119 -13.94 25.80 5.54
CA ASP C 119 -13.85 25.38 4.15
C ASP C 119 -13.29 26.49 3.28
N TYR C 120 -13.72 27.73 3.52
CA TYR C 120 -13.18 28.86 2.74
C TYR C 120 -11.68 29.00 2.94
N VAL C 121 -11.23 28.89 4.19
CA VAL C 121 -9.80 29.02 4.46
C VAL C 121 -9.02 27.90 3.80
N ALA C 122 -9.57 26.68 3.83
CA ALA C 122 -8.87 25.55 3.22
C ALA C 122 -8.72 25.75 1.72
N ALA C 123 -9.78 26.22 1.05
CA ALA C 123 -9.77 26.27 -0.40
C ALA C 123 -9.12 27.54 -0.94
N ASN C 124 -9.34 28.68 -0.27
CA ASN C 124 -8.95 29.96 -0.83
C ASN C 124 -7.69 30.57 -0.21
N MET C 125 -7.32 30.17 1.00
CA MET C 125 -6.25 30.85 1.72
C MET C 125 -5.08 29.95 2.05
N LYS C 126 -5.33 28.75 2.58
CA LYS C 126 -4.26 27.95 3.18
C LYS C 126 -3.12 27.69 2.20
N ASP C 127 -3.45 27.38 0.95
CA ASP C 127 -2.41 27.09 -0.04
C ASP C 127 -1.61 28.34 -0.39
N ALA C 128 -2.32 29.44 -0.68
CA ALA C 128 -1.63 30.69 -1.01
C ALA C 128 -0.85 31.25 0.17
N ILE C 129 -1.21 30.86 1.40
CA ILE C 129 -0.41 31.25 2.55
C ILE C 129 0.81 30.35 2.70
N SER C 130 0.64 29.05 2.44
CA SER C 130 1.77 28.12 2.48
C SER C 130 2.79 28.40 1.40
N ARG C 131 2.48 29.27 0.43
CA ARG C 131 3.41 29.60 -0.64
C ARG C 131 4.11 30.93 -0.45
N THR C 132 3.74 31.71 0.57
CA THR C 132 4.37 33.01 0.77
C THR C 132 5.76 32.84 1.37
N SER C 133 6.63 33.79 1.04
CA SER C 133 8.06 33.73 1.34
C SER C 133 8.37 33.47 2.81
N GLY C 134 8.92 32.29 3.10
CA GLY C 134 9.44 32.02 4.42
C GLY C 134 8.50 31.34 5.40
N VAL C 135 7.44 30.71 4.92
CA VAL C 135 6.51 30.00 5.79
C VAL C 135 6.84 28.52 5.76
N GLY C 136 6.56 27.85 6.87
CA GLY C 136 6.80 26.42 6.97
C GLY C 136 5.51 25.62 6.93
N ASP C 137 5.22 24.87 8.00
CA ASP C 137 3.99 24.13 8.08
C ASP C 137 2.84 25.05 8.52
N VAL C 138 1.66 24.80 7.98
CA VAL C 138 0.46 25.57 8.30
C VAL C 138 -0.64 24.61 8.71
N GLN C 139 -1.20 24.83 9.89
CA GLN C 139 -2.29 24.00 10.42
C GLN C 139 -3.57 24.83 10.47
N LEU C 140 -4.63 24.30 9.89
CA LEU C 140 -5.91 25.00 9.82
C LEU C 140 -6.80 24.59 10.99
N PHE C 141 -7.49 25.58 11.57
CA PHE C 141 -8.35 25.36 12.73
C PHE C 141 -9.73 24.89 12.24
N GLY C 142 -9.78 23.62 11.89
CA GLY C 142 -10.97 23.03 11.30
C GLY C 142 -10.62 22.15 10.13
N SER C 143 -11.54 22.02 9.18
CA SER C 143 -11.27 21.22 7.99
C SER C 143 -12.12 21.76 6.84
N GLN C 144 -11.72 21.40 5.62
CA GLN C 144 -12.54 21.70 4.47
C GLN C 144 -13.86 20.92 4.54
N TYR C 145 -14.77 21.26 3.63
CA TYR C 145 -16.07 20.58 3.61
C TYR C 145 -15.89 19.08 3.41
N ALA C 146 -16.82 18.32 3.98
CA ALA C 146 -16.92 16.90 3.74
C ALA C 146 -18.39 16.55 3.54
N MET C 147 -18.68 15.79 2.50
CA MET C 147 -20.06 15.36 2.25
C MET C 147 -20.51 14.46 3.39
N ARG C 148 -21.34 14.99 4.28
CA ARG C 148 -21.79 14.25 5.46
C ARG C 148 -23.10 13.54 5.17
N ILE C 149 -23.11 12.23 5.34
CA ILE C 149 -24.32 11.43 5.26
C ILE C 149 -24.71 11.06 6.68
N TRP C 150 -25.81 11.64 7.17
CA TRP C 150 -26.29 11.41 8.53
C TRP C 150 -27.41 10.37 8.48
N MET C 151 -27.07 9.12 8.78
CA MET C 151 -28.02 8.03 8.58
C MET C 151 -29.11 8.03 9.65
N ASN C 152 -30.26 7.48 9.29
CA ASN C 152 -31.38 7.27 10.20
C ASN C 152 -31.67 5.78 10.28
N PRO C 153 -31.45 5.14 11.44
CA PRO C 153 -31.62 3.68 11.51
C PRO C 153 -33.07 3.23 11.42
N ASN C 154 -34.04 4.10 11.74
CA ASN C 154 -35.44 3.70 11.68
C ASN C 154 -35.89 3.50 10.23
N GLU C 155 -35.54 4.45 9.36
CA GLU C 155 -35.87 4.30 7.95
C GLU C 155 -34.97 3.25 7.28
N LEU C 156 -33.70 3.20 7.69
CA LEU C 156 -32.80 2.16 7.18
C LEU C 156 -33.37 0.78 7.44
N ASN C 157 -33.88 0.54 8.65
CA ASN C 157 -34.51 -0.74 8.96
C ASN C 157 -35.82 -0.91 8.22
N LYS C 158 -36.52 0.19 7.92
CA LYS C 158 -37.81 0.10 7.24
C LYS C 158 -37.66 -0.52 5.85
N PHE C 159 -36.57 -0.21 5.16
CA PHE C 159 -36.30 -0.73 3.82
C PHE C 159 -35.33 -1.91 3.83
N GLN C 160 -35.13 -2.54 4.99
CA GLN C 160 -34.24 -3.69 5.12
C GLN C 160 -32.82 -3.34 4.67
N LEU C 161 -32.35 -2.18 5.12
CA LEU C 161 -31.04 -1.68 4.74
C LEU C 161 -30.18 -1.45 5.98
N THR C 162 -28.87 -1.53 5.79
CA THR C 162 -27.87 -1.33 6.82
C THR C 162 -26.87 -0.31 6.33
N PRO C 163 -26.02 0.23 7.24
CA PRO C 163 -24.94 1.10 6.77
C PRO C 163 -24.03 0.45 5.72
N VAL C 164 -23.93 -0.88 5.73
CA VAL C 164 -23.13 -1.57 4.72
C VAL C 164 -23.68 -1.29 3.33
N ASP C 165 -25.01 -1.29 3.19
CA ASP C 165 -25.62 -0.99 1.89
C ASP C 165 -25.33 0.45 1.47
N VAL C 166 -25.38 1.38 2.42
CA VAL C 166 -25.13 2.78 2.10
C VAL C 166 -23.69 2.98 1.65
N ILE C 167 -22.74 2.30 2.31
CA ILE C 167 -21.35 2.39 1.88
C ILE C 167 -21.15 1.71 0.53
N THR C 168 -21.81 0.57 0.33
CA THR C 168 -21.73 -0.11 -0.96
C THR C 168 -22.31 0.76 -2.08
N ALA C 169 -23.45 1.42 -1.81
CA ALA C 169 -24.07 2.25 -2.82
C ALA C 169 -23.22 3.45 -3.19
N ILE C 170 -22.58 4.07 -2.19
CA ILE C 170 -21.80 5.28 -2.44
C ILE C 170 -20.57 4.96 -3.29
N LYS C 171 -19.88 3.85 -2.99
CA LYS C 171 -18.71 3.48 -3.77
C LYS C 171 -19.08 3.12 -5.20
N ALA C 172 -20.31 2.64 -5.42
CA ALA C 172 -20.74 2.29 -6.76
C ALA C 172 -21.22 3.51 -7.54
N GLN C 173 -21.92 4.43 -6.89
CA GLN C 173 -22.54 5.56 -7.57
C GLN C 173 -21.85 6.90 -7.31
N ASN C 174 -20.74 6.89 -6.58
CA ASN C 174 -19.85 8.05 -6.50
C ASN C 174 -18.46 7.57 -6.91
N ALA C 175 -18.32 7.21 -8.19
CA ALA C 175 -17.11 6.62 -8.71
C ALA C 175 -16.66 7.36 -9.95
N GLN C 176 -15.35 7.46 -10.12
CA GLN C 176 -14.72 8.02 -11.31
C GLN C 176 -14.04 6.88 -12.05
N VAL C 177 -14.73 6.30 -13.03
CA VAL C 177 -14.33 5.06 -13.66
C VAL C 177 -13.62 5.35 -14.97
N ALA C 178 -12.47 4.70 -15.17
CA ALA C 178 -11.79 4.73 -16.46
C ALA C 178 -12.51 3.81 -17.43
N ALA C 179 -12.90 4.36 -18.59
CA ALA C 179 -13.73 3.61 -19.54
C ALA C 179 -13.09 3.45 -20.92
N GLY C 180 -11.91 4.01 -21.16
CA GLY C 180 -11.22 3.77 -22.41
C GLY C 180 -11.56 4.75 -23.53
N GLN C 181 -11.43 4.28 -24.77
CA GLN C 181 -11.60 5.13 -25.93
C GLN C 181 -12.35 4.39 -27.03
N LEU C 182 -12.97 5.16 -27.92
CA LEU C 182 -13.41 4.64 -29.20
C LEU C 182 -12.29 4.83 -30.22
N GLY C 183 -12.02 3.80 -30.99
CA GLY C 183 -10.97 3.88 -32.00
C GLY C 183 -9.60 4.17 -31.42
N GLY C 184 -9.29 3.59 -30.25
CA GLY C 184 -8.01 3.80 -29.64
C GLY C 184 -6.96 2.81 -30.11
N THR C 185 -5.70 3.16 -29.88
CA THR C 185 -4.59 2.32 -30.34
C THR C 185 -4.54 1.02 -29.55
N PRO C 186 -4.26 -0.11 -30.21
CA PRO C 186 -4.06 -0.19 -31.66
C PRO C 186 -5.40 -0.30 -32.40
N PRO C 187 -5.55 0.47 -33.48
CA PRO C 187 -6.84 0.50 -34.18
C PRO C 187 -6.89 -0.40 -35.40
N VAL C 188 -8.09 -0.59 -35.95
CA VAL C 188 -8.21 -1.10 -37.30
C VAL C 188 -7.67 -0.03 -38.25
N LYS C 189 -6.65 -0.39 -39.02
CA LYS C 189 -5.95 0.59 -39.85
C LYS C 189 -6.94 1.30 -40.78
N GLY C 190 -6.87 2.62 -40.79
CA GLY C 190 -7.84 3.45 -41.50
C GLY C 190 -8.90 4.07 -40.62
N GLN C 191 -8.88 3.79 -39.31
CA GLN C 191 -9.86 4.36 -38.40
C GLN C 191 -9.71 5.88 -38.35
N GLN C 192 -10.85 6.57 -38.36
CA GLN C 192 -10.88 8.02 -38.33
C GLN C 192 -11.40 8.59 -37.01
N LEU C 193 -12.31 7.90 -36.35
CA LEU C 193 -12.92 8.38 -35.11
C LEU C 193 -12.07 7.94 -33.92
N ASN C 194 -11.75 8.90 -33.06
CA ASN C 194 -11.04 8.61 -31.80
C ASN C 194 -11.55 9.57 -30.73
N ALA C 195 -12.41 9.07 -29.84
CA ALA C 195 -12.98 9.86 -28.76
C ALA C 195 -12.86 9.10 -27.44
N SER C 196 -12.58 9.83 -26.37
CA SER C 196 -12.54 9.23 -25.05
C SER C 196 -13.94 8.86 -24.59
N ILE C 197 -14.05 7.71 -23.93
CA ILE C 197 -15.31 7.27 -23.36
C ILE C 197 -15.42 7.81 -21.94
N ILE C 198 -16.52 8.51 -21.66
CA ILE C 198 -16.78 9.11 -20.36
C ILE C 198 -17.97 8.39 -19.75
N ALA C 199 -17.76 7.77 -18.59
CA ALA C 199 -18.79 7.02 -17.89
C ALA C 199 -19.13 7.77 -16.60
N GLN C 200 -19.20 7.10 -15.44
CA GLN C 200 -19.56 7.78 -14.20
C GLN C 200 -18.50 8.79 -13.80
N THR C 201 -18.95 9.93 -13.29
CA THR C 201 -18.09 10.94 -12.70
C THR C 201 -18.46 11.10 -11.23
N ARG C 202 -17.57 11.75 -10.48
CA ARG C 202 -17.84 12.01 -9.08
C ARG C 202 -19.08 12.88 -8.93
N LEU C 203 -19.85 12.62 -7.88
CA LEU C 203 -20.95 13.51 -7.54
C LEU C 203 -20.40 14.81 -6.98
N THR C 204 -21.17 15.88 -7.13
CA THR C 204 -20.69 17.21 -6.80
C THR C 204 -21.55 17.97 -5.79
N SER C 205 -22.69 17.42 -5.37
CA SER C 205 -23.61 18.18 -4.55
C SER C 205 -24.38 17.26 -3.62
N THR C 206 -25.01 17.87 -2.61
CA THR C 206 -25.91 17.13 -1.73
C THR C 206 -27.09 16.57 -2.49
N GLU C 207 -27.57 17.29 -3.51
CA GLU C 207 -28.70 16.81 -4.31
C GLU C 207 -28.34 15.52 -5.04
N GLU C 208 -27.12 15.44 -5.58
CA GLU C 208 -26.73 14.25 -6.34
C GLU C 208 -26.49 13.06 -5.44
N PHE C 209 -26.00 13.28 -4.22
CA PHE C 209 -25.88 12.17 -3.27
C PHE C 209 -27.25 11.70 -2.80
N GLY C 210 -28.19 12.63 -2.66
CA GLY C 210 -29.52 12.28 -2.21
C GLY C 210 -30.31 11.42 -3.17
N LYS C 211 -29.93 11.42 -4.45
CA LYS C 211 -30.60 10.61 -5.46
C LYS C 211 -29.87 9.30 -5.74
N ILE C 212 -28.87 8.95 -4.92
CA ILE C 212 -28.23 7.64 -5.05
C ILE C 212 -29.26 6.55 -4.80
N LEU C 213 -29.39 5.63 -5.75
CA LEU C 213 -30.38 4.57 -5.65
C LEU C 213 -29.84 3.47 -4.74
N LEU C 214 -30.44 3.34 -3.55
CA LEU C 214 -30.07 2.25 -2.65
C LEU C 214 -30.59 0.91 -3.15
N LYS C 215 -31.90 0.84 -3.43
CA LYS C 215 -32.52 -0.32 -4.03
C LYS C 215 -33.88 0.10 -4.58
N VAL C 216 -34.55 -0.85 -5.22
CA VAL C 216 -35.94 -0.69 -5.61
C VAL C 216 -36.73 -1.85 -5.02
N ASN C 217 -37.85 -1.53 -4.37
CA ASN C 217 -38.69 -2.57 -3.82
C ASN C 217 -39.22 -3.47 -4.93
N GLN C 218 -39.87 -4.57 -4.54
CA GLN C 218 -40.47 -5.44 -5.54
C GLN C 218 -41.71 -4.84 -6.15
N ASP C 219 -42.34 -3.88 -5.47
CA ASP C 219 -43.25 -2.97 -6.15
C ASP C 219 -42.45 -1.80 -6.73
N GLY C 220 -43.14 -0.93 -7.47
CA GLY C 220 -42.45 0.05 -8.29
C GLY C 220 -41.58 1.04 -7.52
N SER C 221 -41.80 1.19 -6.22
CA SER C 221 -41.18 2.29 -5.47
C SER C 221 -39.66 2.21 -5.46
N ARG C 222 -39.02 3.37 -5.55
CA ARG C 222 -37.58 3.50 -5.38
C ARG C 222 -37.27 4.10 -4.02
N VAL C 223 -36.18 3.64 -3.41
CA VAL C 223 -35.67 4.23 -2.17
C VAL C 223 -34.30 4.80 -2.47
N LEU C 224 -34.13 6.09 -2.19
CA LEU C 224 -32.88 6.81 -2.44
C LEU C 224 -32.15 7.05 -1.13
N LEU C 225 -30.92 7.56 -1.24
CA LEU C 225 -30.11 7.80 -0.06
C LEU C 225 -30.74 8.85 0.84
N ARG C 226 -31.35 9.89 0.25
CA ARG C 226 -32.01 10.91 1.03
C ARG C 226 -33.27 10.42 1.72
N ASP C 227 -33.80 9.25 1.32
CA ASP C 227 -34.95 8.69 2.00
C ASP C 227 -34.59 8.11 3.37
N VAL C 228 -33.31 7.81 3.60
CA VAL C 228 -32.87 7.20 4.84
C VAL C 228 -31.81 8.03 5.55
N ALA C 229 -31.45 9.19 5.02
CA ALA C 229 -30.37 9.98 5.62
C ALA C 229 -30.58 11.45 5.32
N LYS C 230 -29.91 12.29 6.12
CA LYS C 230 -29.87 13.72 5.91
C LYS C 230 -28.51 14.09 5.34
N ILE C 231 -28.50 14.80 4.21
CA ILE C 231 -27.29 15.13 3.49
C ILE C 231 -26.96 16.60 3.70
N GLU C 232 -25.69 16.90 3.93
CA GLU C 232 -25.26 18.27 4.16
C GLU C 232 -23.75 18.36 3.97
N LEU C 233 -23.30 19.55 3.57
CA LEU C 233 -21.87 19.85 3.57
C LEU C 233 -21.45 20.21 4.99
N GLY C 234 -20.57 19.41 5.57
CA GLY C 234 -20.14 19.66 6.93
C GLY C 234 -18.65 19.57 7.11
N GLY C 235 -18.21 19.38 8.35
CA GLY C 235 -16.80 19.15 8.60
C GLY C 235 -16.46 17.67 8.68
N GLU C 236 -15.17 17.38 8.61
CA GLU C 236 -14.74 15.98 8.68
C GLU C 236 -14.82 15.45 10.11
N ASN C 237 -14.51 16.30 11.09
CA ASN C 237 -14.70 15.94 12.50
C ASN C 237 -15.20 17.16 13.25
N TYR C 238 -15.84 16.91 14.40
CA TYR C 238 -16.43 17.95 15.22
C TYR C 238 -15.85 17.95 16.62
N ASP C 239 -14.61 17.50 16.76
CA ASP C 239 -13.97 17.41 18.07
C ASP C 239 -13.49 18.75 18.59
N ILE C 240 -13.46 19.79 17.76
CA ILE C 240 -13.05 21.13 18.17
C ILE C 240 -14.12 22.13 17.76
N ILE C 241 -14.39 23.09 18.64
CA ILE C 241 -15.29 24.19 18.35
C ILE C 241 -14.53 25.49 18.66
N ALA C 242 -14.14 26.20 17.62
CA ALA C 242 -13.34 27.41 17.77
C ALA C 242 -14.24 28.63 17.78
N GLU C 243 -13.99 29.54 18.72
CA GLU C 243 -14.77 30.76 18.85
C GLU C 243 -13.84 31.94 19.06
N PHE C 244 -14.27 33.10 18.58
CA PHE C 244 -13.53 34.35 18.72
C PHE C 244 -14.49 35.42 19.21
N ASN C 245 -14.35 35.82 20.48
CA ASN C 245 -15.27 36.77 21.12
C ASN C 245 -16.71 36.30 21.02
N GLY C 246 -16.90 34.98 21.12
CA GLY C 246 -18.22 34.39 21.05
C GLY C 246 -18.74 34.11 19.66
N GLN C 247 -17.95 34.38 18.61
CA GLN C 247 -18.38 34.16 17.24
C GLN C 247 -17.73 32.91 16.67
N PRO C 248 -18.41 32.21 15.75
CA PRO C 248 -17.77 31.08 15.07
C PRO C 248 -16.51 31.52 14.34
N ALA C 249 -15.49 30.68 14.41
CA ALA C 249 -14.18 31.09 13.91
C ALA C 249 -13.43 29.90 13.32
N SER C 250 -12.52 30.21 12.41
CA SER C 250 -11.52 29.27 11.93
C SER C 250 -10.21 30.05 11.83
N GLY C 251 -9.25 29.51 11.10
CA GLY C 251 -8.02 30.22 10.87
C GLY C 251 -6.85 29.27 10.73
N LEU C 252 -5.66 29.87 10.61
CA LEU C 252 -4.44 29.13 10.32
C LEU C 252 -3.39 29.39 11.39
N GLY C 253 -2.68 28.34 11.76
CA GLY C 253 -1.49 28.45 12.58
C GLY C 253 -0.27 28.28 11.69
N ILE C 254 0.53 29.33 11.60
CA ILE C 254 1.63 29.41 10.64
C ILE C 254 2.95 29.37 11.39
N LYS C 255 3.79 28.39 11.06
CA LYS C 255 5.14 28.28 11.58
C LYS C 255 6.14 28.72 10.53
N LEU C 256 7.25 29.29 11.00
CA LEU C 256 8.28 29.83 10.13
C LEU C 256 9.26 28.73 9.73
N ALA C 257 9.64 28.74 8.45
CA ALA C 257 10.62 27.76 7.94
C ALA C 257 12.02 28.15 8.39
N THR C 258 12.76 27.18 8.90
CA THR C 258 14.09 27.42 9.48
C THR C 258 14.97 28.19 8.50
N GLY C 259 15.65 29.21 9.03
CA GLY C 259 16.53 30.04 8.23
C GLY C 259 15.91 31.30 7.68
N ALA C 260 14.61 31.45 7.79
CA ALA C 260 13.93 32.66 7.33
C ALA C 260 13.82 33.66 8.47
N ASN C 261 13.39 34.87 8.15
CA ASN C 261 13.32 35.96 9.10
C ASN C 261 11.88 36.17 9.53
N ALA C 262 11.70 36.54 10.80
CA ALA C 262 10.37 36.58 11.42
C ALA C 262 9.62 37.86 11.05
N LEU C 263 10.29 39.01 11.17
CA LEU C 263 9.65 40.27 10.77
C LEU C 263 9.34 40.27 9.29
N ASP C 264 10.24 39.71 8.47
CA ASP C 264 9.98 39.61 7.03
C ASP C 264 8.71 38.82 6.76
N THR C 265 8.69 37.55 7.18
CA THR C 265 7.58 36.67 6.85
C THR C 265 6.27 37.16 7.45
N ALA C 266 6.31 37.75 8.65
CA ALA C 266 5.11 38.30 9.24
C ALA C 266 4.51 39.40 8.37
N ALA C 267 5.37 40.27 7.82
CA ALA C 267 4.88 41.29 6.90
C ALA C 267 4.46 40.69 5.57
N ALA C 268 5.15 39.63 5.13
CA ALA C 268 4.78 38.98 3.87
C ALA C 268 3.44 38.25 3.99
N ILE C 269 3.11 37.76 5.18
CA ILE C 269 1.82 37.11 5.38
C ILE C 269 0.70 38.15 5.40
N ARG C 270 0.90 39.24 6.16
CA ARG C 270 -0.11 40.27 6.24
C ARG C 270 -0.36 40.95 4.89
N ALA C 271 0.67 41.01 4.04
CA ALA C 271 0.49 41.53 2.69
C ALA C 271 -0.27 40.53 1.83
N GLU C 272 0.03 39.24 1.97
CA GLU C 272 -0.69 38.23 1.21
C GLU C 272 -2.14 38.15 1.64
N LEU C 273 -2.43 38.42 2.92
CA LEU C 273 -3.82 38.47 3.37
C LEU C 273 -4.52 39.74 2.93
N ALA C 274 -3.80 40.84 2.82
CA ALA C 274 -4.41 42.09 2.37
C ALA C 274 -4.89 42.01 0.93
N LYS C 275 -4.27 41.15 0.13
CA LYS C 275 -4.70 40.98 -1.25
C LYS C 275 -5.98 40.15 -1.34
N MET C 276 -6.20 39.25 -0.39
CA MET C 276 -7.36 38.37 -0.45
C MET C 276 -8.66 39.06 -0.06
N GLU C 277 -8.57 40.12 0.75
CA GLU C 277 -9.78 40.77 1.26
C GLU C 277 -10.76 41.19 0.16
N PRO C 278 -10.34 41.75 -0.98
CA PRO C 278 -11.32 42.01 -2.05
C PRO C 278 -12.08 40.77 -2.51
N PHE C 279 -11.50 39.59 -2.37
CA PHE C 279 -12.15 38.34 -2.78
C PHE C 279 -12.94 37.69 -1.67
N PHE C 280 -13.03 38.31 -0.50
CA PHE C 280 -13.79 37.73 0.59
C PHE C 280 -15.29 37.86 0.33
N PRO C 281 -16.09 36.88 0.71
CA PRO C 281 -17.53 37.10 0.78
C PRO C 281 -17.86 38.12 1.86
N SER C 282 -19.12 38.56 1.85
CA SER C 282 -19.53 39.70 2.67
C SER C 282 -19.29 39.44 4.15
N GLY C 283 -18.47 40.30 4.78
CA GLY C 283 -18.31 40.33 6.22
C GLY C 283 -17.12 39.55 6.75
N LEU C 284 -16.43 38.78 5.92
CA LEU C 284 -15.31 37.99 6.39
C LEU C 284 -14.16 38.90 6.82
N LYS C 285 -13.74 38.77 8.07
CA LYS C 285 -12.69 39.60 8.64
C LYS C 285 -11.54 38.72 9.12
N ILE C 286 -10.34 39.30 9.14
CA ILE C 286 -9.14 38.62 9.61
C ILE C 286 -8.73 39.23 10.94
N VAL C 287 -8.53 38.37 11.94
CA VAL C 287 -8.09 38.80 13.26
C VAL C 287 -6.77 38.09 13.57
N TYR C 288 -6.13 38.53 14.65
CA TYR C 288 -4.83 38.01 15.06
C TYR C 288 -4.91 37.72 16.56
N PRO C 289 -5.53 36.60 16.95
CA PRO C 289 -5.89 36.38 18.35
C PRO C 289 -4.71 36.12 19.29
N TYR C 290 -3.48 36.07 18.78
CA TYR C 290 -2.33 35.85 19.65
C TYR C 290 -1.04 36.34 19.00
N GLY C 311 2.20 40.52 26.05
CA GLY C 311 0.92 41.16 26.26
C GLY C 311 -0.26 40.23 26.01
N VAL C 312 -0.08 38.95 26.35
CA VAL C 312 -1.11 37.93 26.16
C VAL C 312 -0.99 36.91 27.28
N PHE C 313 -2.05 36.12 27.47
CA PHE C 313 -2.04 35.00 28.41
C PHE C 313 -3.16 34.05 28.02
N MET C 314 -3.27 32.95 28.77
CA MET C 314 -4.22 31.89 28.46
C MET C 314 -5.01 31.49 29.69
N THR C 315 -6.07 30.72 29.46
CA THR C 315 -6.92 30.21 30.53
C THR C 315 -7.30 28.76 30.21
N MET C 316 -6.97 27.85 31.12
CA MET C 316 -7.24 26.43 30.93
C MET C 316 -8.59 26.05 31.51
N VAL C 317 -9.28 25.14 30.83
CA VAL C 317 -10.58 24.63 31.27
C VAL C 317 -10.53 23.11 31.18
N GLN C 318 -10.81 22.43 32.30
CA GLN C 318 -10.87 20.97 32.33
C GLN C 318 -11.98 20.55 33.29
N LEU C 319 -12.93 19.80 32.77
CA LEU C 319 -14.10 19.32 33.49
C LEU C 319 -13.86 17.90 33.97
N PRO C 320 -14.72 17.37 34.83
CA PRO C 320 -14.55 15.97 35.28
C PRO C 320 -14.54 15.00 34.11
N ALA C 321 -14.09 13.78 34.40
CA ALA C 321 -14.06 12.74 33.40
C ALA C 321 -15.48 12.36 32.99
N GLY C 322 -15.74 12.35 31.69
CA GLY C 322 -17.04 12.02 31.16
C GLY C 322 -17.90 13.21 30.78
N ALA C 323 -17.42 14.43 30.98
CA ALA C 323 -18.20 15.61 30.64
C ALA C 323 -18.27 15.78 29.12
N THR C 324 -19.28 16.53 28.68
CA THR C 324 -19.60 16.67 27.27
C THR C 324 -19.05 17.99 26.71
N GLN C 325 -19.02 18.06 25.38
CA GLN C 325 -18.56 19.26 24.69
C GLN C 325 -19.43 20.46 25.02
N GLU C 326 -20.74 20.24 25.20
CA GLU C 326 -21.64 21.34 25.52
C GLU C 326 -21.33 21.93 26.89
N ARG C 327 -21.07 21.08 27.88
CA ARG C 327 -20.77 21.58 29.22
C ARG C 327 -19.44 22.31 29.27
N THR C 328 -18.48 21.89 28.45
CA THR C 328 -17.23 22.66 28.34
C THR C 328 -17.48 24.02 27.69
N GLN C 329 -18.45 24.11 26.79
CA GLN C 329 -18.73 25.36 26.11
C GLN C 329 -19.32 26.40 27.06
N LYS C 330 -20.22 25.96 27.96
CA LYS C 330 -20.83 26.89 28.90
C LYS C 330 -19.78 27.50 29.82
N VAL C 331 -18.80 26.69 30.24
CA VAL C 331 -17.72 27.23 31.06
C VAL C 331 -16.83 28.16 30.24
N LEU C 332 -16.53 27.78 29.00
CA LEU C 332 -15.73 28.64 28.14
C LEU C 332 -16.46 29.94 27.82
N ASN C 333 -17.79 29.90 27.73
CA ASN C 333 -18.55 31.12 27.48
C ASN C 333 -18.52 32.03 28.71
N GLU C 334 -18.57 31.46 29.91
CA GLU C 334 -18.42 32.26 31.12
C GLU C 334 -17.03 32.89 31.20
N VAL C 335 -16.01 32.19 30.69
CA VAL C 335 -14.66 32.74 30.69
C VAL C 335 -14.54 33.87 29.66
N THR C 336 -15.09 33.65 28.46
CA THR C 336 -15.09 34.70 27.45
C THR C 336 -15.91 35.90 27.93
N HIS C 337 -17.00 35.65 28.67
CA HIS C 337 -17.81 36.74 29.17
C HIS C 337 -17.08 37.54 30.25
N TYR C 338 -16.39 36.83 31.17
CA TYR C 338 -15.67 37.52 32.24
C TYR C 338 -14.64 38.50 31.68
N TYR C 339 -13.89 38.09 30.66
CA TYR C 339 -12.85 38.94 30.11
C TYR C 339 -13.44 40.13 29.37
N LEU C 340 -14.55 39.93 28.66
CA LEU C 340 -15.16 41.00 27.88
C LEU C 340 -16.03 41.94 28.72
N THR C 341 -16.34 41.56 29.96
CA THR C 341 -17.15 42.41 30.83
C THR C 341 -16.30 43.12 31.87
N LYS C 342 -15.85 42.38 32.89
CA LYS C 342 -15.12 42.98 33.99
C LYS C 342 -13.70 43.37 33.62
N GLU C 343 -13.15 42.80 32.55
CA GLU C 343 -11.84 43.20 32.03
C GLU C 343 -11.95 43.84 30.66
N LYS C 344 -13.08 44.52 30.40
CA LYS C 344 -13.28 45.19 29.12
C LYS C 344 -12.29 46.32 28.90
N ASN C 345 -11.69 46.84 29.97
CA ASN C 345 -10.68 47.90 29.84
C ASN C 345 -9.38 47.36 29.28
N ASN C 346 -9.12 46.06 29.39
CA ASN C 346 -7.83 45.48 29.03
C ASN C 346 -7.92 44.45 27.92
N VAL C 347 -8.93 43.58 27.94
CA VAL C 347 -8.98 42.46 27.01
C VAL C 347 -9.44 42.94 25.64
N GLU C 348 -8.70 42.55 24.60
CA GLU C 348 -9.04 42.88 23.22
C GLU C 348 -9.72 41.73 22.49
N SER C 349 -9.39 40.48 22.83
CA SER C 349 -9.97 39.33 22.15
C SER C 349 -9.84 38.11 23.05
N VAL C 350 -10.80 37.19 22.91
CA VAL C 350 -10.81 35.93 23.65
C VAL C 350 -11.09 34.82 22.64
N PHE C 351 -10.04 34.08 22.28
CA PHE C 351 -10.16 32.97 21.35
C PHE C 351 -10.32 31.69 22.15
N ALA C 352 -11.53 31.12 22.14
CA ALA C 352 -11.87 29.95 22.93
C ALA C 352 -11.91 28.71 22.03
N VAL C 353 -11.18 27.68 22.43
CA VAL C 353 -11.11 26.41 21.69
C VAL C 353 -11.70 25.33 22.57
N ASN C 354 -12.88 24.85 22.21
CA ASN C 354 -13.54 23.77 22.94
C ASN C 354 -13.06 22.43 22.39
N GLY C 355 -12.49 21.60 23.27
CA GLY C 355 -12.04 20.28 22.91
C GLY C 355 -10.55 20.12 22.89
N PHE C 356 -9.79 21.22 22.88
CA PHE C 356 -8.34 21.18 22.90
C PHE C 356 -7.85 21.76 24.22
N GLY C 357 -6.95 21.02 24.86
CA GLY C 357 -6.18 21.51 25.98
C GLY C 357 -4.79 20.93 25.83
N PHE C 358 -4.05 20.78 26.91
CA PHE C 358 -2.80 20.04 26.84
C PHE C 358 -2.77 18.98 27.93
N ALA C 359 -1.92 17.98 27.70
CA ALA C 359 -1.95 16.68 28.35
C ALA C 359 -3.17 15.86 27.95
N GLY C 360 -3.99 16.36 27.03
CA GLY C 360 -5.14 15.60 26.57
C GLY C 360 -6.22 16.39 25.87
N ARG C 361 -6.67 15.89 24.72
CA ARG C 361 -7.81 16.44 24.01
C ARG C 361 -9.06 15.62 24.30
N GLY C 362 -10.21 16.26 24.23
CA GLY C 362 -11.46 15.56 24.50
C GLY C 362 -12.58 16.54 24.73
N GLN C 363 -13.77 15.97 24.93
CA GLN C 363 -14.98 16.78 25.09
C GLN C 363 -15.01 17.53 26.42
N ASN C 364 -14.25 17.08 27.42
CA ASN C 364 -14.28 17.68 28.74
C ASN C 364 -13.11 18.61 29.00
N THR C 365 -12.40 19.04 27.97
CA THR C 365 -11.26 19.93 28.12
C THR C 365 -11.38 21.08 27.12
N GLY C 366 -10.71 22.18 27.44
CA GLY C 366 -10.75 23.37 26.61
C GLY C 366 -9.65 24.32 27.02
N ILE C 367 -9.45 25.34 26.18
CA ILE C 367 -8.41 26.33 26.40
C ILE C 367 -8.88 27.65 25.81
N ALA C 368 -8.46 28.75 26.44
CA ALA C 368 -8.85 30.09 26.03
C ALA C 368 -7.60 30.95 25.90
N PHE C 369 -7.45 31.60 24.75
CA PHE C 369 -6.30 32.44 24.45
C PHE C 369 -6.74 33.89 24.48
N VAL C 370 -6.13 34.68 25.37
CA VAL C 370 -6.52 36.06 25.61
C VAL C 370 -5.51 36.99 24.96
N SER C 371 -6.00 37.97 24.22
CA SER C 371 -5.19 39.05 23.66
C SER C 371 -5.60 40.36 24.31
N LEU C 372 -4.62 41.11 24.80
CA LEU C 372 -4.88 42.34 25.53
C LEU C 372 -4.42 43.54 24.73
N LYS C 373 -5.00 44.70 25.04
CA LYS C 373 -4.66 45.94 24.38
C LYS C 373 -3.18 46.28 24.62
N ASP C 374 -2.71 47.28 23.88
CA ASP C 374 -1.31 47.66 23.97
C ASP C 374 -0.92 48.04 25.39
N TRP C 375 0.32 47.70 25.77
CA TRP C 375 0.78 48.02 27.11
C TRP C 375 0.89 49.53 27.33
N ALA C 376 1.01 50.31 26.26
CA ALA C 376 1.03 51.76 26.36
C ALA C 376 -0.33 52.31 26.79
N ASP C 377 -1.39 51.55 26.58
CA ASP C 377 -2.73 51.90 27.06
C ASP C 377 -3.20 50.94 28.14
N ARG C 378 -2.27 50.45 28.96
CA ARG C 378 -2.60 49.65 30.14
C ARG C 378 -1.94 50.25 31.38
N PRO C 379 -2.24 51.51 31.72
CA PRO C 379 -1.57 52.13 32.86
C PRO C 379 -2.00 51.50 34.17
N GLY C 380 -1.06 51.45 35.11
CA GLY C 380 -1.32 50.89 36.42
C GLY C 380 -0.91 49.43 36.54
N GLU C 381 -0.42 49.03 37.71
CA GLU C 381 -0.02 47.65 37.91
C GLU C 381 -1.21 46.70 37.88
N GLU C 382 -2.40 47.20 38.24
CA GLU C 382 -3.61 46.38 38.18
C GLU C 382 -3.96 45.98 36.76
N ASN C 383 -3.46 46.71 35.76
CA ASN C 383 -3.71 46.39 34.36
C ASN C 383 -2.57 45.59 33.73
N LYS C 384 -1.57 45.20 34.50
CA LYS C 384 -0.54 44.30 34.00
C LYS C 384 -1.02 42.86 34.09
N VAL C 385 -0.43 42.01 33.25
CA VAL C 385 -0.97 40.67 33.02
C VAL C 385 -1.05 39.90 34.34
N GLU C 386 -0.07 40.08 35.22
CA GLU C 386 -0.07 39.34 36.49
C GLU C 386 -1.32 39.64 37.31
N ALA C 387 -1.65 40.91 37.47
CA ALA C 387 -2.86 41.29 38.20
C ALA C 387 -4.13 40.87 37.47
N ILE C 388 -4.07 40.69 36.15
CA ILE C 388 -5.25 40.25 35.41
C ILE C 388 -5.48 38.76 35.64
N THR C 389 -4.41 37.96 35.64
CA THR C 389 -4.57 36.52 35.86
C THR C 389 -4.89 36.20 37.30
N MET C 390 -4.34 36.97 38.26
CA MET C 390 -4.66 36.76 39.66
C MET C 390 -6.14 37.04 39.93
N ARG C 391 -6.68 38.09 39.32
CA ARG C 391 -8.09 38.39 39.46
C ARG C 391 -8.95 37.34 38.75
N ALA C 392 -8.55 36.94 37.55
CA ALA C 392 -9.31 35.95 36.80
C ALA C 392 -9.35 34.61 37.54
N THR C 393 -8.19 34.16 38.03
CA THR C 393 -8.14 32.90 38.75
C THR C 393 -8.99 32.94 40.02
N ARG C 394 -9.09 34.09 40.67
CA ARG C 394 -9.88 34.17 41.90
C ARG C 394 -11.38 34.15 41.59
N ALA C 395 -11.79 34.72 40.46
CA ALA C 395 -13.21 34.68 40.10
C ALA C 395 -13.61 33.31 39.59
N PHE C 396 -12.71 32.64 38.87
CA PHE C 396 -12.99 31.30 38.37
C PHE C 396 -12.96 30.25 39.47
N SER C 397 -12.54 30.63 40.69
CA SER C 397 -12.49 29.70 41.81
C SER C 397 -13.87 29.11 42.11
N GLN C 398 -14.92 29.90 41.92
CA GLN C 398 -16.28 29.50 42.27
C GLN C 398 -17.09 29.09 41.05
N ILE C 399 -16.46 28.38 40.12
CA ILE C 399 -17.18 27.74 39.02
C ILE C 399 -17.48 26.30 39.44
N LYS C 400 -18.77 25.96 39.50
CA LYS C 400 -19.17 24.66 40.01
C LYS C 400 -18.72 23.54 39.07
N ASP C 401 -18.07 22.53 39.65
CA ASP C 401 -17.70 21.30 38.96
C ASP C 401 -16.93 21.59 37.67
N ALA C 402 -15.83 22.32 37.83
CA ALA C 402 -14.92 22.67 36.74
C ALA C 402 -13.68 23.36 37.27
N MET C 403 -12.51 22.99 36.76
CA MET C 403 -11.26 23.64 37.13
C MET C 403 -10.87 24.62 36.03
N VAL C 404 -10.63 25.88 36.41
CA VAL C 404 -10.37 26.95 35.46
C VAL C 404 -9.24 27.84 35.97
N PHE C 405 -8.02 27.63 35.47
CA PHE C 405 -6.87 28.41 35.89
C PHE C 405 -6.43 29.34 34.77
N ALA C 406 -5.91 30.50 35.16
CA ALA C 406 -5.40 31.48 34.21
C ALA C 406 -3.90 31.65 34.41
N PHE C 407 -3.19 31.89 33.32
CA PHE C 407 -1.74 31.97 33.34
C PHE C 407 -1.19 32.57 32.05
N GLY C 420 11.10 22.23 38.64
CA GLY C 420 10.35 20.99 38.56
C GLY C 420 11.14 19.84 37.98
N PHE C 421 10.53 18.65 37.96
CA PHE C 421 11.16 17.48 37.37
C PHE C 421 10.14 16.72 36.54
N ASP C 422 10.64 15.84 35.67
CA ASP C 422 9.82 15.06 34.76
C ASP C 422 10.15 13.59 34.94
N PHE C 423 9.20 12.82 35.46
CA PHE C 423 9.39 11.44 35.86
C PHE C 423 8.52 10.53 35.01
N GLU C 424 9.08 9.41 34.57
CA GLU C 424 8.37 8.41 33.78
C GLU C 424 8.44 7.08 34.51
N LEU C 425 7.27 6.53 34.84
CA LEU C 425 7.16 5.20 35.44
C LEU C 425 6.89 4.20 34.33
N ILE C 426 7.75 3.19 34.21
CA ILE C 426 7.78 2.30 33.05
C ILE C 426 7.25 0.93 33.44
N ASP C 427 6.47 0.32 32.55
CA ASP C 427 6.03 -1.06 32.68
C ASP C 427 7.11 -1.94 32.05
N GLN C 428 8.00 -2.47 32.88
CA GLN C 428 9.21 -3.14 32.38
C GLN C 428 9.05 -4.64 32.22
N ALA C 429 7.91 -5.23 32.61
CA ALA C 429 7.75 -6.67 32.55
C ALA C 429 6.33 -7.04 32.14
N GLY C 430 5.75 -6.28 31.21
CA GLY C 430 4.44 -6.58 30.66
C GLY C 430 3.35 -6.76 31.70
N LEU C 431 3.22 -5.80 32.61
CA LEU C 431 2.27 -5.93 33.71
C LEU C 431 0.86 -5.58 33.29
N GLY C 432 0.70 -4.52 32.50
CA GLY C 432 -0.61 -4.09 32.08
C GLY C 432 -0.97 -2.71 32.64
N HIS C 433 -1.98 -2.10 32.02
CA HIS C 433 -2.36 -0.75 32.40
C HIS C 433 -2.95 -0.70 33.80
N GLU C 434 -3.76 -1.70 34.16
CA GLU C 434 -4.43 -1.68 35.46
C GLU C 434 -3.41 -1.80 36.60
N LYS C 435 -2.38 -2.62 36.43
CA LYS C 435 -1.36 -2.75 37.47
C LYS C 435 -0.41 -1.56 37.48
N LEU C 436 -0.10 -1.00 36.30
CA LEU C 436 0.76 0.17 36.25
C LEU C 436 0.12 1.37 36.91
N THR C 437 -1.22 1.42 36.95
CA THR C 437 -1.90 2.48 37.67
C THR C 437 -1.75 2.29 39.17
N GLN C 438 -1.89 1.05 39.65
CA GLN C 438 -1.71 0.78 41.08
C GLN C 438 -0.28 1.12 41.52
N ALA C 439 0.71 0.79 40.68
CA ALA C 439 2.08 1.15 41.00
C ALA C 439 2.25 2.66 41.01
N ARG C 440 1.53 3.37 40.14
CA ARG C 440 1.59 4.83 40.15
C ARG C 440 1.01 5.40 41.42
N ASN C 441 -0.13 4.87 41.87
CA ASN C 441 -0.75 5.36 43.10
C ASN C 441 0.12 5.05 44.32
N GLN C 442 0.86 3.94 44.29
CA GLN C 442 1.77 3.63 45.39
C GLN C 442 2.89 4.66 45.49
N LEU C 443 3.41 5.09 44.34
CA LEU C 443 4.45 6.13 44.35
C LEU C 443 3.88 7.49 44.71
N LEU C 444 2.67 7.78 44.23
CA LEU C 444 2.05 9.08 44.52
C LEU C 444 1.72 9.22 45.99
N ALA C 445 1.27 8.13 46.63
CA ALA C 445 0.98 8.17 48.05
C ALA C 445 2.25 8.32 48.88
N GLU C 446 3.29 7.56 48.53
CA GLU C 446 4.57 7.68 49.22
C GLU C 446 5.16 9.08 49.07
N ALA C 447 4.93 9.74 47.93
CA ALA C 447 5.46 11.08 47.72
C ALA C 447 4.75 12.11 48.58
N ALA C 448 3.46 11.91 48.87
CA ALA C 448 2.74 12.81 49.76
C ALA C 448 3.18 12.64 51.21
N LYS C 449 3.83 11.52 51.54
CA LYS C 449 4.38 11.34 52.87
C LYS C 449 5.61 12.20 53.13
N HIS C 450 6.16 12.84 52.10
CA HIS C 450 7.31 13.72 52.23
C HIS C 450 7.01 15.08 51.64
N PRO C 451 6.06 15.84 52.21
CA PRO C 451 5.85 17.22 51.75
C PRO C 451 6.99 18.16 52.11
N ASP C 452 7.95 17.69 52.91
CA ASP C 452 9.10 18.50 53.29
C ASP C 452 10.15 18.57 52.19
N MET C 453 10.07 17.70 51.19
CA MET C 453 11.06 17.68 50.12
C MET C 453 10.39 17.71 48.75
N LEU C 454 9.18 17.16 48.65
CA LEU C 454 8.44 17.09 47.40
C LEU C 454 7.10 17.78 47.54
N THR C 455 6.68 18.47 46.47
CA THR C 455 5.41 19.18 46.45
C THR C 455 4.81 19.07 45.06
N SER C 456 3.49 18.83 45.02
CA SER C 456 2.71 18.83 43.78
C SER C 456 3.13 17.67 42.86
N VAL C 457 3.46 16.54 43.46
CA VAL C 457 3.71 15.31 42.73
C VAL C 457 2.38 14.78 42.22
N ARG C 458 2.22 14.70 40.89
CA ARG C 458 0.94 14.37 40.28
C ARG C 458 1.20 13.72 38.92
N PRO C 459 0.27 12.89 38.44
CA PRO C 459 0.36 12.38 37.07
C PRO C 459 0.07 13.47 36.06
N ASN C 460 0.75 13.38 34.91
CA ASN C 460 0.49 14.29 33.81
C ASN C 460 -0.62 13.81 32.90
N GLY C 461 -0.88 12.51 32.87
CA GLY C 461 -1.89 11.96 31.99
C GLY C 461 -3.29 12.09 32.54
N LEU C 462 -4.18 11.28 32.00
CA LEU C 462 -5.60 11.29 32.35
C LEU C 462 -5.95 10.04 33.15
N GLU C 463 -7.06 10.14 33.89
CA GLU C 463 -7.52 9.03 34.71
C GLU C 463 -8.46 8.12 33.93
N ASP C 464 -8.62 6.90 34.42
CA ASP C 464 -9.56 5.97 33.81
C ASP C 464 -10.97 6.50 33.93
N THR C 465 -11.76 6.32 32.89
CA THR C 465 -13.12 6.82 32.79
C THR C 465 -14.07 5.67 32.45
N PRO C 466 -15.36 5.83 32.74
CA PRO C 466 -16.32 4.78 32.38
C PRO C 466 -16.44 4.64 30.86
N GLN C 467 -16.49 3.39 30.40
CA GLN C 467 -16.62 3.11 28.98
C GLN C 467 -17.66 2.00 28.79
N PHE C 468 -18.25 1.98 27.60
CA PHE C 468 -19.39 1.13 27.29
C PHE C 468 -18.88 -0.10 26.52
N LYS C 469 -18.59 -1.16 27.26
CA LYS C 469 -18.12 -2.40 26.66
C LYS C 469 -19.30 -3.19 26.11
N ILE C 470 -19.27 -3.50 24.82
CA ILE C 470 -20.30 -4.31 24.17
C ILE C 470 -19.65 -5.60 23.68
N ASP C 471 -20.24 -6.73 24.01
CA ASP C 471 -19.68 -8.04 23.69
C ASP C 471 -20.56 -8.71 22.64
N ILE C 472 -19.99 -8.95 21.47
CA ILE C 472 -20.69 -9.66 20.40
C ILE C 472 -20.66 -11.15 20.70
N ASP C 473 -21.84 -11.78 20.66
CA ASP C 473 -21.96 -13.22 20.88
C ASP C 473 -21.88 -13.92 19.53
N GLN C 474 -20.76 -14.61 19.28
CA GLN C 474 -20.56 -15.25 17.98
C GLN C 474 -21.59 -16.34 17.72
N GLU C 475 -21.96 -17.09 18.77
CA GLU C 475 -22.88 -18.21 18.57
C GLU C 475 -24.24 -17.74 18.09
N LYS C 476 -24.76 -16.65 18.67
CA LYS C 476 -26.05 -16.13 18.23
C LYS C 476 -25.96 -15.53 16.83
N ALA C 477 -24.85 -14.86 16.52
CA ALA C 477 -24.68 -14.27 15.20
C ALA C 477 -24.63 -15.35 14.13
N GLN C 478 -23.88 -16.44 14.38
CA GLN C 478 -23.82 -17.52 13.42
C GLN C 478 -25.13 -18.29 13.34
N ALA C 479 -25.84 -18.42 14.46
CA ALA C 479 -27.14 -19.09 14.44
C ALA C 479 -28.15 -18.33 13.59
N LEU C 480 -28.11 -17.00 13.65
CA LEU C 480 -29.03 -16.16 12.89
C LEU C 480 -28.55 -15.88 11.47
N GLY C 481 -27.30 -16.21 11.16
CA GLY C 481 -26.78 -15.92 9.83
C GLY C 481 -26.33 -14.50 9.63
N VAL C 482 -25.94 -13.81 10.70
CA VAL C 482 -25.49 -12.42 10.63
C VAL C 482 -23.97 -12.42 10.54
N SER C 483 -23.44 -11.76 9.51
CA SER C 483 -22.00 -11.71 9.32
C SER C 483 -21.35 -10.83 10.37
N ILE C 484 -20.17 -11.23 10.83
CA ILE C 484 -19.43 -10.44 11.81
C ILE C 484 -19.00 -9.11 11.19
N ASN C 485 -18.61 -9.13 9.91
CA ASN C 485 -18.21 -7.90 9.23
C ASN C 485 -19.39 -6.95 9.08
N ASP C 486 -20.59 -7.48 8.82
CA ASP C 486 -21.78 -6.64 8.79
C ASP C 486 -22.02 -5.98 10.15
N ILE C 487 -21.77 -6.72 11.23
CA ILE C 487 -21.98 -6.18 12.57
C ILE C 487 -20.98 -5.06 12.85
N ASN C 488 -19.69 -5.36 12.71
CA ASN C 488 -18.66 -4.40 13.09
C ASN C 488 -18.66 -3.17 12.19
N THR C 489 -19.14 -3.29 10.95
CA THR C 489 -19.27 -2.12 10.10
C THR C 489 -20.54 -1.33 10.45
N THR C 490 -21.65 -2.03 10.70
CA THR C 490 -22.86 -1.35 11.17
C THR C 490 -22.58 -0.56 12.44
N LEU C 491 -22.00 -1.22 13.44
CA LEU C 491 -21.68 -0.55 14.69
C LEU C 491 -20.68 0.59 14.48
N GLY C 492 -19.58 0.31 13.80
CA GLY C 492 -18.52 1.29 13.69
C GLY C 492 -18.90 2.49 12.84
N ALA C 493 -19.48 2.24 11.67
CA ALA C 493 -19.81 3.34 10.76
C ALA C 493 -20.89 4.24 11.35
N ALA C 494 -21.89 3.66 12.02
CA ALA C 494 -22.96 4.46 12.59
C ALA C 494 -22.48 5.27 13.79
N TRP C 495 -21.75 4.63 14.70
CA TRP C 495 -21.38 5.26 15.95
C TRP C 495 -20.05 6.00 15.90
N GLY C 496 -19.20 5.70 14.92
CA GLY C 496 -17.90 6.35 14.85
C GLY C 496 -17.65 7.11 13.57
N GLY C 497 -18.44 6.83 12.55
CA GLY C 497 -18.22 7.46 11.25
C GLY C 497 -17.28 6.65 10.39
N SER C 498 -17.43 6.82 9.07
CA SER C 498 -16.63 6.08 8.12
C SER C 498 -16.31 6.95 6.92
N TYR C 499 -15.02 7.02 6.58
CA TYR C 499 -14.56 7.77 5.40
C TYR C 499 -14.65 6.83 4.19
N VAL C 500 -15.71 7.00 3.40
CA VAL C 500 -15.98 6.12 2.28
C VAL C 500 -15.03 6.42 1.12
N ASN C 501 -15.27 7.53 0.43
CA ASN C 501 -14.44 7.89 -0.72
C ASN C 501 -14.44 9.41 -0.87
N ASP C 502 -13.94 9.88 -2.00
CA ASP C 502 -13.83 11.31 -2.29
C ASP C 502 -14.92 11.75 -3.24
N PHE C 503 -15.20 13.06 -3.23
CA PHE C 503 -16.10 13.69 -4.18
C PHE C 503 -15.52 15.04 -4.56
N ILE C 504 -16.15 15.69 -5.54
CA ILE C 504 -15.68 16.96 -6.07
C ILE C 504 -16.67 18.05 -5.65
N ASP C 505 -16.20 18.99 -4.83
CA ASP C 505 -17.02 20.10 -4.36
C ASP C 505 -16.51 21.37 -5.02
N ARG C 506 -17.24 21.85 -6.03
CA ARG C 506 -16.91 23.08 -6.76
C ARG C 506 -15.51 23.00 -7.37
N GLY C 507 -15.15 21.82 -7.87
CA GLY C 507 -13.89 21.63 -8.53
C GLY C 507 -12.73 21.20 -7.65
N ARG C 508 -13.01 20.82 -6.39
CA ARG C 508 -11.96 20.43 -5.46
C ARG C 508 -12.31 19.09 -4.83
N VAL C 509 -11.31 18.24 -4.66
CA VAL C 509 -11.49 16.91 -4.08
C VAL C 509 -11.67 17.04 -2.58
N LYS C 510 -12.76 16.51 -2.05
CA LYS C 510 -13.03 16.51 -0.62
C LYS C 510 -13.60 15.16 -0.23
N LYS C 511 -13.70 14.94 1.07
CA LYS C 511 -14.03 13.64 1.64
C LYS C 511 -15.55 13.42 1.71
N VAL C 512 -15.94 12.15 1.74
CA VAL C 512 -17.31 11.74 2.00
C VAL C 512 -17.33 10.91 3.27
N TYR C 513 -18.14 11.31 4.24
CA TYR C 513 -18.24 10.63 5.52
C TYR C 513 -19.67 10.14 5.72
N VAL C 514 -19.81 8.89 6.17
CA VAL C 514 -21.10 8.32 6.50
C VAL C 514 -21.13 8.04 8.00
N MET C 515 -22.19 8.51 8.66
CA MET C 515 -22.32 8.41 10.10
C MET C 515 -23.80 8.47 10.44
N SER C 516 -24.12 8.07 11.67
CA SER C 516 -25.50 8.15 12.14
C SER C 516 -25.83 9.59 12.52
N GLU C 517 -27.07 9.99 12.25
CA GLU C 517 -27.58 11.22 12.82
C GLU C 517 -27.45 11.17 14.33
N ALA C 518 -27.14 12.33 14.93
CA ALA C 518 -26.75 12.34 16.33
C ALA C 518 -27.86 11.77 17.22
N LYS C 519 -29.11 12.03 16.87
CA LYS C 519 -30.23 11.59 17.69
C LYS C 519 -30.19 10.10 17.99
N TYR C 520 -29.62 9.30 17.08
CA TYR C 520 -29.68 7.85 17.19
C TYR C 520 -28.35 7.21 17.58
N ARG C 521 -27.40 7.99 18.09
CA ARG C 521 -26.12 7.47 18.52
C ARG C 521 -25.66 8.18 19.77
N MET C 522 -26.58 8.38 20.72
CA MET C 522 -26.28 9.10 21.95
C MET C 522 -26.19 8.21 23.17
N LEU C 523 -27.18 7.36 23.42
CA LEU C 523 -27.32 6.64 24.69
C LEU C 523 -27.56 5.14 24.47
N PRO C 524 -27.19 4.30 25.45
CA PRO C 524 -27.16 2.84 25.20
C PRO C 524 -28.44 2.26 24.61
N ASP C 525 -29.59 2.84 24.91
CA ASP C 525 -30.83 2.35 24.31
C ASP C 525 -30.85 2.55 22.80
N ASP C 526 -30.07 3.49 22.27
CA ASP C 526 -29.98 3.67 20.83
C ASP C 526 -29.33 2.50 20.12
N ILE C 527 -28.63 1.63 20.86
CA ILE C 527 -28.02 0.45 20.25
C ILE C 527 -29.08 -0.49 19.72
N GLY C 528 -30.14 -0.72 20.50
CA GLY C 528 -31.20 -1.62 20.08
C GLY C 528 -31.95 -1.18 18.83
N ASP C 529 -31.79 0.08 18.41
CA ASP C 529 -32.47 0.59 17.24
C ASP C 529 -31.75 0.25 15.94
N TRP C 530 -30.51 -0.23 16.00
CA TRP C 530 -29.71 -0.49 14.82
C TRP C 530 -29.85 -1.95 14.42
N TYR C 531 -30.27 -2.18 13.17
CA TYR C 531 -30.55 -3.50 12.66
C TYR C 531 -29.51 -3.91 11.62
N VAL C 532 -29.13 -5.17 11.65
CA VAL C 532 -28.26 -5.76 10.63
C VAL C 532 -29.09 -6.80 9.88
N ARG C 533 -28.73 -7.02 8.61
CA ARG C 533 -29.42 -7.99 7.78
C ARG C 533 -28.63 -9.29 7.74
N ALA C 534 -29.32 -10.41 7.96
CA ALA C 534 -28.71 -11.71 7.93
C ALA C 534 -28.71 -12.28 6.51
N ALA C 535 -28.14 -13.47 6.36
CA ALA C 535 -28.05 -14.08 5.03
C ALA C 535 -29.43 -14.40 4.47
N ASP C 536 -30.35 -14.84 5.34
CA ASP C 536 -31.69 -15.20 4.88
C ASP C 536 -32.56 -13.98 4.57
N GLY C 537 -32.11 -12.77 4.90
CA GLY C 537 -32.81 -11.56 4.56
C GLY C 537 -33.53 -10.88 5.70
N GLN C 538 -33.66 -11.52 6.85
CA GLN C 538 -34.37 -10.93 7.97
C GLN C 538 -33.49 -9.92 8.70
N MET C 539 -34.11 -8.84 9.16
CA MET C 539 -33.40 -7.81 9.92
C MET C 539 -33.28 -8.24 11.37
N VAL C 540 -32.05 -8.31 11.87
CA VAL C 540 -31.77 -8.74 13.24
C VAL C 540 -31.33 -7.52 14.04
N PRO C 541 -31.96 -7.21 15.17
CA PRO C 541 -31.52 -6.06 15.97
C PRO C 541 -30.23 -6.37 16.72
N PHE C 542 -29.55 -5.30 17.12
CA PHE C 542 -28.29 -5.46 17.84
C PHE C 542 -28.50 -6.14 19.18
N SER C 543 -29.64 -5.88 19.83
CA SER C 543 -29.91 -6.46 21.14
C SER C 543 -30.00 -7.99 21.10
N ALA C 544 -30.29 -8.57 19.93
CA ALA C 544 -30.49 -10.01 19.85
C ALA C 544 -29.20 -10.80 19.92
N PHE C 545 -28.06 -10.20 19.56
CA PHE C 545 -26.80 -10.93 19.53
C PHE C 545 -25.67 -10.20 20.27
N SER C 546 -25.98 -9.29 21.18
CA SER C 546 -24.96 -8.55 21.89
C SER C 546 -25.36 -8.34 23.35
N SER C 547 -24.35 -8.20 24.20
CA SER C 547 -24.54 -7.84 25.59
C SER C 547 -23.61 -6.66 25.91
N SER C 548 -23.96 -5.93 26.96
CA SER C 548 -23.25 -4.68 27.28
C SER C 548 -23.09 -4.53 28.79
N ARG C 549 -21.95 -3.97 29.18
CA ARG C 549 -21.66 -3.66 30.58
C ARG C 549 -20.90 -2.34 30.66
N TRP C 550 -20.90 -1.76 31.85
CA TRP C 550 -20.04 -0.62 32.15
C TRP C 550 -18.74 -1.10 32.74
N GLU C 551 -17.63 -0.48 32.33
CA GLU C 551 -16.33 -0.77 32.92
C GLU C 551 -15.46 0.48 32.82
N TYR C 552 -14.22 0.37 33.28
CA TYR C 552 -13.30 1.49 33.30
C TYR C 552 -12.11 1.20 32.41
N GLY C 553 -11.66 2.22 31.67
CA GLY C 553 -10.53 2.10 30.79
C GLY C 553 -9.88 3.45 30.59
N SER C 554 -8.70 3.42 29.99
CA SER C 554 -7.95 4.66 29.86
C SER C 554 -8.37 5.40 28.59
N PRO C 555 -8.64 6.70 28.67
CA PRO C 555 -8.84 7.52 27.48
C PRO C 555 -7.56 8.11 26.90
N ARG C 556 -6.40 7.75 27.45
CA ARG C 556 -5.12 8.26 26.98
C ARG C 556 -3.97 7.41 27.54
N LEU C 557 -3.49 6.48 26.73
CA LEU C 557 -2.41 5.58 27.14
C LEU C 557 -1.08 6.17 26.72
N GLU C 558 -0.15 6.25 27.68
CA GLU C 558 1.18 6.78 27.42
C GLU C 558 2.18 5.65 27.26
N ARG C 559 3.24 5.92 26.49
CA ARG C 559 4.33 4.99 26.30
C ARG C 559 5.64 5.77 26.28
N TYR C 560 6.68 5.20 26.86
CA TYR C 560 8.00 5.81 26.90
C TYR C 560 9.03 4.80 26.42
N ASN C 561 9.76 5.14 25.35
CA ASN C 561 10.80 4.29 24.80
C ASN C 561 10.26 2.90 24.45
N GLY C 562 9.05 2.87 23.91
CA GLY C 562 8.45 1.65 23.40
C GLY C 562 7.67 0.83 24.40
N LEU C 563 7.73 1.17 25.69
CA LEU C 563 7.04 0.42 26.72
C LEU C 563 5.96 1.27 27.38
N PRO C 564 4.89 0.65 27.89
CA PRO C 564 3.83 1.42 28.55
C PRO C 564 4.39 2.26 29.69
N SER C 565 3.92 3.50 29.78
CA SER C 565 4.49 4.46 30.70
C SER C 565 3.40 5.32 31.32
N MET C 566 3.77 6.06 32.36
CA MET C 566 2.89 7.03 32.98
C MET C 566 3.76 8.18 33.48
N GLU C 567 3.56 9.36 32.87
CA GLU C 567 4.38 10.53 33.20
C GLU C 567 3.94 11.12 34.53
N ILE C 568 4.92 11.47 35.36
CA ILE C 568 4.68 12.03 36.68
C ILE C 568 5.49 13.31 36.81
N LEU C 569 4.81 14.42 37.09
CA LEU C 569 5.45 15.71 37.30
C LEU C 569 5.52 16.04 38.78
N GLY C 570 6.30 17.06 39.10
CA GLY C 570 6.46 17.49 40.47
C GLY C 570 7.57 18.51 40.59
N GLN C 571 7.91 18.84 41.83
CA GLN C 571 8.96 19.82 42.09
C GLN C 571 9.44 19.64 43.53
N ALA C 572 10.65 20.13 43.78
CA ALA C 572 11.21 20.08 45.13
C ALA C 572 10.50 21.09 46.03
N ALA C 573 10.46 20.77 47.32
CA ALA C 573 9.88 21.66 48.30
C ALA C 573 10.73 22.92 48.42
N PRO C 574 10.17 23.99 48.99
CA PRO C 574 10.95 25.22 49.18
C PRO C 574 12.23 24.96 49.97
N GLY C 575 13.33 25.55 49.48
CA GLY C 575 14.61 25.42 50.12
C GLY C 575 15.40 24.17 49.76
N LYS C 576 14.87 23.31 48.92
CA LYS C 576 15.53 22.07 48.53
C LYS C 576 15.98 22.15 47.08
N SER C 577 17.17 21.63 46.81
CA SER C 577 17.63 21.54 45.44
C SER C 577 16.85 20.47 44.69
N THR C 578 16.84 20.59 43.36
CA THR C 578 16.07 19.64 42.54
C THR C 578 16.64 18.23 42.68
N GLY C 579 17.95 18.09 42.53
CA GLY C 579 18.59 16.80 42.69
C GLY C 579 18.33 16.14 44.04
N GLU C 580 18.03 16.94 45.07
CA GLU C 580 17.60 16.39 46.34
C GLU C 580 16.25 15.69 46.18
N ALA C 581 15.35 16.28 45.40
CA ALA C 581 14.02 15.70 45.22
C ALA C 581 14.07 14.46 44.33
N MET C 582 14.91 14.50 43.29
CA MET C 582 14.98 13.38 42.36
C MET C 582 15.42 12.09 43.06
N GLU C 583 16.40 12.19 43.96
CA GLU C 583 16.90 11.00 44.64
C GLU C 583 15.82 10.37 45.52
N LEU C 584 15.00 11.19 46.18
CA LEU C 584 13.90 10.64 46.97
C LEU C 584 12.90 9.91 46.08
N MET C 585 12.57 10.50 44.93
CA MET C 585 11.74 9.80 43.95
C MET C 585 12.36 8.48 43.54
N GLU C 586 13.67 8.47 43.30
CA GLU C 586 14.36 7.23 42.97
C GLU C 586 14.33 6.25 44.13
N GLN C 587 14.36 6.74 45.37
CA GLN C 587 14.25 5.87 46.53
C GLN C 587 12.84 5.29 46.64
N LEU C 588 11.82 6.13 46.44
CA LEU C 588 10.44 5.65 46.51
C LEU C 588 10.14 4.68 45.37
N ALA C 589 10.68 4.96 44.18
CA ALA C 589 10.45 4.07 43.04
C ALA C 589 11.18 2.74 43.19
N SER C 590 12.17 2.66 44.08
CA SER C 590 12.93 1.44 44.30
C SER C 590 12.18 0.40 45.12
N LYS C 591 10.99 0.74 45.63
CA LYS C 591 10.18 -0.19 46.41
C LYS C 591 8.85 -0.51 45.74
N LEU C 592 8.64 -0.05 44.52
CA LEU C 592 7.42 -0.35 43.78
C LEU C 592 7.40 -1.82 43.39
N PRO C 593 6.20 -2.36 43.04
CA PRO C 593 6.10 -3.79 42.72
C PRO C 593 7.07 -4.27 41.65
N THR C 594 7.31 -5.58 41.61
CA THR C 594 8.27 -6.14 40.66
C THR C 594 7.84 -5.88 39.22
N GLY C 595 8.82 -5.58 38.37
CA GLY C 595 8.56 -5.29 36.98
C GLY C 595 8.27 -3.84 36.66
N VAL C 596 8.49 -2.93 37.62
CA VAL C 596 8.16 -1.53 37.46
C VAL C 596 9.46 -0.74 37.56
N GLY C 597 9.87 -0.12 36.44
CA GLY C 597 11.04 0.71 36.40
C GLY C 597 10.72 2.16 36.09
N TYR C 598 11.77 2.96 35.94
CA TYR C 598 11.55 4.38 35.76
C TYR C 598 12.69 5.03 34.99
N ASP C 599 12.44 6.24 34.52
CA ASP C 599 13.41 7.00 33.74
C ASP C 599 13.14 8.48 33.91
N TRP C 600 14.17 9.29 33.65
CA TRP C 600 14.04 10.74 33.66
C TRP C 600 14.02 11.27 32.24
N THR C 601 13.12 12.22 31.97
CA THR C 601 12.90 12.72 30.63
C THR C 601 12.75 14.22 30.65
N GLY C 602 12.71 14.82 29.45
CA GLY C 602 12.46 16.24 29.33
C GLY C 602 13.57 17.07 29.96
N MET C 603 13.18 18.02 30.80
CA MET C 603 14.13 18.89 31.46
C MET C 603 14.92 18.20 32.56
N SER C 604 14.58 16.95 32.89
CA SER C 604 15.32 16.17 33.88
C SER C 604 16.34 15.22 33.27
N TYR C 605 16.36 15.09 31.94
CA TYR C 605 17.29 14.21 31.26
C TYR C 605 18.72 14.74 31.34
N HIS D 6 11.92 -53.11 -6.80
CA HIS D 6 12.09 -51.95 -7.67
C HIS D 6 12.22 -50.66 -6.85
N HIS D 7 11.65 -50.67 -5.65
CA HIS D 7 11.76 -49.55 -4.73
C HIS D 7 12.98 -49.76 -3.85
N HIS D 8 14.09 -49.13 -4.22
CA HIS D 8 15.35 -49.36 -3.53
C HIS D 8 15.45 -48.47 -2.29
N HIS D 9 16.34 -48.89 -1.37
CA HIS D 9 16.44 -48.29 -0.05
C HIS D 9 17.65 -47.36 0.07
N HIS D 10 17.62 -46.52 1.10
CA HIS D 10 18.68 -45.55 1.31
C HIS D 10 20.01 -46.25 1.59
N GLY D 11 21.07 -45.72 1.02
CA GLY D 11 22.38 -46.38 0.97
C GLY D 11 23.32 -45.91 2.06
N SER D 12 24.60 -45.78 1.71
CA SER D 12 25.65 -45.53 2.69
C SER D 12 26.65 -44.47 2.22
N ASP D 13 27.82 -44.91 1.74
CA ASP D 13 28.90 -43.99 1.41
C ASP D 13 29.31 -44.11 -0.05
N LEU D 14 29.84 -45.27 -0.48
CA LEU D 14 30.17 -45.45 -1.90
C LEU D 14 28.93 -45.29 -2.77
N GLY D 15 27.76 -45.70 -2.26
CA GLY D 15 26.52 -45.46 -2.99
C GLY D 15 26.19 -43.99 -3.11
N LYS D 16 26.55 -43.19 -2.10
CA LYS D 16 26.35 -41.75 -2.19
C LYS D 16 27.28 -41.12 -3.22
N LYS D 17 28.55 -41.51 -3.22
CA LYS D 17 29.49 -40.98 -4.19
C LYS D 17 29.08 -41.32 -5.62
N LEU D 18 28.49 -42.51 -5.81
CA LEU D 18 27.99 -42.88 -7.13
C LEU D 18 26.77 -42.04 -7.50
N LEU D 19 25.87 -41.79 -6.55
CA LEU D 19 24.73 -40.93 -6.81
C LEU D 19 25.18 -39.50 -7.09
N GLU D 20 26.21 -39.03 -6.38
CA GLU D 20 26.69 -37.67 -6.61
C GLU D 20 27.41 -37.55 -7.94
N ALA D 21 28.02 -38.63 -8.42
CA ALA D 21 28.75 -38.61 -9.68
C ALA D 21 27.86 -38.87 -10.89
N ALA D 22 26.88 -39.77 -10.75
CA ALA D 22 25.93 -39.98 -11.82
C ALA D 22 25.10 -38.73 -12.12
N ARG D 23 24.99 -37.83 -11.14
CA ARG D 23 24.27 -36.58 -11.35
C ARG D 23 25.14 -35.53 -12.03
N ALA D 24 26.42 -35.45 -11.64
CA ALA D 24 27.32 -34.45 -12.20
C ALA D 24 27.92 -34.85 -13.54
N GLY D 25 27.82 -36.11 -13.93
CA GLY D 25 28.36 -36.53 -15.20
C GLY D 25 29.85 -36.83 -15.20
N ARG D 26 30.36 -37.39 -14.11
CA ARG D 26 31.77 -37.76 -14.02
C ARG D 26 31.90 -39.22 -14.41
N ASP D 27 32.16 -39.46 -15.70
CA ASP D 27 32.19 -40.83 -16.23
C ASP D 27 33.33 -41.63 -15.63
N ASP D 28 34.51 -41.02 -15.50
CA ASP D 28 35.69 -41.76 -15.06
C ASP D 28 35.50 -42.32 -13.66
N GLU D 29 34.91 -41.54 -12.75
CA GLU D 29 34.75 -41.98 -11.37
C GLU D 29 33.59 -42.97 -11.23
N VAL D 30 32.54 -42.83 -12.04
CA VAL D 30 31.46 -43.80 -12.03
C VAL D 30 31.99 -45.20 -12.33
N ARG D 31 32.88 -45.31 -13.32
CA ARG D 31 33.50 -46.60 -13.62
C ARG D 31 34.40 -47.06 -12.48
N ILE D 32 35.11 -46.12 -11.84
CA ILE D 32 35.99 -46.47 -10.73
C ILE D 32 35.19 -47.07 -9.58
N LEU D 33 34.09 -46.42 -9.22
CA LEU D 33 33.31 -46.87 -8.07
C LEU D 33 32.61 -48.20 -8.33
N MET D 34 32.20 -48.44 -9.58
CA MET D 34 31.59 -49.72 -9.91
C MET D 34 32.58 -50.86 -9.77
N ALA D 35 33.83 -50.63 -10.17
CA ALA D 35 34.87 -51.64 -10.01
C ALA D 35 35.21 -51.89 -8.54
N ASN D 36 34.83 -50.98 -7.65
CA ASN D 36 35.07 -51.13 -6.22
C ASN D 36 33.81 -51.54 -5.47
N GLY D 37 32.80 -52.05 -6.17
CA GLY D 37 31.66 -52.66 -5.54
C GLY D 37 30.52 -51.74 -5.15
N ALA D 38 30.48 -50.52 -5.67
CA ALA D 38 29.41 -49.60 -5.33
C ALA D 38 28.07 -50.17 -5.76
N ASP D 39 27.04 -49.95 -4.94
CA ASP D 39 25.71 -50.46 -5.25
C ASP D 39 25.13 -49.70 -6.43
N VAL D 40 24.85 -50.43 -7.52
CA VAL D 40 24.31 -49.80 -8.72
C VAL D 40 22.86 -49.37 -8.51
N ASN D 41 22.18 -49.90 -7.51
CA ASN D 41 20.81 -49.54 -7.20
C ASN D 41 20.70 -48.73 -5.91
N ALA D 42 21.73 -47.92 -5.62
CA ALA D 42 21.67 -47.04 -4.47
C ALA D 42 20.61 -45.97 -4.69
N ALA D 43 19.88 -45.65 -3.62
CA ALA D 43 18.80 -44.69 -3.70
C ALA D 43 19.06 -43.53 -2.75
N ASP D 44 18.54 -42.36 -3.09
CA ASP D 44 18.60 -41.21 -2.22
C ASP D 44 17.27 -41.08 -1.47
N VAL D 45 17.01 -39.90 -0.90
CA VAL D 45 15.83 -39.75 -0.03
C VAL D 45 14.54 -39.81 -0.84
N VAL D 46 14.57 -39.35 -2.10
CA VAL D 46 13.38 -39.39 -2.94
C VAL D 46 13.28 -40.67 -3.76
N GLY D 47 14.20 -41.62 -3.58
CA GLY D 47 14.10 -42.88 -4.29
C GLY D 47 14.74 -42.91 -5.65
N TRP D 48 15.54 -41.92 -6.00
CA TRP D 48 16.20 -41.86 -7.30
C TRP D 48 17.50 -42.65 -7.25
N THR D 49 17.65 -43.56 -8.20
CA THR D 49 18.87 -44.34 -8.36
C THR D 49 19.87 -43.57 -9.21
N PRO D 50 21.11 -44.04 -9.33
CA PRO D 50 22.04 -43.40 -10.28
C PRO D 50 21.53 -43.42 -11.70
N LEU D 51 20.68 -44.38 -12.05
CA LEU D 51 20.06 -44.38 -13.37
C LEU D 51 19.01 -43.28 -13.49
N HIS D 52 18.26 -43.05 -12.42
CA HIS D 52 17.31 -41.93 -12.40
C HIS D 52 18.04 -40.61 -12.66
N LEU D 53 19.16 -40.40 -11.95
CA LEU D 53 19.86 -39.11 -12.04
C LEU D 53 20.49 -38.92 -13.41
N ALA D 54 21.07 -39.98 -13.98
CA ALA D 54 21.71 -39.86 -15.29
C ALA D 54 20.68 -39.64 -16.39
N ALA D 55 19.52 -40.30 -16.27
CA ALA D 55 18.46 -40.09 -17.26
C ALA D 55 17.85 -38.69 -17.13
N TYR D 56 17.92 -38.10 -15.94
CA TYR D 56 17.38 -36.76 -15.74
C TYR D 56 18.27 -35.71 -16.38
N TRP D 57 19.56 -35.71 -16.03
CA TRP D 57 20.50 -34.70 -16.49
C TRP D 57 21.13 -35.03 -17.84
N GLY D 58 20.71 -36.11 -18.47
CA GLY D 58 21.17 -36.43 -19.82
C GLY D 58 22.64 -36.81 -19.93
N HIS D 59 23.03 -37.88 -19.24
CA HIS D 59 24.38 -38.41 -19.32
C HIS D 59 24.27 -39.82 -19.90
N LEU D 60 24.27 -39.89 -21.23
CA LEU D 60 23.97 -41.15 -21.92
C LEU D 60 25.01 -42.23 -21.62
N GLU D 61 26.28 -41.84 -21.52
CA GLU D 61 27.32 -42.82 -21.23
C GLU D 61 27.11 -43.44 -19.85
N ILE D 62 26.79 -42.63 -18.85
CA ILE D 62 26.53 -43.15 -17.52
C ILE D 62 25.32 -44.08 -17.54
N VAL D 63 24.32 -43.77 -18.36
CA VAL D 63 23.15 -44.63 -18.49
C VAL D 63 23.56 -46.01 -19.00
N GLU D 64 24.51 -46.05 -19.93
CA GLU D 64 24.96 -47.32 -20.47
C GLU D 64 25.88 -48.07 -19.52
N VAL D 65 26.69 -47.35 -18.73
CA VAL D 65 27.61 -48.00 -17.81
C VAL D 65 26.85 -48.64 -16.65
N LEU D 66 25.81 -47.95 -16.15
CA LEU D 66 25.01 -48.52 -15.08
C LEU D 66 24.27 -49.76 -15.56
N LEU D 67 23.64 -49.68 -16.74
CA LEU D 67 22.95 -50.83 -17.29
C LEU D 67 23.91 -51.97 -17.58
N LYS D 68 25.15 -51.66 -17.97
CA LYS D 68 26.18 -52.68 -18.09
C LYS D 68 26.32 -53.46 -16.79
N ASN D 69 26.29 -52.75 -15.65
CA ASN D 69 26.45 -53.35 -14.34
C ASN D 69 25.12 -53.73 -13.70
N GLY D 70 24.12 -54.10 -14.49
CA GLY D 70 22.88 -54.61 -13.95
C GLY D 70 22.03 -53.61 -13.20
N ALA D 71 22.08 -52.33 -13.58
CA ALA D 71 21.23 -51.35 -12.94
C ALA D 71 19.76 -51.65 -13.24
N ASP D 72 18.90 -51.36 -12.28
CA ASP D 72 17.47 -51.58 -12.44
C ASP D 72 16.91 -50.59 -13.45
N VAL D 73 16.60 -51.07 -14.66
CA VAL D 73 16.06 -50.19 -15.69
C VAL D 73 14.67 -49.70 -15.34
N ASN D 74 13.97 -50.37 -14.44
CA ASN D 74 12.61 -50.00 -14.06
C ASN D 74 12.54 -49.64 -12.58
N ALA D 75 13.58 -48.99 -12.08
CA ALA D 75 13.58 -48.53 -10.69
C ALA D 75 12.49 -47.49 -10.49
N TYR D 76 11.82 -47.57 -9.35
CA TYR D 76 10.76 -46.63 -8.99
C TYR D 76 11.27 -45.69 -7.91
N ASP D 77 10.92 -44.41 -8.05
CA ASP D 77 11.19 -43.45 -6.99
C ASP D 77 10.04 -43.51 -5.98
N THR D 78 10.06 -42.61 -5.00
CA THR D 78 9.02 -42.63 -3.97
C THR D 78 7.63 -42.32 -4.51
N LEU D 79 7.53 -41.89 -5.78
CA LEU D 79 6.25 -41.56 -6.38
C LEU D 79 5.93 -42.41 -7.60
N GLY D 80 6.74 -43.40 -7.92
CA GLY D 80 6.46 -44.32 -9.02
C GLY D 80 7.04 -43.95 -10.36
N SER D 81 7.99 -43.01 -10.41
CA SER D 81 8.57 -42.55 -11.66
C SER D 81 9.81 -43.37 -11.99
N THR D 82 9.85 -43.91 -13.21
CA THR D 82 10.97 -44.71 -13.66
C THR D 82 11.98 -43.85 -14.41
N PRO D 83 13.21 -44.34 -14.60
CA PRO D 83 14.17 -43.58 -15.41
C PRO D 83 13.68 -43.26 -16.81
N LEU D 84 12.80 -44.10 -17.37
CA LEU D 84 12.22 -43.79 -18.68
C LEU D 84 11.31 -42.57 -18.60
N HIS D 85 10.59 -42.41 -17.49
CA HIS D 85 9.75 -41.23 -17.29
C HIS D 85 10.58 -39.96 -17.40
N LEU D 86 11.74 -39.93 -16.73
CA LEU D 86 12.55 -38.71 -16.71
C LEU D 86 13.16 -38.42 -18.09
N ALA D 87 13.69 -39.46 -18.75
CA ALA D 87 14.35 -39.25 -20.03
C ALA D 87 13.36 -38.78 -21.10
N ALA D 88 12.18 -39.37 -21.13
CA ALA D 88 11.18 -38.95 -22.12
C ALA D 88 10.61 -37.58 -21.81
N HIS D 89 10.59 -37.20 -20.53
CA HIS D 89 10.02 -35.90 -20.16
C HIS D 89 10.92 -34.74 -20.55
N PHE D 90 12.24 -34.97 -20.65
CA PHE D 90 13.19 -33.89 -20.85
C PHE D 90 13.88 -33.96 -22.22
N GLY D 91 13.26 -34.63 -23.19
CA GLY D 91 13.74 -34.60 -24.55
C GLY D 91 15.09 -35.23 -24.80
N HIS D 92 15.48 -36.21 -23.98
CA HIS D 92 16.74 -36.93 -24.15
C HIS D 92 16.47 -38.15 -25.04
N LEU D 93 16.75 -38.00 -26.34
CA LEU D 93 16.40 -39.04 -27.31
C LEU D 93 17.18 -40.32 -27.06
N GLU D 94 18.51 -40.25 -27.14
CA GLU D 94 19.34 -41.45 -27.11
C GLU D 94 19.12 -42.27 -25.84
N ILE D 95 18.84 -41.61 -24.72
CA ILE D 95 18.63 -42.33 -23.46
C ILE D 95 17.36 -43.16 -23.52
N VAL D 96 16.28 -42.58 -24.05
CA VAL D 96 15.03 -43.33 -24.20
C VAL D 96 15.25 -44.56 -25.07
N GLU D 97 16.15 -44.47 -26.05
CA GLU D 97 16.47 -45.64 -26.87
C GLU D 97 17.19 -46.70 -26.04
N VAL D 98 18.25 -46.30 -25.34
CA VAL D 98 19.05 -47.26 -24.58
C VAL D 98 18.22 -47.90 -23.47
N LEU D 99 17.33 -47.13 -22.86
CA LEU D 99 16.47 -47.69 -21.81
C LEU D 99 15.52 -48.73 -22.38
N LEU D 100 14.80 -48.39 -23.45
CA LEU D 100 13.89 -49.36 -24.07
C LEU D 100 14.64 -50.56 -24.60
N LYS D 101 15.83 -50.34 -25.18
CA LYS D 101 16.65 -51.45 -25.66
C LYS D 101 17.14 -52.33 -24.52
N ASN D 102 17.16 -51.83 -23.29
CA ASN D 102 17.58 -52.59 -22.13
C ASN D 102 16.40 -53.08 -21.30
N GLY D 103 15.20 -53.11 -21.88
CA GLY D 103 14.05 -53.69 -21.22
C GLY D 103 13.24 -52.76 -20.35
N ALA D 104 13.21 -51.46 -20.67
CA ALA D 104 12.43 -50.52 -19.87
C ALA D 104 10.94 -50.70 -20.15
N ASP D 105 10.14 -50.60 -19.09
CA ASP D 105 8.68 -50.71 -19.20
C ASP D 105 8.15 -49.48 -19.92
N VAL D 106 7.77 -49.64 -21.19
CA VAL D 106 7.27 -48.52 -21.96
C VAL D 106 5.90 -48.07 -21.49
N ASN D 107 5.16 -48.92 -20.78
CA ASN D 107 3.82 -48.60 -20.29
C ASN D 107 3.80 -48.41 -18.78
N ALA D 108 4.94 -48.10 -18.17
CA ALA D 108 4.99 -47.90 -16.73
C ALA D 108 4.20 -46.65 -16.34
N LYS D 109 3.32 -46.80 -15.36
CA LYS D 109 2.53 -45.70 -14.82
C LYS D 109 3.04 -45.33 -13.43
N ASP D 110 3.18 -44.02 -13.19
CA ASP D 110 3.57 -43.56 -11.87
C ASP D 110 2.32 -43.51 -10.98
N ASP D 111 2.43 -42.86 -9.81
CA ASP D 111 1.31 -42.82 -8.88
C ASP D 111 0.08 -42.13 -9.46
N ASN D 112 0.26 -41.30 -10.49
CA ASN D 112 -0.84 -40.55 -11.08
C ASN D 112 -1.39 -41.21 -12.34
N GLY D 113 -0.85 -42.35 -12.75
CA GLY D 113 -1.20 -42.95 -14.02
C GLY D 113 -0.47 -42.35 -15.20
N ILE D 114 0.50 -41.48 -14.97
CA ILE D 114 1.22 -40.81 -16.04
C ILE D 114 2.28 -41.77 -16.58
N THR D 115 2.25 -42.00 -17.89
CA THR D 115 3.18 -42.86 -18.60
C THR D 115 4.25 -42.03 -19.28
N PRO D 116 5.37 -42.64 -19.67
CA PRO D 116 6.36 -41.90 -20.47
C PRO D 116 5.80 -41.31 -21.74
N LEU D 117 4.72 -41.89 -22.29
CA LEU D 117 4.05 -41.29 -23.44
C LEU D 117 3.46 -39.93 -23.09
N HIS D 118 2.81 -39.85 -21.91
CA HIS D 118 2.20 -38.58 -21.50
C HIS D 118 3.24 -37.49 -21.35
N LEU D 119 4.39 -37.82 -20.73
CA LEU D 119 5.41 -36.81 -20.49
C LEU D 119 6.03 -36.34 -21.79
N ALA D 120 6.35 -37.27 -22.69
CA ALA D 120 6.89 -36.88 -23.99
C ALA D 120 5.88 -36.11 -24.82
N ALA D 121 4.59 -36.41 -24.66
CA ALA D 121 3.55 -35.70 -25.41
C ALA D 121 3.35 -34.29 -24.88
N ASN D 122 3.42 -34.11 -23.56
CA ASN D 122 3.15 -32.80 -22.98
C ASN D 122 4.25 -31.80 -23.28
N ARG D 123 5.50 -32.25 -23.39
CA ARG D 123 6.61 -31.37 -23.72
C ARG D 123 6.84 -31.26 -25.22
N GLY D 124 6.02 -31.91 -26.03
CA GLY D 124 6.16 -31.81 -27.48
C GLY D 124 7.38 -32.49 -28.04
N HIS D 125 7.89 -33.52 -27.38
CA HIS D 125 9.06 -34.25 -27.85
C HIS D 125 8.59 -35.31 -28.84
N LEU D 126 8.49 -34.91 -30.10
CA LEU D 126 7.87 -35.74 -31.13
C LEU D 126 8.78 -36.87 -31.59
N GLU D 127 10.10 -36.67 -31.56
CA GLU D 127 11.00 -37.78 -31.86
C GLU D 127 10.83 -38.89 -30.83
N ILE D 128 10.63 -38.52 -29.56
CA ILE D 128 10.50 -39.50 -28.50
C ILE D 128 9.13 -40.18 -28.53
N VAL D 129 8.09 -39.46 -28.97
CA VAL D 129 6.76 -40.08 -29.03
C VAL D 129 6.75 -41.20 -30.08
N GLU D 130 7.60 -41.10 -31.09
CA GLU D 130 7.67 -42.17 -32.09
C GLU D 130 8.45 -43.36 -31.58
N VAL D 131 9.55 -43.11 -30.86
CA VAL D 131 10.33 -44.21 -30.29
C VAL D 131 9.49 -44.97 -29.26
N LEU D 132 8.70 -44.26 -28.46
CA LEU D 132 7.84 -44.93 -27.48
C LEU D 132 6.78 -45.76 -28.18
N LEU D 133 6.13 -45.18 -29.20
CA LEU D 133 5.12 -45.93 -29.95
C LEU D 133 5.74 -47.12 -30.67
N LYS D 134 6.97 -46.96 -31.17
CA LYS D 134 7.65 -48.06 -31.84
C LYS D 134 7.82 -49.26 -30.92
N TYR D 135 8.11 -49.02 -29.64
CA TYR D 135 8.30 -50.07 -28.66
C TYR D 135 7.00 -50.51 -28.00
N GLY D 136 5.86 -50.15 -28.58
CA GLY D 136 4.57 -50.66 -28.12
C GLY D 136 3.92 -49.87 -27.00
N ALA D 137 4.05 -48.55 -27.05
CA ALA D 137 3.40 -47.71 -26.05
C ALA D 137 1.88 -47.73 -26.25
N ASP D 138 1.15 -48.00 -25.17
CA ASP D 138 -0.31 -48.00 -25.20
C ASP D 138 -0.78 -46.57 -25.45
N VAL D 139 -1.16 -46.29 -26.70
CA VAL D 139 -1.52 -44.93 -27.09
C VAL D 139 -2.78 -44.48 -26.36
N ASN D 140 -3.67 -45.41 -26.01
CA ASN D 140 -4.90 -45.09 -25.31
C ASN D 140 -4.76 -45.18 -23.79
N ALA D 141 -3.54 -45.12 -23.27
CA ALA D 141 -3.35 -45.10 -21.83
C ALA D 141 -3.89 -43.80 -21.24
N GLN D 142 -4.50 -43.90 -20.08
CA GLN D 142 -5.13 -42.76 -19.42
C GLN D 142 -4.52 -42.56 -18.04
N ASP D 143 -4.34 -41.29 -17.65
CA ASP D 143 -3.86 -40.98 -16.32
C ASP D 143 -5.04 -41.02 -15.34
N LYS D 144 -4.84 -40.51 -14.12
CA LYS D 144 -5.90 -40.53 -13.13
C LYS D 144 -7.08 -39.68 -13.55
N PHE D 145 -6.84 -38.62 -14.33
CA PHE D 145 -7.90 -37.74 -14.79
C PHE D 145 -8.55 -38.22 -16.08
N GLY D 146 -8.09 -39.33 -16.65
CA GLY D 146 -8.66 -39.88 -17.85
C GLY D 146 -8.10 -39.35 -19.15
N LYS D 147 -7.00 -38.60 -19.10
CA LYS D 147 -6.45 -37.99 -20.30
C LYS D 147 -5.53 -38.97 -21.04
N THR D 148 -5.66 -38.99 -22.37
CA THR D 148 -4.75 -39.73 -23.22
C THR D 148 -3.73 -38.78 -23.84
N ALA D 149 -2.75 -39.38 -24.54
CA ALA D 149 -1.77 -38.56 -25.25
C ALA D 149 -2.43 -37.74 -26.35
N PHE D 150 -3.53 -38.24 -26.93
CA PHE D 150 -4.27 -37.47 -27.91
C PHE D 150 -4.96 -36.28 -27.26
N ASP D 151 -5.49 -36.46 -26.05
CA ASP D 151 -6.10 -35.35 -25.33
C ASP D 151 -5.07 -34.28 -24.99
N ILE D 152 -3.82 -34.69 -24.77
CA ILE D 152 -2.76 -33.71 -24.49
C ILE D 152 -2.54 -32.81 -25.69
N SER D 153 -2.46 -33.41 -26.89
CA SER D 153 -2.23 -32.62 -28.10
C SER D 153 -3.41 -31.70 -28.37
N ILE D 154 -4.63 -32.16 -28.14
CA ILE D 154 -5.80 -31.29 -28.29
C ILE D 154 -5.66 -30.06 -27.39
N ASN D 155 -5.34 -30.29 -26.11
CA ASN D 155 -5.28 -29.18 -25.16
C ASN D 155 -4.09 -28.27 -25.43
N ASN D 156 -2.95 -28.85 -25.82
CA ASN D 156 -1.75 -28.07 -26.08
C ASN D 156 -1.83 -27.29 -27.40
N GLY D 157 -2.65 -27.75 -28.35
CA GLY D 157 -2.63 -27.17 -29.68
C GLY D 157 -1.55 -27.69 -30.58
N ASN D 158 -0.88 -28.78 -30.18
CA ASN D 158 0.18 -29.40 -30.98
C ASN D 158 -0.50 -30.26 -32.04
N GLU D 159 -0.52 -29.78 -33.27
CA GLU D 159 -1.13 -30.53 -34.37
C GLU D 159 -0.13 -31.47 -35.06
N ASP D 160 1.16 -31.22 -34.95
CA ASP D 160 2.15 -32.21 -35.37
C ASP D 160 1.99 -33.50 -34.59
N LEU D 161 1.80 -33.39 -33.27
CA LEU D 161 1.65 -34.57 -32.43
C LEU D 161 0.36 -35.32 -32.75
N ALA D 162 -0.74 -34.59 -32.87
CA ALA D 162 -2.01 -35.22 -33.23
C ALA D 162 -1.90 -36.02 -34.52
N GLU D 163 -1.14 -35.49 -35.48
CA GLU D 163 -0.81 -36.25 -36.68
C GLU D 163 -0.17 -37.58 -36.31
N ILE D 164 0.86 -37.53 -35.46
CA ILE D 164 1.62 -38.74 -35.12
C ILE D 164 0.73 -39.75 -34.42
N LEU D 165 -0.02 -39.31 -33.42
CA LEU D 165 -0.95 -40.18 -32.72
C LEU D 165 -2.17 -40.48 -33.58
N SER E 12 -25.92 16.29 44.08
CA SER E 12 -25.37 16.89 45.28
C SER E 12 -23.88 17.14 45.14
N ASP E 13 -23.44 18.33 45.56
CA ASP E 13 -22.01 18.66 45.49
C ASP E 13 -21.20 17.71 46.37
N LEU E 14 -21.70 17.39 47.56
CA LEU E 14 -21.03 16.41 48.40
C LEU E 14 -21.07 15.02 47.77
N GLY E 15 -22.20 14.68 47.13
CA GLY E 15 -22.31 13.37 46.51
C GLY E 15 -21.28 13.14 45.43
N LYS E 16 -20.92 14.20 44.70
CA LYS E 16 -19.89 14.08 43.68
C LYS E 16 -18.52 13.90 44.31
N LYS E 17 -18.22 14.66 45.37
CA LYS E 17 -16.95 14.49 46.07
C LYS E 17 -16.85 13.13 46.72
N LEU E 18 -17.99 12.54 47.12
CA LEU E 18 -17.97 11.19 47.67
C LEU E 18 -17.72 10.15 46.59
N LEU E 19 -18.31 10.35 45.41
CA LEU E 19 -18.10 9.40 44.32
C LEU E 19 -16.65 9.38 43.87
N GLU E 20 -16.02 10.56 43.74
CA GLU E 20 -14.63 10.61 43.32
C GLU E 20 -13.70 10.13 44.43
N ALA E 21 -14.09 10.31 45.70
CA ALA E 21 -13.29 9.80 46.80
C ALA E 21 -13.43 8.28 46.92
N ALA E 22 -14.63 7.76 46.71
CA ALA E 22 -14.82 6.31 46.70
C ALA E 22 -14.12 5.68 45.51
N ARG E 23 -14.10 6.37 44.37
CA ARG E 23 -13.41 5.87 43.19
C ARG E 23 -11.91 5.78 43.40
N ALA E 24 -11.34 6.69 44.20
CA ALA E 24 -9.90 6.76 44.40
C ALA E 24 -9.45 6.08 45.68
N GLY E 25 -10.36 5.55 46.48
CA GLY E 25 -9.97 4.83 47.68
C GLY E 25 -9.47 5.70 48.81
N ARG E 26 -10.01 6.91 48.96
CA ARG E 26 -9.61 7.83 50.02
C ARG E 26 -10.59 7.64 51.18
N ASP E 27 -10.21 6.77 52.12
CA ASP E 27 -11.11 6.38 53.18
C ASP E 27 -11.32 7.51 54.19
N ASP E 28 -10.30 8.33 54.44
CA ASP E 28 -10.46 9.43 55.38
C ASP E 28 -11.29 10.57 54.80
N GLU E 29 -11.18 10.83 53.50
CA GLU E 29 -12.06 11.80 52.88
C GLU E 29 -13.49 11.27 52.81
N VAL E 30 -13.66 9.97 52.63
CA VAL E 30 -15.00 9.38 52.62
C VAL E 30 -15.67 9.48 53.99
N ARG E 31 -14.89 9.38 55.07
CA ARG E 31 -15.47 9.44 56.42
C ARG E 31 -15.96 10.84 56.75
N ILE E 32 -15.17 11.87 56.40
CA ILE E 32 -15.61 13.23 56.67
C ILE E 32 -16.83 13.56 55.82
N LEU E 33 -16.87 13.04 54.59
CA LEU E 33 -18.02 13.31 53.73
C LEU E 33 -19.27 12.63 54.28
N MET E 34 -19.12 11.44 54.86
CA MET E 34 -20.25 10.78 55.50
C MET E 34 -20.72 11.55 56.72
N ALA E 35 -19.79 12.01 57.55
CA ALA E 35 -20.14 12.80 58.73
C ALA E 35 -20.73 14.15 58.36
N ASN E 36 -20.41 14.68 57.18
CA ASN E 36 -20.93 15.97 56.73
C ASN E 36 -22.25 15.85 55.99
N GLY E 37 -22.84 14.66 55.95
CA GLY E 37 -24.17 14.48 55.39
C GLY E 37 -24.23 14.23 53.90
N ALA E 38 -23.15 13.78 53.28
CA ALA E 38 -23.17 13.48 51.86
C ALA E 38 -24.11 12.32 51.56
N ASP E 39 -24.66 12.33 50.34
CA ASP E 39 -25.63 11.32 49.94
C ASP E 39 -24.92 9.97 49.80
N VAL E 40 -25.31 9.02 50.65
CA VAL E 40 -24.72 7.68 50.62
C VAL E 40 -24.95 7.01 49.28
N ASN E 41 -26.06 7.33 48.60
CA ASN E 41 -26.45 6.67 47.38
C ASN E 41 -26.44 7.62 46.18
N ALA E 42 -25.50 8.56 46.16
CA ALA E 42 -25.37 9.46 45.01
C ALA E 42 -24.81 8.68 43.82
N ALA E 43 -25.41 8.87 42.65
CA ALA E 43 -25.02 8.16 41.44
C ALA E 43 -24.47 9.12 40.41
N ASP E 44 -23.48 8.65 39.65
CA ASP E 44 -22.93 9.44 38.55
C ASP E 44 -23.74 9.18 37.29
N VAL E 45 -23.20 9.56 36.13
CA VAL E 45 -23.98 9.53 34.90
C VAL E 45 -24.29 8.10 34.48
N VAL E 46 -23.33 7.19 34.66
CA VAL E 46 -23.57 5.79 34.29
C VAL E 46 -24.44 5.05 35.29
N GLY E 47 -24.77 5.67 36.41
CA GLY E 47 -25.59 5.03 37.42
C GLY E 47 -24.83 4.32 38.51
N TRP E 48 -23.55 4.64 38.69
CA TRP E 48 -22.72 3.97 39.68
C TRP E 48 -22.74 4.75 40.99
N THR E 49 -23.02 4.04 42.08
CA THR E 49 -23.03 4.61 43.42
C THR E 49 -21.63 4.51 44.02
N PRO E 50 -21.37 5.17 45.16
CA PRO E 50 -20.07 5.00 45.80
C PRO E 50 -19.78 3.55 46.16
N LEU E 51 -20.81 2.77 46.48
CA LEU E 51 -20.61 1.34 46.71
C LEU E 51 -20.18 0.64 45.41
N HIS E 52 -20.68 1.10 44.27
CA HIS E 52 -20.30 0.52 42.99
C HIS E 52 -18.79 0.64 42.76
N LEU E 53 -18.27 1.86 42.85
CA LEU E 53 -16.87 2.09 42.50
C LEU E 53 -15.93 1.49 43.52
N ALA E 54 -16.27 1.58 44.81
CA ALA E 54 -15.46 0.93 45.83
C ALA E 54 -15.43 -0.58 45.64
N ALA E 55 -16.54 -1.17 45.17
CA ALA E 55 -16.55 -2.59 44.85
C ALA E 55 -15.78 -2.88 43.57
N TYR E 56 -15.82 -1.96 42.61
CA TYR E 56 -15.11 -2.16 41.35
C TYR E 56 -13.61 -2.08 41.56
N TRP E 57 -13.14 -1.09 42.31
CA TRP E 57 -11.71 -0.86 42.53
C TRP E 57 -11.19 -1.56 43.78
N GLY E 58 -11.98 -2.43 44.39
CA GLY E 58 -11.51 -3.27 45.48
C GLY E 58 -11.10 -2.54 46.74
N HIS E 59 -11.87 -1.54 47.16
CA HIS E 59 -11.61 -0.80 48.39
C HIS E 59 -12.55 -1.38 49.45
N LEU E 60 -12.05 -2.34 50.23
CA LEU E 60 -12.91 -3.10 51.13
C LEU E 60 -13.49 -2.22 52.22
N GLU E 61 -12.66 -1.46 52.92
CA GLU E 61 -13.21 -0.73 54.06
C GLU E 61 -14.14 0.38 53.59
N ILE E 62 -13.89 0.96 52.41
CA ILE E 62 -14.86 1.91 51.86
C ILE E 62 -16.20 1.21 51.62
N VAL E 63 -16.14 -0.06 51.23
CA VAL E 63 -17.38 -0.82 51.09
C VAL E 63 -18.04 -1.02 52.45
N GLU E 64 -17.22 -1.29 53.47
CA GLU E 64 -17.76 -1.47 54.82
C GLU E 64 -18.31 -0.15 55.37
N VAL E 65 -17.53 0.92 55.33
CA VAL E 65 -18.03 2.19 55.88
C VAL E 65 -19.32 2.62 55.19
N LEU E 66 -19.45 2.37 53.89
CA LEU E 66 -20.64 2.81 53.18
C LEU E 66 -21.88 2.05 53.66
N LEU E 67 -21.74 0.73 53.84
CA LEU E 67 -22.87 -0.10 54.21
C LEU E 67 -23.38 0.25 55.62
N LYS E 68 -22.45 0.59 56.53
CA LYS E 68 -22.88 0.96 57.88
C LYS E 68 -23.72 2.23 57.87
N ASN E 69 -23.41 3.16 56.96
CA ASN E 69 -24.14 4.41 56.87
C ASN E 69 -25.34 4.33 55.92
N GLY E 70 -25.89 3.13 55.72
CA GLY E 70 -27.13 2.97 55.00
C GLY E 70 -27.04 2.92 53.50
N ALA E 71 -25.93 2.41 52.95
CA ALA E 71 -25.80 2.32 51.50
C ALA E 71 -26.69 1.21 50.96
N ASP E 72 -27.38 1.51 49.87
CA ASP E 72 -28.20 0.51 49.17
C ASP E 72 -27.29 -0.56 48.59
N VAL E 73 -27.32 -1.75 49.19
CA VAL E 73 -26.44 -2.84 48.75
C VAL E 73 -26.86 -3.37 47.38
N ASN E 74 -28.10 -3.11 46.95
CA ASN E 74 -28.62 -3.68 45.72
C ASN E 74 -28.94 -2.62 44.67
N ALA E 75 -28.24 -1.48 44.73
CA ALA E 75 -28.41 -0.47 43.70
C ALA E 75 -27.83 -0.98 42.38
N TYR E 76 -28.48 -0.62 41.27
CA TYR E 76 -28.02 -1.04 39.95
C TYR E 76 -27.93 0.17 39.02
N ASP E 77 -26.99 0.09 38.08
CA ASP E 77 -26.71 1.18 37.16
C ASP E 77 -27.69 1.17 36.00
N THR E 78 -27.41 1.97 34.97
CA THR E 78 -28.31 2.07 33.82
C THR E 78 -28.39 0.78 33.02
N LEU E 79 -27.53 -0.20 33.29
CA LEU E 79 -27.55 -1.47 32.59
C LEU E 79 -27.90 -2.65 33.49
N GLY E 80 -28.23 -2.39 34.75
CA GLY E 80 -28.68 -3.44 35.65
C GLY E 80 -27.61 -4.09 36.49
N SER E 81 -26.40 -3.55 36.51
CA SER E 81 -25.28 -4.16 37.24
C SER E 81 -25.25 -3.64 38.67
N THR E 82 -25.13 -4.55 39.62
CA THR E 82 -25.06 -4.26 41.04
C THR E 82 -23.61 -4.23 41.50
N PRO E 83 -23.33 -3.68 42.69
CA PRO E 83 -21.96 -3.77 43.22
C PRO E 83 -21.49 -5.20 43.43
N LEU E 84 -22.41 -6.14 43.68
CA LEU E 84 -22.01 -7.54 43.75
C LEU E 84 -21.51 -8.05 42.42
N HIS E 85 -22.08 -7.56 41.31
CA HIS E 85 -21.58 -7.92 39.98
C HIS E 85 -20.12 -7.53 39.82
N LEU E 86 -19.81 -6.25 40.06
CA LEU E 86 -18.46 -5.76 39.85
C LEU E 86 -17.46 -6.47 40.75
N ALA E 87 -17.82 -6.70 42.01
CA ALA E 87 -16.90 -7.36 42.94
C ALA E 87 -16.65 -8.81 42.54
N ALA E 88 -17.68 -9.50 42.07
CA ALA E 88 -17.49 -10.88 41.62
C ALA E 88 -16.69 -10.94 40.34
N HIS E 89 -16.78 -9.90 39.50
CA HIS E 89 -16.08 -9.92 38.22
C HIS E 89 -14.59 -9.72 38.38
N PHE E 90 -14.16 -8.92 39.35
CA PHE E 90 -12.77 -8.49 39.46
C PHE E 90 -12.01 -9.16 40.59
N GLY E 91 -12.47 -10.35 41.02
CA GLY E 91 -11.71 -11.14 41.97
C GLY E 91 -11.59 -10.56 43.36
N HIS E 92 -12.43 -9.60 43.73
CA HIS E 92 -12.40 -9.00 45.07
C HIS E 92 -13.21 -9.89 46.00
N LEU E 93 -12.54 -10.95 46.49
CA LEU E 93 -13.22 -11.99 47.25
C LEU E 93 -13.80 -11.45 48.56
N GLU E 94 -13.00 -10.68 49.30
CA GLU E 94 -13.44 -10.20 50.61
C GLU E 94 -14.64 -9.26 50.47
N ILE E 95 -14.68 -8.47 49.39
CA ILE E 95 -15.80 -7.56 49.18
C ILE E 95 -17.06 -8.33 48.82
N VAL E 96 -16.92 -9.45 48.11
CA VAL E 96 -18.09 -10.25 47.76
C VAL E 96 -18.76 -10.79 49.02
N GLU E 97 -17.96 -11.15 50.02
CA GLU E 97 -18.51 -11.72 51.25
C GLU E 97 -19.28 -10.69 52.04
N VAL E 98 -18.70 -9.50 52.25
CA VAL E 98 -19.36 -8.48 53.05
C VAL E 98 -20.62 -7.98 52.36
N LEU E 99 -20.63 -7.94 51.02
CA LEU E 99 -21.84 -7.58 50.30
C LEU E 99 -22.94 -8.61 50.55
N LEU E 100 -22.61 -9.90 50.42
CA LEU E 100 -23.59 -10.94 50.68
C LEU E 100 -24.05 -10.93 52.12
N LYS E 101 -23.14 -10.63 53.06
CA LYS E 101 -23.52 -10.56 54.47
C LYS E 101 -24.47 -9.41 54.75
N ASN E 102 -24.32 -8.30 54.04
CA ASN E 102 -25.18 -7.14 54.20
C ASN E 102 -26.45 -7.23 53.35
N GLY E 103 -26.78 -8.41 52.84
CA GLY E 103 -28.04 -8.62 52.16
C GLY E 103 -28.05 -8.39 50.68
N ALA E 104 -26.93 -8.61 49.98
CA ALA E 104 -26.92 -8.44 48.54
C ALA E 104 -27.62 -9.60 47.86
N ASP E 105 -28.36 -9.28 46.79
CA ASP E 105 -29.07 -10.30 46.01
C ASP E 105 -28.05 -11.17 45.29
N VAL E 106 -27.97 -12.44 45.69
CA VAL E 106 -27.01 -13.35 45.05
C VAL E 106 -27.42 -13.71 43.64
N ASN E 107 -28.69 -13.55 43.29
CA ASN E 107 -29.20 -13.93 41.98
C ASN E 107 -29.63 -12.70 41.17
N ALA E 108 -29.04 -11.55 41.45
CA ALA E 108 -29.37 -10.34 40.70
C ALA E 108 -28.91 -10.48 39.26
N LYS E 109 -29.75 -10.04 38.33
CA LYS E 109 -29.47 -10.10 36.91
C LYS E 109 -29.43 -8.69 36.34
N ASP E 110 -28.50 -8.45 35.43
CA ASP E 110 -28.45 -7.17 34.72
C ASP E 110 -29.39 -7.23 33.52
N ASP E 111 -29.32 -6.21 32.65
CA ASP E 111 -30.21 -6.18 31.50
C ASP E 111 -29.93 -7.33 30.53
N ASN E 112 -28.77 -7.95 30.60
CA ASN E 112 -28.43 -9.12 29.79
C ASN E 112 -28.78 -10.43 30.47
N GLY E 113 -29.53 -10.40 31.56
CA GLY E 113 -29.83 -11.61 32.31
C GLY E 113 -28.61 -12.25 32.94
N ILE E 114 -27.53 -11.50 33.08
CA ILE E 114 -26.25 -12.04 33.55
C ILE E 114 -26.15 -11.84 35.05
N THR E 115 -25.79 -12.92 35.76
CA THR E 115 -25.69 -12.96 37.22
C THR E 115 -24.24 -12.85 37.66
N PRO E 116 -23.99 -12.46 38.92
CA PRO E 116 -22.61 -12.44 39.41
C PRO E 116 -21.91 -13.80 39.32
N LEU E 117 -22.67 -14.90 39.41
CA LEU E 117 -22.06 -16.21 39.23
C LEU E 117 -21.47 -16.37 37.84
N HIS E 118 -22.14 -15.82 36.82
CA HIS E 118 -21.59 -15.83 35.47
C HIS E 118 -20.27 -15.07 35.41
N LEU E 119 -20.22 -13.89 36.05
CA LEU E 119 -19.02 -13.06 35.98
C LEU E 119 -17.84 -13.72 36.67
N ALA E 120 -18.08 -14.33 37.83
CA ALA E 120 -17.00 -15.03 38.53
C ALA E 120 -16.54 -16.26 37.76
N ALA E 121 -17.49 -16.99 37.17
CA ALA E 121 -17.14 -18.17 36.38
C ALA E 121 -16.38 -17.78 35.12
N ASN E 122 -16.76 -16.66 34.50
CA ASN E 122 -16.11 -16.24 33.26
C ASN E 122 -14.64 -15.95 33.47
N ARG E 123 -14.28 -15.32 34.59
CA ARG E 123 -12.91 -14.94 34.88
C ARG E 123 -12.17 -15.97 35.72
N GLY E 124 -12.79 -17.12 36.00
CA GLY E 124 -12.13 -18.12 36.81
C GLY E 124 -11.84 -17.68 38.23
N HIS E 125 -12.79 -16.98 38.85
CA HIS E 125 -12.67 -16.61 40.26
C HIS E 125 -13.36 -17.72 41.08
N LEU E 126 -12.60 -18.79 41.30
CA LEU E 126 -13.16 -20.00 41.91
C LEU E 126 -13.54 -19.75 43.37
N GLU E 127 -12.64 -19.12 44.13
CA GLU E 127 -12.94 -18.79 45.52
C GLU E 127 -14.26 -18.03 45.63
N ILE E 128 -14.54 -17.15 44.68
CA ILE E 128 -15.77 -16.37 44.72
C ILE E 128 -16.97 -17.24 44.32
N VAL E 129 -16.76 -18.15 43.38
CA VAL E 129 -17.85 -19.02 42.95
C VAL E 129 -18.38 -19.84 44.13
N GLU E 130 -17.47 -20.36 44.97
CA GLU E 130 -17.89 -21.14 46.12
C GLU E 130 -18.66 -20.29 47.12
N VAL E 131 -18.20 -19.05 47.35
CA VAL E 131 -18.91 -18.17 48.28
C VAL E 131 -20.29 -17.82 47.75
N LEU E 132 -20.42 -17.65 46.43
CA LEU E 132 -21.71 -17.31 45.85
C LEU E 132 -22.70 -18.46 46.00
N LEU E 133 -22.28 -19.68 45.65
CA LEU E 133 -23.16 -20.82 45.80
C LEU E 133 -23.45 -21.12 47.27
N LYS E 134 -22.54 -20.74 48.17
CA LYS E 134 -22.81 -20.91 49.60
C LYS E 134 -23.95 -20.00 50.05
N TYR E 135 -24.15 -18.87 49.38
CA TYR E 135 -25.21 -17.94 49.74
C TYR E 135 -26.48 -18.14 48.90
N GLY E 136 -26.59 -19.26 48.20
CA GLY E 136 -27.78 -19.59 47.46
C GLY E 136 -27.81 -19.18 46.01
N ALA E 137 -26.66 -19.11 45.33
CA ALA E 137 -26.63 -18.73 43.93
C ALA E 137 -27.25 -19.82 43.07
N ASP E 138 -28.23 -19.43 42.25
CA ASP E 138 -28.84 -20.36 41.31
C ASP E 138 -27.81 -20.76 40.26
N VAL E 139 -27.38 -22.02 40.30
CA VAL E 139 -26.38 -22.48 39.33
C VAL E 139 -26.99 -22.79 37.98
N ASN E 140 -28.31 -22.98 37.90
CA ASN E 140 -29.01 -23.15 36.63
C ASN E 140 -29.42 -21.82 36.01
N ALA E 141 -28.85 -20.71 36.49
CA ALA E 141 -29.24 -19.39 35.99
C ALA E 141 -28.71 -19.19 34.57
N GLN E 142 -29.61 -18.83 33.66
CA GLN E 142 -29.27 -18.58 32.27
C GLN E 142 -29.30 -17.08 31.98
N ASP E 143 -28.42 -16.63 31.10
CA ASP E 143 -28.40 -15.25 30.68
C ASP E 143 -29.35 -15.09 29.48
N LYS E 144 -29.22 -13.98 28.74
CA LYS E 144 -30.10 -13.75 27.60
C LYS E 144 -29.89 -14.77 26.48
N PHE E 145 -28.71 -15.38 26.41
CA PHE E 145 -28.40 -16.39 25.40
C PHE E 145 -28.64 -17.81 25.88
N GLY E 146 -29.11 -17.98 27.11
CA GLY E 146 -29.38 -19.30 27.65
C GLY E 146 -28.17 -20.05 28.16
N LYS E 147 -27.08 -19.35 28.48
CA LYS E 147 -25.86 -19.97 28.96
C LYS E 147 -25.77 -19.88 30.48
N THR E 148 -25.63 -21.03 31.13
CA THR E 148 -25.43 -21.11 32.56
C THR E 148 -23.94 -21.00 32.88
N ALA E 149 -23.63 -20.96 34.18
CA ALA E 149 -22.23 -20.96 34.60
C ALA E 149 -21.53 -22.26 34.21
N PHE E 150 -22.29 -23.35 34.05
CA PHE E 150 -21.71 -24.60 33.60
C PHE E 150 -21.29 -24.53 32.13
N ASP E 151 -22.08 -23.86 31.29
CA ASP E 151 -21.69 -23.68 29.91
C ASP E 151 -20.46 -22.80 29.78
N ILE E 152 -20.28 -21.85 30.70
CA ILE E 152 -19.11 -20.99 30.66
C ILE E 152 -17.85 -21.78 30.97
N SER E 153 -17.95 -22.76 31.88
CA SER E 153 -16.78 -23.56 32.23
C SER E 153 -16.38 -24.49 31.10
N ILE E 154 -17.36 -25.04 30.38
CA ILE E 154 -17.05 -25.90 29.24
C ILE E 154 -16.43 -25.10 28.11
N ASN E 155 -16.97 -23.90 27.84
CA ASN E 155 -16.44 -23.08 26.75
C ASN E 155 -15.05 -22.55 27.08
N ASN E 156 -14.83 -22.11 28.32
CA ASN E 156 -13.53 -21.62 28.72
C ASN E 156 -12.51 -22.74 28.89
N GLY E 157 -12.94 -23.99 28.94
CA GLY E 157 -12.03 -25.09 29.19
C GLY E 157 -11.50 -25.15 30.60
N ASN E 158 -12.18 -24.50 31.54
CA ASN E 158 -11.77 -24.49 32.94
C ASN E 158 -12.31 -25.74 33.61
N GLU E 159 -11.47 -26.76 33.76
CA GLU E 159 -11.91 -28.02 34.34
C GLU E 159 -12.03 -27.94 35.86
N ASP E 160 -11.20 -27.12 36.51
CA ASP E 160 -11.31 -26.97 37.96
C ASP E 160 -12.67 -26.42 38.34
N LEU E 161 -13.16 -25.42 37.59
CA LEU E 161 -14.51 -24.89 37.84
C LEU E 161 -15.58 -25.89 37.45
N ALA E 162 -15.38 -26.59 36.33
CA ALA E 162 -16.39 -27.52 35.83
C ALA E 162 -16.69 -28.64 36.81
N GLU E 163 -15.76 -28.97 37.70
CA GLU E 163 -16.02 -29.97 38.72
C GLU E 163 -16.60 -29.35 40.00
N ILE E 164 -16.35 -28.06 40.25
CA ILE E 164 -17.02 -27.38 41.35
C ILE E 164 -18.53 -27.39 41.13
N LEU E 165 -18.95 -26.93 39.95
CA LEU E 165 -20.37 -26.91 39.62
C LEU E 165 -20.93 -28.30 39.35
N GLN E 166 -20.09 -29.26 38.97
CA GLN E 166 -20.51 -30.63 38.67
C GLN E 166 -21.57 -30.66 37.57
N HIS F 5 -31.09 12.81 -43.35
CA HIS F 5 -30.92 13.68 -42.19
C HIS F 5 -29.57 13.45 -41.53
N HIS F 6 -28.99 12.28 -41.77
CA HIS F 6 -27.63 11.97 -41.29
C HIS F 6 -26.66 12.44 -42.36
N HIS F 7 -26.29 13.72 -42.29
CA HIS F 7 -25.50 14.34 -43.34
C HIS F 7 -24.10 13.73 -43.39
N HIS F 8 -23.58 13.63 -44.61
CA HIS F 8 -22.32 12.91 -44.84
C HIS F 8 -21.12 13.78 -44.52
N HIS F 9 -20.10 13.16 -43.93
CA HIS F 9 -18.86 13.84 -43.56
C HIS F 9 -17.84 13.57 -44.67
N HIS F 10 -17.78 14.50 -45.64
CA HIS F 10 -16.75 14.45 -46.67
C HIS F 10 -15.85 15.67 -46.53
N GLY F 11 -15.15 15.75 -45.39
CA GLY F 11 -14.33 16.88 -44.98
C GLY F 11 -13.82 17.83 -46.05
N SER F 12 -14.73 18.64 -46.60
CA SER F 12 -14.34 19.65 -47.57
C SER F 12 -13.59 20.79 -46.87
N ASP F 13 -12.72 21.46 -47.63
CA ASP F 13 -11.89 22.51 -47.07
C ASP F 13 -12.74 23.64 -46.51
N LEU F 14 -13.75 24.09 -47.26
CA LEU F 14 -14.60 25.17 -46.78
C LEU F 14 -15.57 24.67 -45.72
N GLY F 15 -16.08 23.45 -45.88
CA GLY F 15 -16.90 22.86 -44.83
C GLY F 15 -16.12 22.62 -43.55
N LYS F 16 -14.82 22.40 -43.65
CA LYS F 16 -13.99 22.25 -42.46
C LYS F 16 -13.84 23.57 -41.72
N LYS F 17 -13.62 24.65 -42.45
CA LYS F 17 -13.48 25.95 -41.81
C LYS F 17 -14.81 26.49 -41.32
N LEU F 18 -15.92 26.09 -41.95
CA LEU F 18 -17.22 26.51 -41.48
C LEU F 18 -17.57 25.84 -40.14
N LEU F 19 -17.33 24.53 -40.05
CA LEU F 19 -17.47 23.85 -38.76
C LEU F 19 -16.54 24.48 -37.72
N GLU F 20 -15.32 24.80 -38.13
CA GLU F 20 -14.38 25.44 -37.22
C GLU F 20 -14.86 26.82 -36.80
N ALA F 21 -15.51 27.54 -37.72
CA ALA F 21 -15.98 28.88 -37.41
C ALA F 21 -17.30 28.87 -36.66
N ALA F 22 -18.20 27.94 -37.00
CA ALA F 22 -19.47 27.84 -36.29
C ALA F 22 -19.27 27.44 -34.83
N ARG F 23 -18.19 26.71 -34.54
CA ARG F 23 -17.92 26.31 -33.16
C ARG F 23 -17.22 27.43 -32.39
N ALA F 24 -16.22 28.06 -33.01
CA ALA F 24 -15.45 29.11 -32.36
C ALA F 24 -16.19 30.44 -32.27
N GLY F 25 -17.39 30.53 -32.84
CA GLY F 25 -18.16 31.75 -32.74
C GLY F 25 -17.67 32.90 -33.59
N ARG F 26 -16.93 32.61 -34.66
CA ARG F 26 -16.47 33.65 -35.58
C ARG F 26 -17.63 34.04 -36.47
N ASP F 27 -18.34 35.09 -36.06
CA ASP F 27 -19.59 35.47 -36.72
C ASP F 27 -19.38 35.80 -38.18
N ASP F 28 -18.48 36.74 -38.47
CA ASP F 28 -18.36 37.26 -39.83
C ASP F 28 -17.70 36.26 -40.77
N GLU F 29 -16.84 35.39 -40.25
CA GLU F 29 -16.25 34.37 -41.12
C GLU F 29 -17.30 33.35 -41.58
N VAL F 30 -18.36 33.16 -40.80
CA VAL F 30 -19.39 32.21 -41.17
C VAL F 30 -20.09 32.65 -42.45
N ARG F 31 -20.54 33.91 -42.50
CA ARG F 31 -21.24 34.39 -43.67
C ARG F 31 -20.30 34.63 -44.86
N ILE F 32 -19.01 34.85 -44.61
CA ILE F 32 -18.05 34.89 -45.71
C ILE F 32 -17.98 33.52 -46.39
N LEU F 33 -17.96 32.45 -45.60
CA LEU F 33 -17.97 31.11 -46.18
C LEU F 33 -19.33 30.78 -46.78
N MET F 34 -20.41 31.29 -46.19
CA MET F 34 -21.73 31.13 -46.81
C MET F 34 -21.79 31.87 -48.14
N ALA F 35 -21.14 33.03 -48.23
CA ALA F 35 -21.09 33.76 -49.49
C ALA F 35 -20.27 33.02 -50.54
N ASN F 36 -19.34 32.17 -50.10
CA ASN F 36 -18.50 31.40 -51.01
C ASN F 36 -19.01 29.99 -51.22
N GLY F 37 -20.28 29.74 -50.93
CA GLY F 37 -20.93 28.50 -51.30
C GLY F 37 -20.55 27.30 -50.46
N ALA F 38 -20.08 27.50 -49.24
CA ALA F 38 -19.74 26.37 -48.37
C ALA F 38 -20.99 25.59 -48.00
N ASP F 39 -20.83 24.27 -47.88
CA ASP F 39 -21.94 23.39 -47.53
C ASP F 39 -22.45 23.73 -46.14
N VAL F 40 -23.71 24.15 -46.06
CA VAL F 40 -24.29 24.55 -44.79
C VAL F 40 -24.56 23.34 -43.88
N ASN F 41 -24.62 22.14 -44.46
CA ASN F 41 -24.89 20.92 -43.70
C ASN F 41 -23.67 20.01 -43.64
N ALA F 42 -22.48 20.60 -43.48
CA ALA F 42 -21.25 19.83 -43.42
C ALA F 42 -21.14 19.12 -42.07
N ALA F 43 -21.00 17.80 -42.11
CA ALA F 43 -20.89 17.00 -40.90
C ALA F 43 -19.43 16.69 -40.59
N ASP F 44 -19.15 16.52 -39.30
CA ASP F 44 -17.81 16.14 -38.86
C ASP F 44 -17.81 14.64 -38.54
N VAL F 45 -16.79 14.18 -37.81
CA VAL F 45 -16.62 12.75 -37.57
C VAL F 45 -17.78 12.18 -36.75
N VAL F 46 -18.36 12.97 -35.85
CA VAL F 46 -19.45 12.48 -35.00
C VAL F 46 -20.79 12.89 -35.59
N GLY F 47 -20.77 13.37 -36.83
CA GLY F 47 -22.00 13.73 -37.50
C GLY F 47 -22.60 15.06 -37.07
N TRP F 48 -21.79 15.95 -36.51
CA TRP F 48 -22.28 17.25 -36.05
C TRP F 48 -22.14 18.27 -37.18
N THR F 49 -23.27 18.87 -37.55
CA THR F 49 -23.30 19.94 -38.53
C THR F 49 -22.87 21.25 -37.88
N PRO F 50 -22.62 22.30 -38.66
CA PRO F 50 -22.31 23.60 -38.03
C PRO F 50 -23.43 24.09 -37.12
N LEU F 51 -24.68 23.78 -37.46
CA LEU F 51 -25.80 24.13 -36.59
C LEU F 51 -25.68 23.43 -35.23
N HIS F 52 -25.28 22.15 -35.25
CA HIS F 52 -25.04 21.44 -34.00
C HIS F 52 -24.02 22.17 -33.14
N LEU F 53 -22.87 22.52 -33.72
CA LEU F 53 -21.82 23.20 -32.97
C LEU F 53 -22.30 24.55 -32.43
N ALA F 54 -23.06 25.30 -33.24
CA ALA F 54 -23.53 26.60 -32.82
C ALA F 54 -24.56 26.48 -31.70
N ALA F 55 -25.46 25.51 -31.81
CA ALA F 55 -26.41 25.26 -30.72
C ALA F 55 -25.74 24.70 -29.48
N TYR F 56 -24.59 24.04 -29.64
CA TYR F 56 -23.84 23.53 -28.50
C TYR F 56 -23.19 24.67 -27.72
N TRP F 57 -22.31 25.42 -28.36
CA TRP F 57 -21.55 26.48 -27.71
C TRP F 57 -22.34 27.78 -27.56
N GLY F 58 -23.62 27.78 -27.90
CA GLY F 58 -24.49 28.91 -27.60
C GLY F 58 -24.24 30.18 -28.38
N HIS F 59 -23.94 30.07 -29.66
CA HIS F 59 -23.75 31.23 -30.53
C HIS F 59 -25.06 31.47 -31.27
N LEU F 60 -25.83 32.47 -30.80
CA LEU F 60 -27.18 32.68 -31.33
C LEU F 60 -27.14 33.20 -32.76
N GLU F 61 -26.30 34.20 -33.02
CA GLU F 61 -26.27 34.84 -34.33
C GLU F 61 -25.92 33.84 -35.43
N ILE F 62 -25.05 32.87 -35.14
CA ILE F 62 -24.67 31.90 -36.15
C ILE F 62 -25.79 30.91 -36.41
N VAL F 63 -26.60 30.62 -35.39
CA VAL F 63 -27.74 29.71 -35.57
C VAL F 63 -28.73 30.31 -36.57
N GLU F 64 -28.96 31.61 -36.49
CA GLU F 64 -29.89 32.26 -37.42
C GLU F 64 -29.28 32.34 -38.82
N VAL F 65 -27.99 32.68 -38.92
CA VAL F 65 -27.35 32.79 -40.22
C VAL F 65 -27.39 31.46 -40.96
N LEU F 66 -27.07 30.36 -40.25
CA LEU F 66 -27.11 29.05 -40.87
C LEU F 66 -28.52 28.67 -41.28
N LEU F 67 -29.50 28.94 -40.42
CA LEU F 67 -30.89 28.56 -40.71
C LEU F 67 -31.43 29.30 -41.94
N LYS F 68 -31.15 30.61 -42.02
CA LYS F 68 -31.60 31.38 -43.18
C LYS F 68 -30.96 30.86 -44.47
N ASN F 69 -29.75 30.34 -44.39
CA ASN F 69 -29.07 29.75 -45.54
C ASN F 69 -29.50 28.31 -45.83
N GLY F 70 -30.61 27.86 -45.25
CA GLY F 70 -31.15 26.57 -45.55
C GLY F 70 -30.57 25.40 -44.79
N ALA F 71 -29.98 25.64 -43.61
CA ALA F 71 -29.46 24.55 -42.80
C ALA F 71 -30.60 23.65 -42.32
N ASP F 72 -30.28 22.36 -42.16
CA ASP F 72 -31.26 21.41 -41.67
C ASP F 72 -31.42 21.59 -40.16
N VAL F 73 -32.59 22.07 -39.76
CA VAL F 73 -32.88 22.28 -38.35
C VAL F 73 -33.07 20.97 -37.61
N ASN F 74 -33.30 19.87 -38.31
CA ASN F 74 -33.55 18.56 -37.72
C ASN F 74 -32.46 17.57 -38.10
N ALA F 75 -31.21 18.04 -38.12
CA ALA F 75 -30.09 17.17 -38.45
C ALA F 75 -29.80 16.23 -37.28
N TYR F 76 -29.46 14.98 -37.61
CA TYR F 76 -29.11 13.97 -36.63
C TYR F 76 -27.60 13.77 -36.62
N ASP F 77 -27.04 13.51 -35.44
CA ASP F 77 -25.66 13.08 -35.35
C ASP F 77 -25.61 11.56 -35.40
N THR F 78 -24.43 10.97 -35.18
CA THR F 78 -24.29 9.53 -35.26
C THR F 78 -25.07 8.78 -34.20
N LEU F 79 -25.56 9.47 -33.17
CA LEU F 79 -26.38 8.85 -32.13
C LEU F 79 -27.79 9.44 -32.07
N GLY F 80 -28.20 10.20 -33.10
CA GLY F 80 -29.58 10.61 -33.25
C GLY F 80 -29.97 11.91 -32.57
N SER F 81 -29.01 12.73 -32.14
CA SER F 81 -29.31 13.96 -31.43
C SER F 81 -29.45 15.12 -32.41
N THR F 82 -30.50 15.92 -32.23
CA THR F 82 -30.74 17.10 -33.05
C THR F 82 -30.14 18.33 -32.38
N PRO F 83 -29.94 19.41 -33.14
CA PRO F 83 -29.45 20.65 -32.51
C PRO F 83 -30.34 21.17 -31.40
N LEU F 84 -31.64 20.89 -31.46
CA LEU F 84 -32.53 21.29 -30.37
C LEU F 84 -32.20 20.54 -29.09
N HIS F 85 -31.82 19.26 -29.21
CA HIS F 85 -31.37 18.51 -28.04
C HIS F 85 -30.22 19.23 -27.35
N LEU F 86 -29.21 19.65 -28.12
CA LEU F 86 -28.05 20.30 -27.53
C LEU F 86 -28.42 21.63 -26.89
N ALA F 87 -29.25 22.42 -27.55
CA ALA F 87 -29.62 23.73 -27.02
C ALA F 87 -30.47 23.61 -25.77
N ALA F 88 -31.43 22.67 -25.77
CA ALA F 88 -32.26 22.48 -24.59
C ALA F 88 -31.46 21.92 -23.41
N HIS F 89 -30.45 21.09 -23.70
CA HIS F 89 -29.68 20.46 -22.63
C HIS F 89 -28.82 21.47 -21.89
N PHE F 90 -28.25 22.44 -22.61
CA PHE F 90 -27.27 23.36 -22.04
C PHE F 90 -27.85 24.71 -21.67
N GLY F 91 -29.16 24.90 -21.83
CA GLY F 91 -29.81 26.09 -21.31
C GLY F 91 -29.74 27.33 -22.17
N HIS F 92 -29.66 27.17 -23.49
CA HIS F 92 -29.65 28.31 -24.42
C HIS F 92 -31.07 28.50 -24.92
N LEU F 93 -31.84 29.30 -24.18
CA LEU F 93 -33.26 29.46 -24.48
C LEU F 93 -33.48 30.23 -25.78
N GLU F 94 -32.66 31.26 -26.03
CA GLU F 94 -32.82 32.03 -27.27
C GLU F 94 -32.64 31.15 -28.50
N ILE F 95 -31.73 30.18 -28.42
CA ILE F 95 -31.52 29.27 -29.55
C ILE F 95 -32.65 28.26 -29.64
N VAL F 96 -33.13 27.78 -28.49
CA VAL F 96 -34.32 26.92 -28.50
C VAL F 96 -35.50 27.64 -29.15
N GLU F 97 -35.59 28.96 -28.98
CA GLU F 97 -36.65 29.72 -29.61
C GLU F 97 -36.55 29.67 -31.13
N VAL F 98 -35.35 29.95 -31.66
CA VAL F 98 -35.18 30.07 -33.11
C VAL F 98 -35.48 28.74 -33.80
N LEU F 99 -34.85 27.66 -33.33
CA LEU F 99 -35.02 26.37 -33.98
C LEU F 99 -36.48 25.94 -33.99
N LEU F 100 -37.22 26.23 -32.92
CA LEU F 100 -38.63 25.88 -32.88
C LEU F 100 -39.45 26.72 -33.86
N LYS F 101 -39.03 27.96 -34.11
CA LYS F 101 -39.67 28.77 -35.15
C LYS F 101 -39.44 28.15 -36.52
N ASN F 102 -38.21 27.74 -36.80
CA ASN F 102 -37.84 27.19 -38.10
C ASN F 102 -38.24 25.73 -38.27
N GLY F 103 -38.93 25.15 -37.30
CA GLY F 103 -39.49 23.83 -37.44
C GLY F 103 -38.68 22.68 -36.88
N ALA F 104 -37.84 22.93 -35.87
CA ALA F 104 -37.16 21.83 -35.20
C ALA F 104 -38.20 20.94 -34.52
N ASP F 105 -38.07 19.62 -34.76
CA ASP F 105 -38.98 18.67 -34.13
C ASP F 105 -38.91 18.79 -32.62
N VAL F 106 -40.01 19.25 -32.01
CA VAL F 106 -40.05 19.45 -30.57
C VAL F 106 -40.08 18.12 -29.83
N ASN F 107 -40.39 17.03 -30.51
CA ASN F 107 -40.45 15.71 -29.89
C ASN F 107 -39.48 14.73 -30.54
N ALA F 108 -38.34 15.24 -31.01
CA ALA F 108 -37.32 14.38 -31.57
C ALA F 108 -36.69 13.51 -30.50
N LYS F 109 -36.46 12.24 -30.83
CA LYS F 109 -35.83 11.30 -29.93
C LYS F 109 -34.49 10.85 -30.50
N ASP F 110 -33.48 10.80 -29.64
CA ASP F 110 -32.19 10.27 -30.04
C ASP F 110 -32.25 8.75 -30.03
N ASP F 111 -31.10 8.09 -30.23
CA ASP F 111 -31.09 6.63 -30.27
C ASP F 111 -31.53 6.00 -28.96
N ASN F 112 -31.49 6.76 -27.87
CA ASN F 112 -31.91 6.26 -26.56
C ASN F 112 -33.35 6.63 -26.21
N GLY F 113 -34.08 7.24 -27.14
CA GLY F 113 -35.43 7.69 -26.86
C GLY F 113 -35.53 8.96 -26.05
N ILE F 114 -34.44 9.71 -25.93
CA ILE F 114 -34.40 10.91 -25.10
C ILE F 114 -34.81 12.11 -25.94
N THR F 115 -35.75 12.89 -25.44
CA THR F 115 -36.30 14.08 -26.07
C THR F 115 -35.67 15.33 -25.50
N PRO F 116 -35.74 16.47 -26.21
CA PRO F 116 -35.24 17.72 -25.61
C PRO F 116 -35.94 18.09 -24.32
N LEU F 117 -37.18 17.66 -24.14
CA LEU F 117 -37.87 17.90 -22.87
C LEU F 117 -37.18 17.14 -21.74
N HIS F 118 -36.71 15.92 -22.01
CA HIS F 118 -35.97 15.17 -21.00
C HIS F 118 -34.69 15.88 -20.61
N LEU F 119 -33.92 16.33 -21.61
CA LEU F 119 -32.68 17.03 -21.32
C LEU F 119 -32.92 18.36 -20.62
N ALA F 120 -34.03 19.03 -20.93
CA ALA F 120 -34.33 20.29 -20.28
C ALA F 120 -34.79 20.07 -18.84
N ALA F 121 -35.65 19.08 -18.61
CA ALA F 121 -36.11 18.80 -17.26
C ALA F 121 -34.98 18.28 -16.38
N ASN F 122 -33.97 17.63 -16.98
CA ASN F 122 -32.91 17.02 -16.18
C ASN F 122 -31.99 18.07 -15.57
N ARG F 123 -31.62 19.09 -16.35
CA ARG F 123 -30.72 20.13 -15.88
C ARG F 123 -31.44 21.34 -15.32
N GLY F 124 -32.75 21.28 -15.18
CA GLY F 124 -33.50 22.33 -14.51
C GLY F 124 -33.54 23.66 -15.25
N HIS F 125 -33.71 23.63 -16.57
CA HIS F 125 -33.93 24.84 -17.35
C HIS F 125 -35.44 24.96 -17.55
N LEU F 126 -36.11 25.50 -16.51
CA LEU F 126 -37.58 25.50 -16.48
C LEU F 126 -38.15 26.31 -17.63
N GLU F 127 -37.66 27.54 -17.83
CA GLU F 127 -38.14 28.40 -18.90
C GLU F 127 -38.13 27.69 -20.24
N ILE F 128 -37.08 26.89 -20.51
CA ILE F 128 -37.00 26.17 -21.77
C ILE F 128 -38.04 25.06 -21.83
N VAL F 129 -38.30 24.41 -20.69
CA VAL F 129 -39.36 23.41 -20.64
C VAL F 129 -40.70 24.02 -21.07
N GLU F 130 -41.02 25.20 -20.52
CA GLU F 130 -42.27 25.87 -20.87
C GLU F 130 -42.35 26.14 -22.37
N VAL F 131 -41.24 26.56 -22.97
CA VAL F 131 -41.22 26.84 -24.41
C VAL F 131 -41.56 25.57 -25.19
N LEU F 132 -40.88 24.47 -24.86
CA LEU F 132 -41.14 23.20 -25.55
C LEU F 132 -42.60 22.80 -25.42
N LEU F 133 -43.15 22.88 -24.20
CA LEU F 133 -44.56 22.55 -24.00
C LEU F 133 -45.46 23.43 -24.86
N LYS F 134 -45.10 24.71 -25.01
CA LYS F 134 -45.89 25.59 -25.87
C LYS F 134 -45.84 25.15 -27.32
N TYR F 135 -44.67 24.71 -27.79
CA TYR F 135 -44.50 24.27 -29.17
C TYR F 135 -44.97 22.84 -29.39
N GLY F 136 -45.60 22.21 -28.39
CA GLY F 136 -46.17 20.90 -28.54
C GLY F 136 -45.34 19.75 -28.02
N ALA F 137 -44.53 19.96 -26.99
CA ALA F 137 -43.72 18.89 -26.43
C ALA F 137 -44.62 17.88 -25.71
N ASP F 138 -44.55 16.62 -26.14
CA ASP F 138 -45.27 15.56 -25.46
C ASP F 138 -44.72 15.39 -24.05
N VAL F 139 -45.57 15.64 -23.04
CA VAL F 139 -45.13 15.55 -21.66
C VAL F 139 -45.00 14.10 -21.20
N ASN F 140 -45.66 13.15 -21.88
CA ASN F 140 -45.66 11.76 -21.45
C ASN F 140 -44.70 10.89 -22.24
N ALA F 141 -43.92 11.47 -23.16
CA ALA F 141 -42.95 10.69 -23.92
C ALA F 141 -41.87 10.17 -22.99
N GLN F 142 -41.62 8.86 -23.05
CA GLN F 142 -40.66 8.21 -22.19
C GLN F 142 -39.47 7.71 -23.01
N ASP F 143 -38.31 7.61 -22.36
CA ASP F 143 -37.10 7.13 -23.01
C ASP F 143 -37.12 5.61 -23.12
N LYS F 144 -35.96 5.02 -23.39
CA LYS F 144 -35.88 3.56 -23.46
C LYS F 144 -36.17 2.91 -22.12
N PHE F 145 -35.86 3.61 -21.03
CA PHE F 145 -36.08 3.08 -19.69
C PHE F 145 -37.49 3.38 -19.17
N GLY F 146 -38.32 4.05 -19.96
CA GLY F 146 -39.68 4.34 -19.56
C GLY F 146 -39.85 5.55 -18.67
N LYS F 147 -38.83 6.39 -18.55
CA LYS F 147 -38.89 7.56 -17.67
C LYS F 147 -39.42 8.77 -18.43
N THR F 148 -40.42 9.43 -17.85
CA THR F 148 -40.95 10.67 -18.39
C THR F 148 -40.28 11.86 -17.72
N ALA F 149 -40.61 13.06 -18.21
CA ALA F 149 -40.05 14.27 -17.62
C ALA F 149 -40.54 14.47 -16.19
N PHE F 150 -41.74 13.98 -15.86
CA PHE F 150 -42.22 14.04 -14.49
C PHE F 150 -41.43 13.08 -13.60
N ASP F 151 -41.14 11.87 -14.11
CA ASP F 151 -40.26 10.96 -13.39
C ASP F 151 -38.90 11.60 -13.13
N ILE F 152 -38.41 12.39 -14.10
CA ILE F 152 -37.14 13.07 -13.94
C ILE F 152 -37.23 14.13 -12.85
N SER F 153 -38.35 14.85 -12.80
CA SER F 153 -38.49 15.92 -11.81
C SER F 153 -38.57 15.36 -10.39
N ILE F 154 -39.30 14.25 -10.20
CA ILE F 154 -39.41 13.66 -8.87
C ILE F 154 -38.07 13.13 -8.40
N ASN F 155 -37.31 12.48 -9.29
CA ASN F 155 -36.02 11.92 -8.90
C ASN F 155 -35.00 12.99 -8.61
N ASN F 156 -35.06 14.13 -9.32
CA ASN F 156 -34.09 15.20 -9.13
C ASN F 156 -34.41 16.09 -7.95
N GLY F 157 -35.64 16.04 -7.42
CA GLY F 157 -36.01 16.93 -6.33
C GLY F 157 -36.30 18.34 -6.73
N ASN F 158 -36.64 18.58 -8.01
CA ASN F 158 -37.01 19.91 -8.49
C ASN F 158 -38.51 20.06 -8.33
N GLU F 159 -38.92 20.70 -7.24
CA GLU F 159 -40.35 20.82 -6.92
C GLU F 159 -41.02 21.89 -7.77
N ASP F 160 -40.32 22.97 -8.08
CA ASP F 160 -40.86 23.91 -9.05
C ASP F 160 -41.25 23.19 -10.32
N LEU F 161 -40.28 22.48 -10.94
CA LEU F 161 -40.51 21.83 -12.22
C LEU F 161 -41.68 20.85 -12.17
N ALA F 162 -41.87 20.18 -11.02
CA ALA F 162 -42.95 19.20 -10.93
C ALA F 162 -44.31 19.84 -11.12
N GLU F 163 -44.53 20.99 -10.47
CA GLU F 163 -45.81 21.68 -10.57
C GLU F 163 -46.07 22.16 -12.00
N ILE F 164 -45.02 22.59 -12.70
CA ILE F 164 -45.18 23.09 -14.07
C ILE F 164 -45.77 22.00 -14.95
N LEU F 165 -45.30 20.76 -14.80
CA LEU F 165 -45.84 19.62 -15.53
C LEU F 165 -47.17 19.18 -14.93
C LFX G . -7.70 24.65 16.61
F LFX G . -3.68 30.22 19.34
N LFX G . 0.68 29.52 21.34
O LFX G . -8.71 25.35 16.43
C01 LFX G . -1.69 28.97 21.45
N01 LFX G . -1.65 28.44 20.09
O01 LFX G . -2.03 25.80 19.51
C02 LFX G . -0.32 28.18 19.56
N02 LFX G . -4.35 24.87 18.25
O02 LFX G . -7.31 27.51 17.18
C03 LFX G . -3.28 23.92 18.64
O03 LFX G . -7.62 23.45 16.30
C04 LFX G . -2.81 28.04 19.44
C05 LFX G . -4.18 26.24 18.53
C06 LFX G . -3.00 26.68 19.15
C07 LFX G . -0.64 30.02 21.70
C08 LFX G . 0.66 29.29 19.89
C09 LFX G . -1.96 24.66 18.66
C10 LFX G . -5.19 27.15 18.16
C11 LFX G . -3.85 28.90 19.07
C12 LFX G . -5.47 24.44 17.65
C13 LFX G . -5.00 28.51 18.44
C14 LFX G . -3.20 22.73 17.70
C15 LFX G . -6.40 26.69 17.50
C16 LFX G . 0.99 28.28 22.05
C17 LFX G . -6.50 25.28 17.27
#